data_1WHM
#
_entry.id   1WHM
#
_entity_poly.entity_id   1
_entity_poly.type   'polypeptide(L)'
_entity_poly.pdbx_seq_one_letter_code
;GSSGSSGPPLEINSRVSLKVGETIESGTVIFCDVLPGKESLGYFVGVDMDNPIGNWDGRFDGVQLCSFACVESTILLHIN
DIIPESSGPSSG
;
_entity_poly.pdbx_strand_id   A
#
# COMPACT_ATOMS: atom_id res chain seq x y z
N GLY A 1 8.45 7.69 -16.04
CA GLY A 1 7.10 8.19 -15.64
C GLY A 1 6.03 7.86 -16.66
N SER A 2 4.85 8.43 -16.48
CA SER A 2 3.73 8.19 -17.38
C SER A 2 2.91 9.45 -17.58
N SER A 3 1.82 9.33 -18.32
CA SER A 3 0.94 10.47 -18.59
C SER A 3 -0.53 10.04 -18.55
N GLY A 4 -1.41 11.00 -18.27
CA GLY A 4 -2.82 10.71 -18.20
C GLY A 4 -3.40 10.89 -16.82
N SER A 5 -2.94 10.07 -15.87
CA SER A 5 -3.41 10.14 -14.49
C SER A 5 -2.44 10.94 -13.62
N SER A 6 -2.95 11.52 -12.54
CA SER A 6 -2.13 12.30 -11.64
C SER A 6 -2.43 11.95 -10.19
N GLY A 7 -1.48 11.29 -9.53
CA GLY A 7 -1.66 10.92 -8.14
C GLY A 7 -1.60 9.40 -7.94
N PRO A 8 -1.78 8.93 -6.70
CA PRO A 8 -1.73 7.50 -6.40
C PRO A 8 -2.93 6.74 -6.95
N PRO A 9 -2.72 5.53 -7.49
CA PRO A 9 -3.80 4.72 -8.06
C PRO A 9 -4.73 4.16 -7.00
N LEU A 10 -4.15 3.61 -5.93
CA LEU A 10 -4.92 3.05 -4.84
C LEU A 10 -5.57 4.15 -4.00
N GLU A 11 -6.85 3.99 -3.70
CA GLU A 11 -7.59 4.97 -2.90
C GLU A 11 -6.98 5.09 -1.51
N ILE A 12 -6.77 6.32 -1.07
CA ILE A 12 -6.20 6.58 0.25
C ILE A 12 -7.26 6.43 1.35
N ASN A 13 -6.84 5.95 2.51
CA ASN A 13 -7.75 5.77 3.63
C ASN A 13 -8.85 4.78 3.28
N SER A 14 -8.52 3.82 2.42
CA SER A 14 -9.50 2.81 2.01
C SER A 14 -9.15 1.45 2.60
N ARG A 15 -9.96 0.45 2.29
CA ARG A 15 -9.75 -0.90 2.80
C ARG A 15 -9.32 -1.84 1.68
N VAL A 16 -8.13 -2.42 1.81
CA VAL A 16 -7.61 -3.34 0.81
C VAL A 16 -6.78 -4.45 1.46
N SER A 17 -6.82 -5.63 0.88
CA SER A 17 -6.08 -6.78 1.40
C SER A 17 -4.70 -6.87 0.75
N LEU A 18 -3.89 -7.81 1.23
CA LEU A 18 -2.55 -8.02 0.70
C LEU A 18 -2.23 -9.50 0.59
N LYS A 19 -1.67 -9.90 -0.55
CA LYS A 19 -1.32 -11.30 -0.78
C LYS A 19 0.00 -11.64 -0.09
N VAL A 20 -0.09 -12.18 1.12
CA VAL A 20 1.09 -12.56 1.89
C VAL A 20 1.29 -14.07 1.88
N GLY A 21 2.45 -14.51 1.39
CA GLY A 21 2.73 -15.93 1.34
C GLY A 21 1.73 -16.70 0.49
N GLU A 22 0.89 -17.49 1.15
CA GLU A 22 -0.11 -18.28 0.46
C GLU A 22 -1.52 -17.90 0.93
N THR A 23 -1.68 -16.67 1.38
CA THR A 23 -2.97 -16.18 1.86
C THR A 23 -3.05 -14.66 1.76
N ILE A 24 -4.25 -14.13 1.94
CA ILE A 24 -4.47 -12.69 1.88
C ILE A 24 -4.80 -12.11 3.25
N GLU A 25 -4.49 -10.84 3.45
CA GLU A 25 -4.75 -10.18 4.72
C GLU A 25 -5.35 -8.79 4.49
N SER A 26 -6.57 -8.60 4.99
CA SER A 26 -7.26 -7.32 4.84
C SER A 26 -6.48 -6.20 5.54
N GLY A 27 -6.46 -5.03 4.92
CA GLY A 27 -5.75 -3.90 5.49
C GLY A 27 -6.29 -2.57 5.00
N THR A 28 -5.64 -1.49 5.41
CA THR A 28 -6.07 -0.15 5.02
C THR A 28 -4.97 0.56 4.23
N VAL A 29 -5.37 1.49 3.37
CA VAL A 29 -4.42 2.24 2.55
C VAL A 29 -3.96 3.50 3.28
N ILE A 30 -2.71 3.88 3.03
CA ILE A 30 -2.13 5.07 3.66
C ILE A 30 -1.06 5.70 2.78
N PHE A 31 -0.20 4.87 2.21
CA PHE A 31 0.87 5.34 1.35
C PHE A 31 0.89 4.58 0.04
N CYS A 32 1.10 5.30 -1.06
CA CYS A 32 1.14 4.70 -2.39
C CYS A 32 2.02 5.50 -3.33
N ASP A 33 3.26 5.06 -3.49
CA ASP A 33 4.20 5.74 -4.37
C ASP A 33 5.38 4.84 -4.73
N VAL A 34 6.38 5.39 -5.39
CA VAL A 34 7.55 4.64 -5.79
C VAL A 34 8.66 4.78 -4.76
N LEU A 35 9.80 4.13 -5.03
CA LEU A 35 10.94 4.18 -4.12
C LEU A 35 12.23 4.44 -4.89
N PRO A 36 13.25 5.03 -4.23
CA PRO A 36 14.54 5.33 -4.86
C PRO A 36 15.13 4.12 -5.55
N GLY A 37 15.52 4.28 -6.81
CA GLY A 37 16.11 3.20 -7.56
C GLY A 37 15.18 2.01 -7.69
N LYS A 38 13.87 2.28 -7.67
CA LYS A 38 12.87 1.23 -7.79
C LYS A 38 11.62 1.74 -8.49
N GLU A 39 11.80 2.69 -9.39
CA GLU A 39 10.69 3.27 -10.14
C GLU A 39 10.23 2.32 -11.25
N SER A 40 11.17 1.56 -11.80
CA SER A 40 10.87 0.62 -12.87
C SER A 40 10.06 -0.57 -12.33
N LEU A 41 10.29 -0.90 -11.07
CA LEU A 41 9.59 -2.01 -10.44
C LEU A 41 8.08 -1.80 -10.47
N GLY A 42 7.66 -0.54 -10.32
CA GLY A 42 6.25 -0.23 -10.35
C GLY A 42 5.89 0.86 -9.36
N TYR A 43 4.92 0.57 -8.50
CA TYR A 43 4.47 1.54 -7.49
C TYR A 43 4.16 0.84 -6.17
N PHE A 44 5.09 0.92 -5.22
CA PHE A 44 4.91 0.31 -3.92
C PHE A 44 3.73 0.94 -3.17
N VAL A 45 3.13 0.17 -2.27
CA VAL A 45 1.99 0.65 -1.50
C VAL A 45 2.02 0.11 -0.08
N GLY A 46 1.86 1.01 0.90
CA GLY A 46 1.87 0.59 2.29
C GLY A 46 0.47 0.38 2.84
N VAL A 47 0.16 -0.86 3.19
CA VAL A 47 -1.16 -1.20 3.73
C VAL A 47 -1.09 -1.42 5.23
N ASP A 48 -1.97 -0.75 5.96
CA ASP A 48 -2.02 -0.87 7.42
C ASP A 48 -3.05 -1.93 7.84
N MET A 49 -2.56 -3.14 8.10
CA MET A 49 -3.44 -4.24 8.51
C MET A 49 -4.02 -3.98 9.89
N ASP A 50 -5.09 -4.69 10.22
CA ASP A 50 -5.75 -4.53 11.52
C ASP A 50 -5.02 -5.35 12.58
N ASN A 51 -4.44 -6.47 12.17
CA ASN A 51 -3.72 -7.34 13.09
C ASN A 51 -2.22 -7.03 13.06
N PRO A 52 -1.49 -7.37 14.14
CA PRO A 52 -0.04 -7.13 14.23
C PRO A 52 0.74 -8.05 13.29
N ILE A 53 0.82 -7.68 12.02
CA ILE A 53 1.55 -8.46 11.03
C ILE A 53 2.28 -7.56 10.05
N GLY A 54 2.65 -6.36 10.51
CA GLY A 54 3.36 -5.43 9.66
C GLY A 54 4.84 -5.76 9.53
N ASN A 55 5.58 -4.91 8.83
CA ASN A 55 7.01 -5.11 8.64
C ASN A 55 7.62 -3.97 7.85
N TRP A 56 7.16 -2.75 8.13
CA TRP A 56 7.67 -1.56 7.45
C TRP A 56 7.32 -0.29 8.22
N ASP A 57 8.32 0.32 8.82
CA ASP A 57 8.12 1.55 9.58
C ASP A 57 7.90 2.75 8.66
N GLY A 58 8.51 2.69 7.48
CA GLY A 58 8.37 3.77 6.52
C GLY A 58 9.70 4.43 6.20
N ARG A 59 10.70 3.63 5.93
CA ARG A 59 12.04 4.14 5.60
C ARG A 59 12.65 3.37 4.43
N PHE A 60 13.71 3.91 3.87
CA PHE A 60 14.40 3.29 2.75
C PHE A 60 15.90 3.55 2.81
N ASP A 61 16.64 2.57 3.32
CA ASP A 61 18.10 2.71 3.44
C ASP A 61 18.46 3.86 4.35
N GLY A 62 17.61 4.15 5.31
CA GLY A 62 17.86 5.24 6.25
C GLY A 62 16.87 6.38 6.10
N VAL A 63 16.64 6.81 4.86
CA VAL A 63 15.71 7.90 4.59
C VAL A 63 14.28 7.50 4.93
N GLN A 64 13.48 8.47 5.35
CA GLN A 64 12.08 8.23 5.71
C GLN A 64 11.15 8.68 4.59
N LEU A 65 10.31 7.76 4.12
CA LEU A 65 9.36 8.08 3.05
C LEU A 65 7.93 8.16 3.59
N CYS A 66 7.59 7.23 4.48
CA CYS A 66 6.26 7.20 5.08
C CYS A 66 6.34 7.40 6.59
N SER A 67 5.77 8.51 7.06
CA SER A 67 5.76 8.82 8.49
C SER A 67 4.64 8.06 9.21
N PHE A 68 3.49 7.99 8.55
CA PHE A 68 2.34 7.31 9.12
C PHE A 68 2.59 5.81 9.27
N ALA A 69 3.51 5.30 8.45
CA ALA A 69 3.84 3.87 8.48
C ALA A 69 4.41 3.48 9.84
N CYS A 70 4.45 2.17 10.10
CA CYS A 70 4.97 1.66 11.37
C CYS A 70 5.29 0.18 11.26
N VAL A 71 6.48 -0.19 11.72
CA VAL A 71 6.92 -1.58 11.68
C VAL A 71 6.13 -2.43 12.68
N GLU A 72 4.85 -2.59 12.43
CA GLU A 72 3.98 -3.37 13.31
C GLU A 72 2.76 -3.89 12.56
N SER A 73 2.15 -3.02 11.75
CA SER A 73 0.97 -3.39 10.97
C SER A 73 1.13 -3.03 9.50
N THR A 74 1.69 -1.84 9.24
CA THR A 74 1.89 -1.37 7.87
C THR A 74 2.73 -2.37 7.08
N ILE A 75 2.49 -2.40 5.76
CA ILE A 75 3.23 -3.30 4.88
C ILE A 75 3.37 -2.70 3.48
N LEU A 76 4.59 -2.39 3.10
CA LEU A 76 4.87 -1.81 1.79
C LEU A 76 5.16 -2.89 0.76
N LEU A 77 4.28 -3.03 -0.23
CA LEU A 77 4.44 -4.03 -1.28
C LEU A 77 3.90 -3.52 -2.61
N HIS A 78 4.00 -4.37 -3.63
CA HIS A 78 3.53 -4.01 -4.97
C HIS A 78 2.00 -3.92 -4.99
N ILE A 79 1.49 -2.88 -5.62
CA ILE A 79 0.05 -2.67 -5.73
C ILE A 79 -0.64 -3.94 -6.23
N ASN A 80 -0.05 -4.57 -7.23
CA ASN A 80 -0.60 -5.80 -7.79
C ASN A 80 -0.80 -6.84 -6.70
N ASP A 81 0.00 -6.75 -5.64
CA ASP A 81 -0.08 -7.68 -4.53
C ASP A 81 -1.30 -7.38 -3.67
N ILE A 82 -1.74 -6.12 -3.69
CA ILE A 82 -2.90 -5.69 -2.91
C ILE A 82 -4.19 -6.22 -3.53
N ILE A 83 -5.17 -6.51 -2.67
CA ILE A 83 -6.46 -7.01 -3.13
C ILE A 83 -7.61 -6.21 -2.53
N PRO A 84 -8.04 -5.14 -3.22
CA PRO A 84 -9.14 -4.29 -2.76
C PRO A 84 -10.49 -4.96 -2.86
N GLU A 85 -11.54 -4.24 -2.49
CA GLU A 85 -12.89 -4.79 -2.54
C GLU A 85 -13.90 -3.70 -2.89
N SER A 86 -13.73 -3.10 -4.07
CA SER A 86 -14.63 -2.03 -4.52
C SER A 86 -15.04 -2.27 -5.97
N SER A 87 -16.17 -1.68 -6.37
CA SER A 87 -16.68 -1.82 -7.73
C SER A 87 -16.57 -0.50 -8.48
N GLY A 88 -16.73 0.61 -7.76
CA GLY A 88 -16.65 1.91 -8.39
C GLY A 88 -17.96 2.32 -9.05
N PRO A 89 -17.97 3.44 -9.79
CA PRO A 89 -19.17 3.93 -10.47
C PRO A 89 -19.58 3.03 -11.63
N SER A 90 -20.78 3.26 -12.16
CA SER A 90 -21.29 2.48 -13.27
C SER A 90 -21.85 3.39 -14.36
N SER A 91 -22.39 2.78 -15.42
CA SER A 91 -22.96 3.53 -16.52
C SER A 91 -23.60 2.60 -17.55
N GLY A 92 -22.93 1.49 -17.81
CA GLY A 92 -23.43 0.52 -18.78
C GLY A 92 -23.01 0.84 -20.20
N GLY A 1 -7.64 18.86 -17.42
CA GLY A 1 -6.72 19.20 -16.30
C GLY A 1 -6.18 17.98 -15.58
N SER A 2 -5.43 17.15 -16.30
CA SER A 2 -4.86 15.94 -15.73
C SER A 2 -3.35 15.89 -15.94
N SER A 3 -2.72 14.85 -15.41
CA SER A 3 -1.27 14.69 -15.53
C SER A 3 -0.89 13.22 -15.41
N GLY A 4 0.35 12.91 -15.79
CA GLY A 4 0.83 11.54 -15.72
C GLY A 4 1.84 11.33 -14.62
N SER A 5 1.72 12.13 -13.56
CA SER A 5 2.63 12.04 -12.43
C SER A 5 2.00 12.61 -11.16
N SER A 6 0.69 12.43 -11.04
CA SER A 6 -0.04 12.92 -9.88
C SER A 6 -1.25 12.04 -9.57
N GLY A 7 -1.46 11.76 -8.29
CA GLY A 7 -2.57 10.93 -7.89
C GLY A 7 -2.28 9.44 -8.04
N PRO A 8 -2.03 8.73 -6.93
CA PRO A 8 -1.73 7.29 -6.97
C PRO A 8 -2.93 6.47 -7.43
N PRO A 9 -2.68 5.24 -7.92
CA PRO A 9 -3.75 4.35 -8.38
C PRO A 9 -4.63 3.84 -7.24
N LEU A 10 -3.99 3.39 -6.17
CA LEU A 10 -4.71 2.88 -5.01
C LEU A 10 -5.24 4.01 -4.15
N GLU A 11 -6.53 3.96 -3.82
CA GLU A 11 -7.15 4.99 -3.00
C GLU A 11 -6.64 4.93 -1.57
N ILE A 12 -6.14 6.06 -1.07
CA ILE A 12 -5.62 6.12 0.30
C ILE A 12 -6.75 6.10 1.32
N ASN A 13 -6.43 5.66 2.53
CA ASN A 13 -7.43 5.59 3.59
C ASN A 13 -8.58 4.65 3.21
N SER A 14 -8.26 3.64 2.41
CA SER A 14 -9.27 2.68 1.97
C SER A 14 -8.93 1.28 2.46
N ARG A 15 -9.94 0.42 2.52
CA ARG A 15 -9.76 -0.95 2.98
C ARG A 15 -9.31 -1.85 1.83
N VAL A 16 -8.12 -2.40 1.95
CA VAL A 16 -7.57 -3.27 0.92
C VAL A 16 -6.77 -4.42 1.53
N SER A 17 -6.86 -5.60 0.93
CA SER A 17 -6.15 -6.77 1.42
C SER A 17 -4.77 -6.88 0.77
N LEU A 18 -3.99 -7.85 1.23
CA LEU A 18 -2.65 -8.07 0.70
C LEU A 18 -2.33 -9.56 0.60
N LYS A 19 -1.58 -9.93 -0.43
CA LYS A 19 -1.20 -11.33 -0.63
C LYS A 19 -0.01 -11.71 0.25
N VAL A 20 -0.30 -12.26 1.41
CA VAL A 20 0.76 -12.68 2.35
C VAL A 20 0.96 -14.18 2.31
N GLY A 21 2.12 -14.61 1.83
CA GLY A 21 2.42 -16.02 1.75
C GLY A 21 1.50 -16.76 0.80
N GLU A 22 0.57 -17.52 1.36
CA GLU A 22 -0.39 -18.27 0.56
C GLU A 22 -1.82 -17.92 0.92
N THR A 23 -2.03 -16.69 1.38
CA THR A 23 -3.35 -16.21 1.77
C THR A 23 -3.43 -14.69 1.70
N ILE A 24 -4.64 -14.16 1.82
CA ILE A 24 -4.85 -12.71 1.77
C ILE A 24 -5.16 -12.17 3.15
N GLU A 25 -4.81 -10.91 3.38
CA GLU A 25 -5.04 -10.26 4.66
C GLU A 25 -5.56 -8.83 4.47
N SER A 26 -6.76 -8.57 4.98
CA SER A 26 -7.37 -7.26 4.86
C SER A 26 -6.49 -6.19 5.50
N GLY A 27 -6.56 -4.97 4.99
CA GLY A 27 -5.77 -3.88 5.53
C GLY A 27 -6.25 -2.52 5.07
N THR A 28 -5.51 -1.48 5.42
CA THR A 28 -5.87 -0.11 5.04
C THR A 28 -4.73 0.55 4.26
N VAL A 29 -5.08 1.51 3.42
CA VAL A 29 -4.10 2.22 2.61
C VAL A 29 -3.61 3.49 3.33
N ILE A 30 -2.40 3.92 3.00
CA ILE A 30 -1.83 5.11 3.60
C ILE A 30 -0.76 5.73 2.71
N PHE A 31 0.10 4.88 2.15
CA PHE A 31 1.17 5.35 1.27
C PHE A 31 1.16 4.58 -0.05
N CYS A 32 1.03 5.31 -1.16
CA CYS A 32 1.01 4.70 -2.48
C CYS A 32 1.80 5.54 -3.47
N ASP A 33 2.98 5.06 -3.85
CA ASP A 33 3.83 5.76 -4.80
C ASP A 33 5.08 4.94 -5.12
N VAL A 34 6.05 5.57 -5.79
CA VAL A 34 7.28 4.90 -6.15
C VAL A 34 8.34 5.08 -5.07
N LEU A 35 9.51 4.51 -5.29
CA LEU A 35 10.61 4.59 -4.34
C LEU A 35 11.85 5.21 -4.98
N PRO A 36 12.69 5.88 -4.18
CA PRO A 36 13.91 6.52 -4.69
C PRO A 36 14.79 5.55 -5.48
N GLY A 37 15.12 5.95 -6.71
CA GLY A 37 15.94 5.10 -7.56
C GLY A 37 15.32 3.75 -7.82
N LYS A 38 13.99 3.69 -7.77
CA LYS A 38 13.27 2.45 -8.00
C LYS A 38 11.90 2.71 -8.59
N GLU A 39 11.82 3.68 -9.50
CA GLU A 39 10.56 4.04 -10.14
C GLU A 39 10.23 3.07 -11.27
N SER A 40 11.28 2.55 -11.92
CA SER A 40 11.10 1.60 -13.02
C SER A 40 10.50 0.29 -12.52
N LEU A 41 10.75 -0.04 -11.26
CA LEU A 41 10.24 -1.26 -10.67
C LEU A 41 8.71 -1.32 -10.78
N GLY A 42 8.06 -0.28 -10.28
CA GLY A 42 6.61 -0.24 -10.32
C GLY A 42 6.03 0.82 -9.40
N TYR A 43 5.10 0.42 -8.54
CA TYR A 43 4.48 1.35 -7.61
C TYR A 43 4.19 0.66 -6.27
N PHE A 44 5.12 0.76 -5.34
CA PHE A 44 4.97 0.15 -4.03
C PHE A 44 3.90 0.87 -3.22
N VAL A 45 3.31 0.17 -2.26
CA VAL A 45 2.28 0.74 -1.41
C VAL A 45 2.30 0.13 -0.02
N GLY A 46 2.06 0.97 0.99
CA GLY A 46 2.05 0.49 2.36
C GLY A 46 0.65 0.26 2.89
N VAL A 47 0.33 -0.99 3.16
CA VAL A 47 -1.00 -1.34 3.68
C VAL A 47 -0.97 -1.57 5.18
N ASP A 48 -1.65 -0.71 5.93
CA ASP A 48 -1.69 -0.82 7.38
C ASP A 48 -2.69 -1.89 7.81
N MET A 49 -2.20 -3.10 8.05
CA MET A 49 -3.06 -4.20 8.46
C MET A 49 -3.76 -3.89 9.77
N ASP A 50 -4.87 -4.59 10.03
CA ASP A 50 -5.63 -4.39 11.25
C ASP A 50 -4.94 -5.02 12.45
N ASN A 51 -4.23 -6.12 12.20
CA ASN A 51 -3.51 -6.82 13.26
C ASN A 51 -2.01 -6.61 13.13
N PRO A 52 -1.26 -6.81 14.23
CA PRO A 52 0.20 -6.64 14.23
C PRO A 52 0.91 -7.73 13.44
N ILE A 53 0.96 -7.56 12.13
CA ILE A 53 1.62 -8.53 11.26
C ILE A 53 2.42 -7.84 10.16
N GLY A 54 2.89 -6.63 10.46
CA GLY A 54 3.67 -5.88 9.49
C GLY A 54 5.17 -6.09 9.67
N ASN A 55 5.96 -5.25 8.99
CA ASN A 55 7.41 -5.34 9.09
C ASN A 55 8.07 -4.21 8.32
N TRP A 56 7.48 -3.02 8.38
CA TRP A 56 8.01 -1.86 7.69
C TRP A 56 7.83 -0.60 8.53
N ASP A 57 8.93 -0.07 9.05
CA ASP A 57 8.89 1.14 9.86
C ASP A 57 8.46 2.35 9.04
N GLY A 58 8.65 2.26 7.72
CA GLY A 58 8.28 3.36 6.85
C GLY A 58 9.47 4.21 6.45
N ARG A 59 10.54 3.56 6.01
CA ARG A 59 11.75 4.26 5.60
C ARG A 59 12.44 3.52 4.46
N PHE A 60 13.45 4.17 3.87
CA PHE A 60 14.19 3.59 2.76
C PHE A 60 15.69 3.79 2.94
N ASP A 61 16.34 2.83 3.62
CA ASP A 61 17.77 2.91 3.85
C ASP A 61 18.11 4.14 4.71
N GLY A 62 17.18 4.53 5.58
CA GLY A 62 17.41 5.68 6.43
C GLY A 62 16.29 6.71 6.32
N VAL A 63 16.12 7.28 5.14
CA VAL A 63 15.08 8.28 4.92
C VAL A 63 13.70 7.71 5.20
N GLN A 64 12.87 8.51 5.86
CA GLN A 64 11.51 8.09 6.19
C GLN A 64 10.53 8.53 5.11
N LEU A 65 10.00 7.56 4.37
CA LEU A 65 9.03 7.86 3.31
C LEU A 65 7.62 7.94 3.87
N CYS A 66 7.33 7.11 4.86
CA CYS A 66 6.00 7.09 5.48
C CYS A 66 6.11 7.09 7.00
N SER A 67 6.02 8.29 7.59
CA SER A 67 6.11 8.43 9.03
C SER A 67 4.93 7.74 9.72
N PHE A 68 3.76 7.83 9.11
CA PHE A 68 2.56 7.22 9.65
C PHE A 68 2.70 5.70 9.69
N ALA A 69 3.43 5.16 8.73
CA ALA A 69 3.64 3.71 8.66
C ALA A 69 4.51 3.22 9.82
N CYS A 70 4.04 2.18 10.50
CA CYS A 70 4.77 1.62 11.63
C CYS A 70 5.34 0.25 11.27
N VAL A 71 6.36 -0.18 12.02
CA VAL A 71 6.98 -1.48 11.78
C VAL A 71 6.28 -2.58 12.57
N GLU A 72 4.96 -2.66 12.42
CA GLU A 72 4.18 -3.67 13.11
C GLU A 72 2.74 -3.68 12.60
N SER A 73 2.57 -3.41 11.31
CA SER A 73 1.24 -3.39 10.70
C SER A 73 1.34 -3.04 9.22
N THR A 74 1.94 -1.90 8.92
CA THR A 74 2.08 -1.45 7.54
C THR A 74 3.10 -2.32 6.79
N ILE A 75 2.81 -2.58 5.52
CA ILE A 75 3.69 -3.40 4.69
C ILE A 75 3.81 -2.83 3.29
N LEU A 76 5.04 -2.52 2.88
CA LEU A 76 5.30 -1.96 1.56
C LEU A 76 5.42 -3.07 0.52
N LEU A 77 4.44 -3.15 -0.37
CA LEU A 77 4.44 -4.16 -1.42
C LEU A 77 3.87 -3.60 -2.72
N HIS A 78 3.93 -4.41 -3.78
CA HIS A 78 3.42 -3.99 -5.08
C HIS A 78 1.90 -3.94 -5.08
N ILE A 79 1.34 -2.90 -5.69
CA ILE A 79 -0.11 -2.72 -5.77
C ILE A 79 -0.79 -4.01 -6.22
N ASN A 80 -0.18 -4.68 -7.19
CA ASN A 80 -0.73 -5.93 -7.71
C ASN A 80 -0.91 -6.94 -6.59
N ASP A 81 -0.08 -6.83 -5.55
CA ASP A 81 -0.16 -7.72 -4.40
C ASP A 81 -1.36 -7.38 -3.54
N ILE A 82 -1.77 -6.12 -3.57
CA ILE A 82 -2.92 -5.66 -2.79
C ILE A 82 -4.24 -6.07 -3.45
N ILE A 83 -5.24 -6.35 -2.62
CA ILE A 83 -6.54 -6.76 -3.13
C ILE A 83 -7.65 -5.85 -2.60
N PRO A 84 -7.96 -4.76 -3.33
CA PRO A 84 -9.00 -3.81 -2.92
C PRO A 84 -10.40 -4.34 -3.18
N GLU A 85 -11.39 -3.47 -3.06
CA GLU A 85 -12.79 -3.85 -3.28
C GLU A 85 -13.33 -3.23 -4.56
N SER A 86 -14.62 -3.35 -4.77
CA SER A 86 -15.28 -2.80 -5.96
C SER A 86 -16.79 -2.84 -5.83
N SER A 87 -17.47 -2.21 -6.78
CA SER A 87 -18.93 -2.18 -6.76
C SER A 87 -19.46 -1.49 -5.51
N GLY A 88 -20.68 -0.98 -5.58
CA GLY A 88 -21.27 -0.31 -4.44
C GLY A 88 -22.68 -0.79 -4.15
N PRO A 89 -23.69 -0.25 -4.87
CA PRO A 89 -25.09 -0.65 -4.68
C PRO A 89 -25.28 -2.15 -4.79
N SER A 90 -26.55 -2.58 -4.79
CA SER A 90 -26.88 -4.00 -4.88
C SER A 90 -26.31 -4.76 -3.69
N SER A 91 -26.95 -5.89 -3.36
CA SER A 91 -26.51 -6.72 -2.24
C SER A 91 -26.60 -5.95 -0.93
N GLY A 92 -27.34 -6.51 0.03
CA GLY A 92 -27.49 -5.88 1.32
C GLY A 92 -28.36 -4.64 1.25
N GLY A 1 -4.15 27.83 -0.44
CA GLY A 1 -4.81 26.52 -0.19
C GLY A 1 -3.94 25.34 -0.58
N SER A 2 -3.90 25.04 -1.88
CA SER A 2 -3.10 23.93 -2.38
C SER A 2 -2.11 24.41 -3.44
N SER A 3 -0.92 23.81 -3.44
CA SER A 3 0.12 24.18 -4.39
C SER A 3 0.10 23.24 -5.59
N GLY A 4 -0.06 21.94 -5.33
CA GLY A 4 -0.09 20.97 -6.41
C GLY A 4 -1.04 19.82 -6.11
N SER A 5 -0.96 18.76 -6.92
CA SER A 5 -1.81 17.60 -6.75
C SER A 5 -1.11 16.33 -7.24
N SER A 6 -1.24 15.25 -6.48
CA SER A 6 -0.62 13.98 -6.84
C SER A 6 -1.69 12.94 -7.18
N GLY A 7 -2.45 12.54 -6.17
CA GLY A 7 -3.49 11.55 -6.38
C GLY A 7 -2.92 10.19 -6.77
N PRO A 8 -2.31 9.46 -5.82
CA PRO A 8 -1.74 8.14 -6.08
C PRO A 8 -2.73 7.20 -6.75
N PRO A 9 -2.24 6.10 -7.34
CA PRO A 9 -3.10 5.12 -8.01
C PRO A 9 -4.07 4.44 -7.05
N LEU A 10 -3.53 3.85 -5.99
CA LEU A 10 -4.35 3.17 -5.00
C LEU A 10 -5.10 4.18 -4.13
N GLU A 11 -6.37 3.88 -3.86
CA GLU A 11 -7.20 4.76 -3.03
C GLU A 11 -6.63 4.87 -1.62
N ILE A 12 -6.34 6.10 -1.20
CA ILE A 12 -5.80 6.33 0.14
C ILE A 12 -6.90 6.24 1.20
N ASN A 13 -6.52 5.76 2.38
CA ASN A 13 -7.48 5.61 3.47
C ASN A 13 -8.60 4.65 3.10
N SER A 14 -8.30 3.70 2.23
CA SER A 14 -9.28 2.72 1.78
C SER A 14 -8.94 1.33 2.32
N ARG A 15 -9.89 0.41 2.20
CA ARG A 15 -9.69 -0.96 2.66
C ARG A 15 -9.23 -1.86 1.53
N VAL A 16 -8.06 -2.47 1.71
CA VAL A 16 -7.50 -3.36 0.70
C VAL A 16 -6.73 -4.51 1.35
N SER A 17 -6.78 -5.68 0.72
CA SER A 17 -6.09 -6.85 1.23
C SER A 17 -4.70 -6.99 0.61
N LEU A 18 -3.93 -7.95 1.10
CA LEU A 18 -2.59 -8.20 0.60
C LEU A 18 -2.32 -9.69 0.49
N LYS A 19 -1.73 -10.11 -0.63
CA LYS A 19 -1.42 -11.51 -0.85
C LYS A 19 -0.09 -11.89 -0.19
N VAL A 20 -0.17 -12.37 1.04
CA VAL A 20 1.01 -12.76 1.79
C VAL A 20 1.21 -14.28 1.74
N GLY A 21 2.31 -14.71 1.13
CA GLY A 21 2.60 -16.13 1.03
C GLY A 21 1.55 -16.87 0.23
N GLU A 22 0.67 -17.59 0.93
CA GLU A 22 -0.39 -18.35 0.28
C GLU A 22 -1.76 -17.99 0.85
N THR A 23 -1.90 -16.74 1.28
CA THR A 23 -3.16 -16.27 1.85
C THR A 23 -3.30 -14.76 1.67
N ILE A 24 -4.45 -14.23 2.08
CA ILE A 24 -4.71 -12.80 1.96
C ILE A 24 -4.92 -12.16 3.33
N GLU A 25 -4.72 -10.85 3.40
CA GLU A 25 -4.88 -10.13 4.67
C GLU A 25 -5.46 -8.73 4.41
N SER A 26 -6.69 -8.52 4.87
CA SER A 26 -7.35 -7.23 4.70
C SER A 26 -6.62 -6.14 5.47
N GLY A 27 -6.51 -4.97 4.87
CA GLY A 27 -5.84 -3.86 5.52
C GLY A 27 -6.33 -2.50 5.02
N THR A 28 -5.66 -1.44 5.45
CA THR A 28 -6.04 -0.09 5.05
C THR A 28 -4.89 0.58 4.30
N VAL A 29 -5.24 1.47 3.37
CA VAL A 29 -4.25 2.19 2.58
C VAL A 29 -3.82 3.48 3.27
N ILE A 30 -2.53 3.78 3.22
CA ILE A 30 -2.00 4.99 3.84
C ILE A 30 -0.94 5.65 2.96
N PHE A 31 -0.06 4.82 2.39
CA PHE A 31 1.00 5.32 1.53
C PHE A 31 0.93 4.67 0.15
N CYS A 32 1.26 5.44 -0.88
CA CYS A 32 1.24 4.94 -2.25
C CYS A 32 2.16 5.75 -3.15
N ASP A 33 3.37 5.25 -3.38
CA ASP A 33 4.34 5.94 -4.22
C ASP A 33 5.53 5.03 -4.53
N VAL A 34 6.24 5.35 -5.60
CA VAL A 34 7.40 4.56 -6.01
C VAL A 34 8.46 4.54 -4.90
N LEU A 35 9.42 3.63 -5.02
CA LEU A 35 10.49 3.50 -4.05
C LEU A 35 11.77 4.14 -4.57
N PRO A 36 12.57 4.75 -3.68
CA PRO A 36 13.84 5.38 -4.07
C PRO A 36 14.73 4.46 -4.86
N GLY A 37 15.07 4.87 -6.08
CA GLY A 37 15.92 4.06 -6.94
C GLY A 37 15.27 2.74 -7.30
N LYS A 38 13.95 2.70 -7.29
CA LYS A 38 13.21 1.48 -7.62
C LYS A 38 11.96 1.80 -8.45
N GLU A 39 12.05 2.86 -9.24
CA GLU A 39 10.93 3.27 -10.08
C GLU A 39 10.64 2.22 -11.15
N SER A 40 11.68 1.51 -11.57
CA SER A 40 11.52 0.47 -12.58
C SER A 40 10.64 -0.67 -12.07
N LEU A 41 10.71 -0.92 -10.76
CA LEU A 41 9.91 -1.97 -10.16
C LEU A 41 8.42 -1.69 -10.29
N GLY A 42 8.02 -0.48 -9.87
CA GLY A 42 6.63 -0.10 -9.95
C GLY A 42 6.24 0.94 -8.92
N TYR A 43 5.07 0.77 -8.31
CA TYR A 43 4.60 1.70 -7.30
C TYR A 43 4.25 0.97 -5.99
N PHE A 44 5.20 0.96 -5.06
CA PHE A 44 4.99 0.29 -3.78
C PHE A 44 3.85 0.95 -3.01
N VAL A 45 3.30 0.22 -2.05
CA VAL A 45 2.20 0.73 -1.23
C VAL A 45 2.20 0.12 0.16
N GLY A 46 1.93 0.94 1.17
CA GLY A 46 1.91 0.46 2.54
C GLY A 46 0.49 0.26 3.06
N VAL A 47 0.14 -0.98 3.36
CA VAL A 47 -1.18 -1.30 3.87
C VAL A 47 -1.17 -1.52 5.38
N ASP A 48 -1.90 -0.68 6.10
CA ASP A 48 -1.96 -0.79 7.56
C ASP A 48 -2.94 -1.88 7.97
N MET A 49 -2.41 -3.08 8.19
CA MET A 49 -3.24 -4.21 8.59
C MET A 49 -3.96 -3.92 9.90
N ASP A 50 -5.12 -4.55 10.08
CA ASP A 50 -5.92 -4.36 11.29
C ASP A 50 -5.21 -4.96 12.50
N ASN A 51 -4.47 -6.04 12.27
CA ASN A 51 -3.75 -6.72 13.34
C ASN A 51 -2.25 -6.44 13.25
N PRO A 52 -1.53 -6.50 14.39
CA PRO A 52 -0.09 -6.25 14.44
C PRO A 52 0.70 -7.35 13.75
N ILE A 53 0.83 -7.24 12.43
CA ILE A 53 1.57 -8.23 11.65
C ILE A 53 2.39 -7.57 10.55
N GLY A 54 2.79 -6.32 10.79
CA GLY A 54 3.58 -5.59 9.81
C GLY A 54 5.07 -5.75 10.03
N ASN A 55 5.86 -4.93 9.35
CA ASN A 55 7.31 -4.97 9.47
C ASN A 55 7.97 -3.87 8.64
N TRP A 56 7.35 -2.70 8.64
CA TRP A 56 7.87 -1.56 7.89
C TRP A 56 7.57 -0.25 8.61
N ASP A 57 8.62 0.43 9.05
CA ASP A 57 8.47 1.70 9.77
C ASP A 57 8.08 2.82 8.79
N GLY A 58 8.60 2.74 7.58
CA GLY A 58 8.29 3.75 6.58
C GLY A 58 9.53 4.47 6.08
N ARG A 59 10.62 3.73 5.92
CA ARG A 59 11.87 4.30 5.43
C ARG A 59 12.53 3.39 4.41
N PHE A 60 13.46 3.94 3.63
CA PHE A 60 14.16 3.18 2.62
C PHE A 60 15.65 3.52 2.62
N ASP A 61 16.46 2.65 3.21
CA ASP A 61 17.90 2.85 3.26
C ASP A 61 18.24 4.11 4.06
N GLY A 62 17.37 4.45 5.02
CA GLY A 62 17.60 5.62 5.84
C GLY A 62 16.57 6.71 5.61
N VAL A 63 16.34 7.04 4.34
CA VAL A 63 15.37 8.08 3.99
C VAL A 63 13.96 7.69 4.43
N GLN A 64 13.23 8.65 4.99
CA GLN A 64 11.87 8.41 5.46
C GLN A 64 10.86 8.65 4.34
N LEU A 65 10.09 7.63 4.00
CA LEU A 65 9.09 7.75 2.95
C LEU A 65 7.69 7.94 3.55
N CYS A 66 7.40 7.20 4.61
CA CYS A 66 6.11 7.29 5.27
C CYS A 66 6.26 7.43 6.77
N SER A 67 5.87 8.58 7.31
CA SER A 67 5.97 8.83 8.74
C SER A 67 4.79 8.22 9.49
N PHE A 68 3.61 8.28 8.88
CA PHE A 68 2.41 7.71 9.48
C PHE A 68 2.52 6.20 9.62
N ALA A 69 3.34 5.59 8.77
CA ALA A 69 3.52 4.15 8.80
C ALA A 69 4.21 3.70 10.08
N CYS A 70 4.05 2.43 10.44
CA CYS A 70 4.66 1.89 11.64
C CYS A 70 5.18 0.48 11.40
N VAL A 71 6.18 0.07 12.17
CA VAL A 71 6.77 -1.26 12.05
C VAL A 71 6.03 -2.28 12.90
N GLU A 72 4.70 -2.33 12.74
CA GLU A 72 3.88 -3.26 13.50
C GLU A 72 2.46 -3.32 12.94
N SER A 73 2.35 -3.15 11.63
CA SER A 73 1.04 -3.18 10.97
C SER A 73 1.18 -2.89 9.48
N THR A 74 1.66 -1.69 9.17
CA THR A 74 1.83 -1.28 7.77
C THR A 74 2.84 -2.17 7.07
N ILE A 75 2.54 -2.52 5.82
CA ILE A 75 3.42 -3.37 5.02
C ILE A 75 3.58 -2.83 3.61
N LEU A 76 4.79 -2.39 3.29
CA LEU A 76 5.07 -1.85 1.96
C LEU A 76 5.23 -2.98 0.93
N LEU A 77 4.27 -3.07 0.02
CA LEU A 77 4.30 -4.10 -1.02
C LEU A 77 3.89 -3.52 -2.37
N HIS A 78 3.89 -4.37 -3.39
CA HIS A 78 3.51 -3.95 -4.73
C HIS A 78 1.99 -3.90 -4.89
N ILE A 79 1.51 -2.87 -5.59
CA ILE A 79 0.08 -2.71 -5.81
C ILE A 79 -0.56 -4.01 -6.30
N ASN A 80 0.12 -4.68 -7.23
CA ASN A 80 -0.37 -5.93 -7.77
C ASN A 80 -0.61 -6.95 -6.66
N ASP A 81 0.15 -6.82 -5.57
CA ASP A 81 0.02 -7.72 -4.43
C ASP A 81 -1.21 -7.36 -3.59
N ILE A 82 -1.67 -6.12 -3.71
CA ILE A 82 -2.83 -5.65 -2.96
C ILE A 82 -4.13 -6.09 -3.63
N ILE A 83 -5.12 -6.43 -2.82
CA ILE A 83 -6.41 -6.87 -3.33
C ILE A 83 -7.56 -6.06 -2.73
N PRO A 84 -7.93 -4.94 -3.38
CA PRO A 84 -9.01 -4.07 -2.91
C PRO A 84 -10.38 -4.73 -3.07
N GLU A 85 -11.43 -3.93 -2.90
CA GLU A 85 -12.79 -4.43 -3.02
C GLU A 85 -13.77 -3.30 -3.35
N SER A 86 -14.01 -3.10 -4.64
CA SER A 86 -14.92 -2.05 -5.10
C SER A 86 -15.43 -2.34 -6.50
N SER A 87 -16.31 -1.47 -6.99
CA SER A 87 -16.88 -1.64 -8.33
C SER A 87 -16.31 -0.59 -9.29
N GLY A 88 -16.77 -0.64 -10.55
CA GLY A 88 -16.31 0.30 -11.53
C GLY A 88 -16.95 0.09 -12.89
N PRO A 89 -16.73 -1.09 -13.51
CA PRO A 89 -17.29 -1.42 -14.82
C PRO A 89 -18.81 -1.59 -14.77
N SER A 90 -19.53 -0.54 -15.16
CA SER A 90 -20.99 -0.57 -15.17
C SER A 90 -21.55 0.37 -16.24
N SER A 91 -21.49 -0.06 -17.49
CA SER A 91 -21.99 0.74 -18.60
C SER A 91 -23.01 -0.04 -19.41
N GLY A 92 -23.70 0.66 -20.30
CA GLY A 92 -24.71 0.02 -21.13
C GLY A 92 -25.36 0.98 -22.11
N GLY A 1 -1.02 20.20 -10.37
CA GLY A 1 -2.42 20.70 -10.27
C GLY A 1 -3.28 19.85 -9.37
N SER A 2 -4.31 19.24 -9.95
CA SER A 2 -5.23 18.39 -9.18
C SER A 2 -4.52 17.11 -8.72
N SER A 3 -3.64 16.59 -9.58
CA SER A 3 -2.90 15.37 -9.27
C SER A 3 -1.81 15.11 -10.31
N GLY A 4 -1.21 16.20 -10.80
CA GLY A 4 -0.16 16.07 -11.79
C GLY A 4 1.06 15.36 -11.25
N SER A 5 1.69 15.95 -10.24
CA SER A 5 2.87 15.36 -9.63
C SER A 5 2.50 14.25 -8.67
N SER A 6 1.35 14.39 -8.02
CA SER A 6 0.87 13.40 -7.07
C SER A 6 -0.41 12.75 -7.56
N GLY A 7 -0.33 11.46 -7.91
CA GLY A 7 -1.50 10.75 -8.39
C GLY A 7 -1.41 9.26 -8.15
N PRO A 8 -1.55 8.81 -6.88
CA PRO A 8 -1.48 7.40 -6.53
C PRO A 8 -2.69 6.61 -7.02
N PRO A 9 -2.47 5.39 -7.55
CA PRO A 9 -3.55 4.55 -8.06
C PRO A 9 -4.50 4.08 -6.96
N LEU A 10 -3.93 3.56 -5.88
CA LEU A 10 -4.73 3.08 -4.76
C LEU A 10 -5.25 4.24 -3.92
N GLU A 11 -6.56 4.28 -3.73
CA GLU A 11 -7.19 5.34 -2.95
C GLU A 11 -6.72 5.30 -1.50
N ILE A 12 -6.52 6.49 -0.92
CA ILE A 12 -6.07 6.59 0.47
C ILE A 12 -7.23 6.41 1.44
N ASN A 13 -6.91 5.98 2.65
CA ASN A 13 -7.92 5.76 3.67
C ASN A 13 -8.94 4.72 3.22
N SER A 14 -8.50 3.78 2.39
CA SER A 14 -9.37 2.73 1.88
C SER A 14 -8.99 1.38 2.48
N ARG A 15 -9.82 0.36 2.21
CA ARG A 15 -9.57 -0.97 2.73
C ARG A 15 -9.10 -1.91 1.61
N VAL A 16 -7.91 -2.47 1.79
CA VAL A 16 -7.35 -3.39 0.80
C VAL A 16 -6.56 -4.50 1.46
N SER A 17 -6.62 -5.70 0.88
CA SER A 17 -5.91 -6.85 1.42
C SER A 17 -4.54 -6.99 0.79
N LEU A 18 -3.76 -7.96 1.27
CA LEU A 18 -2.43 -8.20 0.74
C LEU A 18 -2.16 -9.70 0.60
N LYS A 19 -1.58 -10.10 -0.52
CA LYS A 19 -1.26 -11.50 -0.77
C LYS A 19 0.06 -11.89 -0.12
N VAL A 20 -0.04 -12.57 1.02
CA VAL A 20 1.16 -13.01 1.75
C VAL A 20 1.32 -14.52 1.68
N GLY A 21 2.38 -14.96 1.03
CA GLY A 21 2.64 -16.39 0.90
C GLY A 21 1.53 -17.11 0.15
N GLU A 22 0.62 -17.74 0.88
CA GLU A 22 -0.49 -18.46 0.28
C GLU A 22 -1.81 -18.05 0.91
N THR A 23 -1.90 -16.81 1.35
CA THR A 23 -3.12 -16.29 1.98
C THR A 23 -3.22 -14.78 1.80
N ILE A 24 -4.36 -14.23 2.21
CA ILE A 24 -4.58 -12.79 2.09
C ILE A 24 -4.87 -12.16 3.46
N GLU A 25 -4.57 -10.88 3.58
CA GLU A 25 -4.80 -10.16 4.84
C GLU A 25 -5.34 -8.76 4.58
N SER A 26 -6.55 -8.49 5.05
CA SER A 26 -7.18 -7.19 4.87
C SER A 26 -6.36 -6.09 5.55
N GLY A 27 -6.37 -4.90 4.96
CA GLY A 27 -5.63 -3.80 5.53
C GLY A 27 -6.19 -2.45 5.08
N THR A 28 -5.46 -1.38 5.43
CA THR A 28 -5.89 -0.03 5.06
C THR A 28 -4.84 0.66 4.19
N VAL A 29 -5.28 1.62 3.39
CA VAL A 29 -4.37 2.35 2.50
C VAL A 29 -3.96 3.67 3.12
N ILE A 30 -2.66 3.92 3.17
CA ILE A 30 -2.13 5.16 3.73
C ILE A 30 -1.07 5.78 2.82
N PHE A 31 -0.18 4.95 2.29
CA PHE A 31 0.88 5.41 1.42
C PHE A 31 0.77 4.76 0.04
N CYS A 32 1.18 5.49 -1.00
CA CYS A 32 1.13 4.97 -2.36
C CYS A 32 1.95 5.85 -3.30
N ASP A 33 3.10 5.33 -3.73
CA ASP A 33 3.98 6.05 -4.64
C ASP A 33 5.19 5.21 -5.03
N VAL A 34 5.92 5.66 -6.04
CA VAL A 34 7.10 4.95 -6.51
C VAL A 34 8.20 4.96 -5.45
N LEU A 35 9.14 4.03 -5.59
CA LEU A 35 10.24 3.93 -4.65
C LEU A 35 11.50 4.58 -5.22
N PRO A 36 12.41 5.05 -4.35
CA PRO A 36 13.66 5.69 -4.77
C PRO A 36 14.42 4.86 -5.79
N GLY A 37 14.61 5.43 -6.98
CA GLY A 37 15.32 4.74 -8.04
C GLY A 37 14.71 3.39 -8.37
N LYS A 38 13.41 3.27 -8.13
CA LYS A 38 12.70 2.02 -8.42
C LYS A 38 11.36 2.30 -9.09
N GLU A 39 11.32 3.35 -9.90
CA GLU A 39 10.10 3.72 -10.62
C GLU A 39 9.74 2.66 -11.67
N SER A 40 10.76 1.98 -12.19
CA SER A 40 10.55 0.95 -13.19
C SER A 40 9.75 -0.21 -12.63
N LEU A 41 9.91 -0.45 -11.33
CA LEU A 41 9.19 -1.53 -10.67
C LEU A 41 7.68 -1.35 -10.80
N GLY A 42 7.19 -0.19 -10.41
CA GLY A 42 5.77 0.09 -10.49
C GLY A 42 5.32 1.18 -9.55
N TYR A 43 4.48 0.81 -8.58
CA TYR A 43 3.98 1.77 -7.60
C TYR A 43 3.74 1.09 -6.26
N PHE A 44 4.75 1.10 -5.41
CA PHE A 44 4.65 0.48 -4.09
C PHE A 44 3.54 1.15 -3.27
N VAL A 45 2.95 0.39 -2.35
CA VAL A 45 1.88 0.92 -1.50
C VAL A 45 1.97 0.34 -0.10
N GLY A 46 1.82 1.21 0.89
CA GLY A 46 1.88 0.78 2.28
C GLY A 46 0.51 0.46 2.85
N VAL A 47 0.25 -0.82 3.09
CA VAL A 47 -1.03 -1.25 3.63
C VAL A 47 -0.97 -1.41 5.14
N ASP A 48 -1.91 -0.77 5.84
CA ASP A 48 -1.96 -0.85 7.29
C ASP A 48 -2.97 -1.91 7.75
N MET A 49 -2.45 -3.06 8.16
CA MET A 49 -3.29 -4.16 8.62
C MET A 49 -3.89 -3.85 9.98
N ASP A 50 -4.96 -4.57 10.33
CA ASP A 50 -5.63 -4.38 11.61
C ASP A 50 -4.89 -5.10 12.73
N ASN A 51 -4.26 -6.22 12.38
CA ASN A 51 -3.51 -7.02 13.36
C ASN A 51 -2.02 -6.75 13.24
N PRO A 52 -1.25 -7.01 14.30
CA PRO A 52 0.19 -6.81 14.32
C PRO A 52 0.93 -7.81 13.45
N ILE A 53 0.97 -7.56 12.14
CA ILE A 53 1.64 -8.44 11.20
C ILE A 53 2.36 -7.66 10.12
N GLY A 54 2.81 -6.46 10.46
CA GLY A 54 3.52 -5.62 9.51
C GLY A 54 5.01 -5.84 9.55
N ASN A 55 5.75 -4.99 8.85
CA ASN A 55 7.20 -5.09 8.80
C ASN A 55 7.81 -3.94 8.01
N TRP A 56 7.23 -2.75 8.17
CA TRP A 56 7.72 -1.56 7.48
C TRP A 56 7.49 -0.30 8.31
N ASP A 57 8.58 0.39 8.64
CA ASP A 57 8.50 1.60 9.44
C ASP A 57 8.50 2.85 8.55
N GLY A 58 8.02 2.69 7.33
CA GLY A 58 7.98 3.81 6.40
C GLY A 58 9.35 4.37 6.09
N ARG A 59 10.33 3.48 5.93
CA ARG A 59 11.70 3.89 5.63
C ARG A 59 12.29 3.02 4.53
N PHE A 60 13.28 3.57 3.83
CA PHE A 60 13.94 2.84 2.75
C PHE A 60 15.45 2.97 2.86
N ASP A 61 16.07 1.98 3.50
CA ASP A 61 17.52 1.98 3.67
C ASP A 61 17.97 3.16 4.54
N GLY A 62 17.11 3.58 5.46
CA GLY A 62 17.44 4.69 6.33
C GLY A 62 16.47 5.85 6.18
N VAL A 63 16.34 6.35 4.95
CA VAL A 63 15.45 7.47 4.68
C VAL A 63 14.00 7.12 5.04
N GLN A 64 13.30 8.09 5.62
CA GLN A 64 11.91 7.89 6.01
C GLN A 64 10.97 8.46 4.96
N LEU A 65 10.05 7.62 4.49
CA LEU A 65 9.08 8.03 3.48
C LEU A 65 7.68 8.13 4.07
N CYS A 66 7.40 7.29 5.06
CA CYS A 66 6.09 7.28 5.72
C CYS A 66 6.24 7.33 7.24
N SER A 67 6.27 8.54 7.79
CA SER A 67 6.41 8.72 9.22
C SER A 67 5.27 8.03 9.98
N PHE A 68 4.11 7.96 9.35
CA PHE A 68 2.95 7.33 9.96
C PHE A 68 3.10 5.81 9.98
N ALA A 69 3.74 5.27 8.95
CA ALA A 69 3.95 3.83 8.86
C ALA A 69 4.81 3.33 10.02
N CYS A 70 4.39 2.21 10.61
CA CYS A 70 5.11 1.62 11.74
C CYS A 70 5.50 0.18 11.44
N VAL A 71 6.51 -0.31 12.14
CA VAL A 71 6.97 -1.68 11.95
C VAL A 71 6.15 -2.67 12.77
N GLU A 72 4.83 -2.64 12.56
CA GLU A 72 3.93 -3.53 13.29
C GLU A 72 2.49 -3.35 12.82
N SER A 73 2.32 -3.08 11.53
CA SER A 73 0.99 -2.87 10.96
C SER A 73 1.10 -2.53 9.47
N THR A 74 1.77 -1.43 9.17
CA THR A 74 1.94 -0.99 7.79
C THR A 74 2.85 -1.93 7.02
N ILE A 75 2.59 -2.08 5.72
CA ILE A 75 3.39 -2.96 4.88
C ILE A 75 3.47 -2.42 3.45
N LEU A 76 4.68 -2.09 3.01
CA LEU A 76 4.88 -1.55 1.67
C LEU A 76 5.15 -2.69 0.68
N LEU A 77 4.24 -2.86 -0.28
CA LEU A 77 4.37 -3.90 -1.28
C LEU A 77 3.85 -3.43 -2.64
N HIS A 78 3.94 -4.30 -3.63
CA HIS A 78 3.47 -3.96 -4.97
C HIS A 78 1.95 -4.00 -5.06
N ILE A 79 1.37 -2.99 -5.68
CA ILE A 79 -0.07 -2.90 -5.83
C ILE A 79 -0.65 -4.21 -6.35
N ASN A 80 0.07 -4.83 -7.28
CA ASN A 80 -0.37 -6.10 -7.86
C ASN A 80 -0.56 -7.15 -6.77
N ASP A 81 0.18 -7.00 -5.68
CA ASP A 81 0.09 -7.93 -4.55
C ASP A 81 -1.11 -7.60 -3.68
N ILE A 82 -1.54 -6.33 -3.71
CA ILE A 82 -2.68 -5.89 -2.92
C ILE A 82 -3.98 -6.41 -3.50
N ILE A 83 -4.97 -6.63 -2.63
CA ILE A 83 -6.27 -7.13 -3.07
C ILE A 83 -7.41 -6.30 -2.45
N PRO A 84 -7.83 -5.23 -3.14
CA PRO A 84 -8.91 -4.36 -2.67
C PRO A 84 -10.28 -5.04 -2.75
N GLU A 85 -11.33 -4.26 -2.52
CA GLU A 85 -12.69 -4.78 -2.58
C GLU A 85 -13.69 -3.66 -2.85
N SER A 86 -13.25 -2.66 -3.60
CA SER A 86 -14.11 -1.53 -3.95
C SER A 86 -13.97 -1.16 -5.43
N SER A 87 -14.71 -0.15 -5.85
CA SER A 87 -14.66 0.30 -7.23
C SER A 87 -13.92 1.62 -7.36
N GLY A 88 -13.45 1.92 -8.57
CA GLY A 88 -12.72 3.16 -8.80
C GLY A 88 -12.04 3.18 -10.15
N PRO A 89 -12.81 3.29 -11.25
CA PRO A 89 -12.25 3.33 -12.61
C PRO A 89 -11.48 4.62 -12.88
N SER A 90 -10.31 4.49 -13.48
CA SER A 90 -9.48 5.64 -13.80
C SER A 90 -9.02 5.59 -15.26
N SER A 91 -9.59 6.47 -16.08
CA SER A 91 -9.25 6.52 -17.50
C SER A 91 -8.25 7.65 -17.77
N GLY A 92 -7.74 7.71 -18.99
CA GLY A 92 -6.79 8.73 -19.35
C GLY A 92 -7.45 10.07 -19.61
N GLY A 1 -19.37 20.36 -8.34
CA GLY A 1 -18.83 19.09 -7.77
C GLY A 1 -17.31 19.01 -7.87
N SER A 2 -16.65 18.84 -6.73
CA SER A 2 -15.20 18.74 -6.69
C SER A 2 -14.72 17.50 -7.43
N SER A 3 -13.74 17.68 -8.31
CA SER A 3 -13.19 16.56 -9.07
C SER A 3 -11.66 16.54 -9.00
N GLY A 4 -11.08 15.39 -9.27
CA GLY A 4 -9.64 15.26 -9.21
C GLY A 4 -9.13 14.01 -9.92
N SER A 5 -8.89 12.96 -9.15
CA SER A 5 -8.41 11.70 -9.72
C SER A 5 -7.06 11.89 -10.40
N SER A 6 -6.19 12.69 -9.78
CA SER A 6 -4.87 12.96 -10.33
C SER A 6 -3.78 12.62 -9.32
N GLY A 7 -3.39 11.35 -9.29
CA GLY A 7 -2.36 10.91 -8.37
C GLY A 7 -2.24 9.40 -8.29
N PRO A 8 -1.85 8.86 -7.13
CA PRO A 8 -1.71 7.40 -6.94
C PRO A 8 -2.95 6.63 -7.40
N PRO A 9 -2.77 5.39 -7.88
CA PRO A 9 -3.88 4.55 -8.35
C PRO A 9 -4.74 4.03 -7.20
N LEU A 10 -4.08 3.55 -6.14
CA LEU A 10 -4.78 3.02 -4.98
C LEU A 10 -5.35 4.14 -4.13
N GLU A 11 -6.60 4.01 -3.74
CA GLU A 11 -7.27 5.01 -2.91
C GLU A 11 -6.69 5.03 -1.51
N ILE A 12 -6.29 6.21 -1.04
CA ILE A 12 -5.72 6.35 0.29
C ILE A 12 -6.81 6.34 1.36
N ASN A 13 -6.45 5.93 2.57
CA ASN A 13 -7.40 5.87 3.67
C ASN A 13 -8.55 4.91 3.35
N SER A 14 -8.26 3.88 2.56
CA SER A 14 -9.27 2.90 2.18
C SER A 14 -8.90 1.52 2.71
N ARG A 15 -9.75 0.54 2.42
CA ARG A 15 -9.51 -0.84 2.86
C ARG A 15 -9.12 -1.73 1.69
N VAL A 16 -7.96 -2.35 1.79
CA VAL A 16 -7.47 -3.24 0.75
C VAL A 16 -6.73 -4.44 1.34
N SER A 17 -6.83 -5.58 0.66
CA SER A 17 -6.17 -6.80 1.13
C SER A 17 -4.78 -6.93 0.53
N LEU A 18 -4.00 -7.88 1.05
CA LEU A 18 -2.65 -8.10 0.57
C LEU A 18 -2.35 -9.60 0.46
N LYS A 19 -1.90 -10.02 -0.70
CA LYS A 19 -1.57 -11.43 -0.94
C LYS A 19 -0.29 -11.82 -0.21
N VAL A 20 -0.42 -12.28 1.02
CA VAL A 20 0.73 -12.70 1.82
C VAL A 20 0.83 -14.21 1.90
N GLY A 21 1.93 -14.75 1.39
CA GLY A 21 2.12 -16.19 1.42
C GLY A 21 1.11 -16.93 0.56
N GLU A 22 0.30 -17.77 1.20
CA GLU A 22 -0.72 -18.54 0.48
C GLU A 22 -2.12 -18.13 0.92
N THR A 23 -2.27 -16.86 1.28
CA THR A 23 -3.56 -16.34 1.72
C THR A 23 -3.62 -14.83 1.57
N ILE A 24 -4.79 -14.25 1.84
CA ILE A 24 -4.97 -12.81 1.74
C ILE A 24 -5.11 -12.17 3.12
N GLU A 25 -4.75 -10.90 3.22
CA GLU A 25 -4.84 -10.17 4.48
C GLU A 25 -5.44 -8.79 4.29
N SER A 26 -6.63 -8.58 4.84
CA SER A 26 -7.32 -7.30 4.72
C SER A 26 -6.58 -6.22 5.50
N GLY A 27 -6.38 -5.07 4.86
CA GLY A 27 -5.68 -3.98 5.51
C GLY A 27 -6.17 -2.61 5.04
N THR A 28 -5.56 -1.56 5.54
CA THR A 28 -5.94 -0.20 5.17
C THR A 28 -4.82 0.47 4.37
N VAL A 29 -5.21 1.40 3.51
CA VAL A 29 -4.25 2.13 2.68
C VAL A 29 -3.77 3.40 3.38
N ILE A 30 -2.50 3.73 3.18
CA ILE A 30 -1.91 4.92 3.77
C ILE A 30 -0.86 5.55 2.87
N PHE A 31 -0.02 4.71 2.26
CA PHE A 31 1.02 5.18 1.36
C PHE A 31 0.94 4.47 0.02
N CYS A 32 1.41 5.14 -1.03
CA CYS A 32 1.40 4.58 -2.37
C CYS A 32 2.27 5.38 -3.32
N ASP A 33 3.47 4.89 -3.58
CA ASP A 33 4.40 5.58 -4.48
C ASP A 33 5.63 4.71 -4.75
N VAL A 34 6.59 5.27 -5.48
CA VAL A 34 7.82 4.54 -5.81
C VAL A 34 8.85 4.69 -4.71
N LEU A 35 9.88 3.84 -4.76
CA LEU A 35 10.95 3.87 -3.77
C LEU A 35 12.25 4.34 -4.40
N PRO A 36 13.18 4.85 -3.57
CA PRO A 36 14.47 5.35 -4.05
C PRO A 36 15.21 4.31 -4.90
N GLY A 37 15.54 4.70 -6.13
CA GLY A 37 16.23 3.81 -7.03
C GLY A 37 15.48 2.52 -7.26
N LYS A 38 14.15 2.58 -7.17
CA LYS A 38 13.31 1.41 -7.36
C LYS A 38 12.04 1.77 -8.13
N GLU A 39 12.17 2.70 -9.08
CA GLU A 39 11.03 3.14 -9.88
C GLU A 39 10.68 2.11 -10.94
N SER A 40 11.71 1.39 -11.42
CA SER A 40 11.51 0.37 -12.45
C SER A 40 10.64 -0.76 -11.93
N LEU A 41 10.71 -1.02 -10.62
CA LEU A 41 9.93 -2.07 -10.00
C LEU A 41 8.43 -1.86 -10.23
N GLY A 42 7.98 -0.64 -9.99
CA GLY A 42 6.57 -0.32 -10.17
C GLY A 42 6.09 0.77 -9.24
N TYR A 43 5.13 0.44 -8.38
CA TYR A 43 4.59 1.40 -7.42
C TYR A 43 4.27 0.74 -6.09
N PHE A 44 5.22 0.77 -5.16
CA PHE A 44 5.04 0.17 -3.85
C PHE A 44 3.90 0.84 -3.10
N VAL A 45 3.28 0.11 -2.18
CA VAL A 45 2.18 0.63 -1.39
C VAL A 45 2.22 0.11 0.03
N GLY A 46 2.04 1.01 1.00
CA GLY A 46 2.05 0.62 2.40
C GLY A 46 0.66 0.41 2.96
N VAL A 47 0.33 -0.83 3.28
CA VAL A 47 -0.98 -1.15 3.83
C VAL A 47 -0.91 -1.43 5.33
N ASP A 48 -1.78 -0.78 6.09
CA ASP A 48 -1.82 -0.95 7.54
C ASP A 48 -2.81 -2.04 7.93
N MET A 49 -2.28 -3.24 8.19
CA MET A 49 -3.12 -4.37 8.57
C MET A 49 -3.72 -4.15 9.95
N ASP A 50 -4.87 -4.80 10.19
CA ASP A 50 -5.54 -4.68 11.48
C ASP A 50 -4.82 -5.50 12.55
N ASN A 51 -4.21 -6.60 12.14
CA ASN A 51 -3.50 -7.46 13.06
C ASN A 51 -2.00 -7.14 13.05
N PRO A 52 -1.28 -7.53 14.12
CA PRO A 52 0.16 -7.28 14.24
C PRO A 52 0.97 -8.14 13.27
N ILE A 53 1.03 -7.71 12.02
CA ILE A 53 1.78 -8.44 10.99
C ILE A 53 2.57 -7.49 10.11
N GLY A 54 2.94 -6.35 10.65
CA GLY A 54 3.70 -5.37 9.89
C GLY A 54 5.17 -5.72 9.78
N ASN A 55 5.92 -4.93 9.02
CA ASN A 55 7.33 -5.17 8.83
C ASN A 55 7.99 -4.01 8.10
N TRP A 56 7.51 -2.79 8.37
CA TRP A 56 8.05 -1.59 7.73
C TRP A 56 7.74 -0.36 8.57
N ASP A 57 8.79 0.38 8.93
CA ASP A 57 8.62 1.60 9.72
C ASP A 57 8.19 2.77 8.86
N GLY A 58 8.61 2.76 7.60
CA GLY A 58 8.26 3.83 6.68
C GLY A 58 9.47 4.62 6.24
N ARG A 59 10.61 3.95 6.11
CA ARG A 59 11.84 4.60 5.69
C ARG A 59 12.61 3.71 4.73
N PHE A 60 13.61 4.29 4.06
CA PHE A 60 14.43 3.55 3.11
C PHE A 60 15.88 4.04 3.14
N ASP A 61 16.75 3.25 3.77
CA ASP A 61 18.17 3.60 3.87
C ASP A 61 18.35 4.92 4.62
N GLY A 62 17.42 5.21 5.52
CA GLY A 62 17.50 6.44 6.30
C GLY A 62 16.40 7.41 5.96
N VAL A 63 16.21 7.68 4.67
CA VAL A 63 15.18 8.61 4.22
C VAL A 63 13.80 8.14 4.68
N GLN A 64 12.93 9.10 4.99
CA GLN A 64 11.57 8.78 5.43
C GLN A 64 10.56 9.06 4.31
N LEU A 65 9.80 8.02 3.95
CA LEU A 65 8.80 8.16 2.90
C LEU A 65 7.39 7.98 3.47
N CYS A 66 7.26 7.07 4.43
CA CYS A 66 5.96 6.82 5.05
C CYS A 66 5.96 7.28 6.50
N SER A 67 5.49 8.51 6.73
CA SER A 67 5.45 9.07 8.07
C SER A 67 4.35 8.40 8.90
N PHE A 68 3.33 7.89 8.22
CA PHE A 68 2.22 7.23 8.90
C PHE A 68 2.41 5.71 8.91
N ALA A 69 3.66 5.27 8.97
CA ALA A 69 3.97 3.86 8.99
C ALA A 69 4.46 3.42 10.37
N CYS A 70 4.70 2.11 10.52
CA CYS A 70 5.16 1.57 11.78
C CYS A 70 5.43 0.06 11.67
N VAL A 71 6.57 -0.36 12.20
CA VAL A 71 6.95 -1.78 12.15
C VAL A 71 6.04 -2.61 13.05
N GLU A 72 4.79 -2.78 12.63
CA GLU A 72 3.82 -3.55 13.40
C GLU A 72 2.58 -3.85 12.57
N SER A 73 2.13 -2.86 11.81
CA SER A 73 0.94 -3.02 10.97
C SER A 73 1.23 -2.63 9.52
N THR A 74 2.01 -1.57 9.34
CA THR A 74 2.35 -1.11 8.00
C THR A 74 3.12 -2.17 7.22
N ILE A 75 2.81 -2.29 5.94
CA ILE A 75 3.47 -3.28 5.07
C ILE A 75 3.58 -2.76 3.64
N LEU A 76 4.81 -2.63 3.16
CA LEU A 76 5.05 -2.14 1.80
C LEU A 76 5.15 -3.31 0.82
N LEU A 77 4.21 -3.37 -0.13
CA LEU A 77 4.20 -4.42 -1.12
C LEU A 77 3.78 -3.89 -2.48
N HIS A 78 3.84 -4.74 -3.50
CA HIS A 78 3.46 -4.35 -4.85
C HIS A 78 1.95 -4.19 -4.98
N ILE A 79 1.52 -3.15 -5.68
CA ILE A 79 0.10 -2.89 -5.87
C ILE A 79 -0.63 -4.13 -6.37
N ASN A 80 0.00 -4.84 -7.32
CA ASN A 80 -0.58 -6.05 -7.87
C ASN A 80 -0.86 -7.07 -6.76
N ASP A 81 -0.10 -6.98 -5.68
CA ASP A 81 -0.27 -7.88 -4.55
C ASP A 81 -1.43 -7.46 -3.66
N ILE A 82 -1.91 -6.22 -3.86
CA ILE A 82 -3.02 -5.70 -3.07
C ILE A 82 -4.36 -6.07 -3.69
N ILE A 83 -5.34 -6.35 -2.84
CA ILE A 83 -6.68 -6.72 -3.32
C ILE A 83 -7.74 -5.83 -2.69
N PRO A 84 -8.07 -4.70 -3.35
CA PRO A 84 -9.08 -3.76 -2.86
C PRO A 84 -10.49 -4.31 -2.97
N GLU A 85 -11.48 -3.45 -2.75
CA GLU A 85 -12.88 -3.86 -2.84
C GLU A 85 -13.70 -2.83 -3.61
N SER A 86 -14.20 -3.24 -4.77
CA SER A 86 -15.00 -2.36 -5.61
C SER A 86 -16.20 -3.10 -6.18
N SER A 87 -17.39 -2.77 -5.67
CA SER A 87 -18.62 -3.40 -6.13
C SER A 87 -19.51 -2.39 -6.85
N GLY A 88 -19.22 -2.16 -8.13
CA GLY A 88 -20.01 -1.21 -8.90
C GLY A 88 -21.20 -1.87 -9.59
N PRO A 89 -20.97 -2.94 -10.38
CA PRO A 89 -22.03 -3.65 -11.08
C PRO A 89 -23.17 -4.06 -10.16
N SER A 90 -22.83 -4.86 -9.14
CA SER A 90 -23.82 -5.33 -8.19
C SER A 90 -24.34 -4.17 -7.33
N SER A 91 -25.56 -4.32 -6.83
CA SER A 91 -26.17 -3.29 -5.99
C SER A 91 -26.31 -1.98 -6.76
N GLY A 92 -27.49 -1.75 -7.34
CA GLY A 92 -27.72 -0.54 -8.10
C GLY A 92 -27.73 -0.78 -9.59
N GLY A 1 -3.16 30.79 -0.45
CA GLY A 1 -3.46 30.07 -1.72
C GLY A 1 -2.40 29.05 -2.07
N SER A 2 -2.82 27.79 -2.18
CA SER A 2 -1.90 26.70 -2.51
C SER A 2 -2.66 25.50 -3.08
N SER A 3 -2.33 25.14 -4.32
CA SER A 3 -2.97 24.01 -4.97
C SER A 3 -1.96 23.17 -5.74
N GLY A 4 -2.44 22.21 -6.51
CA GLY A 4 -1.56 21.34 -7.27
C GLY A 4 -2.27 20.12 -7.82
N SER A 5 -1.58 19.36 -8.66
CA SER A 5 -2.14 18.16 -9.25
C SER A 5 -1.54 16.91 -8.62
N SER A 6 -2.40 15.93 -8.31
CA SER A 6 -1.96 14.69 -7.70
C SER A 6 -3.11 13.72 -7.53
N GLY A 7 -2.83 12.42 -7.64
CA GLY A 7 -3.86 11.43 -7.50
C GLY A 7 -3.32 10.01 -7.66
N PRO A 8 -2.75 9.43 -6.59
CA PRO A 8 -2.20 8.07 -6.62
C PRO A 8 -3.20 7.05 -7.16
N PRO A 9 -2.73 5.88 -7.60
CA PRO A 9 -3.58 4.82 -8.13
C PRO A 9 -4.51 4.24 -7.07
N LEU A 10 -3.94 3.85 -5.94
CA LEU A 10 -4.72 3.27 -4.85
C LEU A 10 -5.33 4.37 -3.99
N GLU A 11 -6.64 4.26 -3.76
CA GLU A 11 -7.35 5.26 -2.95
C GLU A 11 -6.74 5.35 -1.55
N ILE A 12 -6.72 6.56 -1.02
CA ILE A 12 -6.16 6.80 0.31
C ILE A 12 -7.20 6.54 1.40
N ASN A 13 -6.74 6.03 2.54
CA ASN A 13 -7.63 5.73 3.66
C ASN A 13 -8.69 4.71 3.25
N SER A 14 -8.34 3.83 2.31
CA SER A 14 -9.25 2.81 1.85
C SER A 14 -8.93 1.45 2.47
N ARG A 15 -9.74 0.46 2.14
CA ARG A 15 -9.54 -0.89 2.68
C ARG A 15 -9.12 -1.85 1.56
N VAL A 16 -7.90 -2.36 1.65
CA VAL A 16 -7.38 -3.30 0.66
C VAL A 16 -6.62 -4.44 1.32
N SER A 17 -6.66 -5.61 0.70
CA SER A 17 -5.98 -6.78 1.24
C SER A 17 -4.58 -6.93 0.63
N LEU A 18 -3.80 -7.85 1.18
CA LEU A 18 -2.44 -8.08 0.70
C LEU A 18 -2.15 -9.57 0.60
N LYS A 19 -1.62 -9.99 -0.55
CA LYS A 19 -1.31 -11.40 -0.77
C LYS A 19 -0.02 -11.79 -0.05
N VAL A 20 -0.17 -12.40 1.12
CA VAL A 20 0.98 -12.82 1.91
C VAL A 20 1.10 -14.35 1.95
N GLY A 21 2.16 -14.87 1.34
CA GLY A 21 2.36 -16.30 1.32
C GLY A 21 1.29 -17.03 0.54
N GLU A 22 0.48 -17.81 1.25
CA GLU A 22 -0.60 -18.57 0.61
C GLU A 22 -1.96 -18.14 1.15
N THR A 23 -2.07 -16.87 1.52
CA THR A 23 -3.32 -16.33 2.05
C THR A 23 -3.36 -14.81 1.93
N ILE A 24 -4.55 -14.25 1.98
CA ILE A 24 -4.72 -12.80 1.87
C ILE A 24 -4.98 -12.19 3.25
N GLU A 25 -4.71 -10.89 3.36
CA GLU A 25 -4.93 -10.18 4.62
C GLU A 25 -5.46 -8.77 4.37
N SER A 26 -6.69 -8.51 4.82
CA SER A 26 -7.32 -7.21 4.64
C SER A 26 -6.56 -6.14 5.41
N GLY A 27 -6.46 -4.95 4.82
CA GLY A 27 -5.76 -3.86 5.46
C GLY A 27 -6.25 -2.50 5.00
N THR A 28 -5.61 -1.44 5.50
CA THR A 28 -5.98 -0.08 5.12
C THR A 28 -4.86 0.59 4.34
N VAL A 29 -5.24 1.51 3.45
CA VAL A 29 -4.27 2.22 2.63
C VAL A 29 -3.83 3.51 3.31
N ILE A 30 -2.59 3.93 3.05
CA ILE A 30 -2.05 5.14 3.64
C ILE A 30 -0.95 5.75 2.76
N PHE A 31 -0.08 4.90 2.24
CA PHE A 31 1.01 5.35 1.38
C PHE A 31 0.96 4.65 0.03
N CYS A 32 0.94 5.44 -1.04
CA CYS A 32 0.89 4.90 -2.39
C CYS A 32 1.79 5.71 -3.33
N ASP A 33 3.07 5.32 -3.40
CA ASP A 33 4.02 6.00 -4.25
C ASP A 33 5.22 5.11 -4.55
N VAL A 34 6.14 5.62 -5.36
CA VAL A 34 7.33 4.86 -5.72
C VAL A 34 8.45 5.10 -4.72
N LEU A 35 9.54 4.35 -4.87
CA LEU A 35 10.68 4.48 -3.97
C LEU A 35 11.95 4.81 -4.75
N PRO A 36 12.96 5.39 -4.08
CA PRO A 36 14.23 5.75 -4.72
C PRO A 36 14.86 4.59 -5.48
N GLY A 37 15.15 4.82 -6.75
CA GLY A 37 15.74 3.77 -7.57
C GLY A 37 14.79 2.61 -7.81
N LYS A 38 13.50 2.89 -7.77
CA LYS A 38 12.48 1.86 -7.98
C LYS A 38 11.20 2.46 -8.56
N GLU A 39 11.35 3.53 -9.33
CA GLU A 39 10.20 4.21 -9.92
C GLU A 39 9.69 3.43 -11.14
N SER A 40 10.61 2.75 -11.83
CA SER A 40 10.25 1.97 -13.00
C SER A 40 9.68 0.62 -12.60
N LEU A 41 10.09 0.11 -11.44
CA LEU A 41 9.61 -1.18 -10.95
C LEU A 41 8.09 -1.17 -10.81
N GLY A 42 7.55 -0.09 -10.26
CA GLY A 42 6.12 0.01 -10.08
C GLY A 42 5.73 1.08 -9.09
N TYR A 43 4.76 0.78 -8.23
CA TYR A 43 4.29 1.73 -7.23
C TYR A 43 4.00 1.02 -5.90
N PHE A 44 5.00 0.99 -5.03
CA PHE A 44 4.85 0.35 -3.73
C PHE A 44 3.74 1.02 -2.92
N VAL A 45 3.15 0.26 -2.00
CA VAL A 45 2.07 0.78 -1.17
C VAL A 45 2.10 0.16 0.22
N GLY A 46 1.92 1.00 1.24
CA GLY A 46 1.94 0.52 2.61
C GLY A 46 0.55 0.28 3.15
N VAL A 47 0.19 -0.98 3.35
CA VAL A 47 -1.13 -1.34 3.86
C VAL A 47 -1.08 -1.57 5.37
N ASP A 48 -1.92 -0.83 6.10
CA ASP A 48 -1.98 -0.94 7.54
C ASP A 48 -2.99 -2.01 7.96
N MET A 49 -2.49 -3.23 8.15
CA MET A 49 -3.35 -4.35 8.57
C MET A 49 -3.98 -4.08 9.93
N ASP A 50 -5.07 -4.79 10.21
CA ASP A 50 -5.77 -4.63 11.49
C ASP A 50 -4.94 -5.21 12.63
N ASN A 51 -4.23 -6.29 12.36
CA ASN A 51 -3.40 -6.94 13.37
C ASN A 51 -1.93 -6.55 13.19
N PRO A 52 -1.14 -6.60 14.27
CA PRO A 52 0.29 -6.26 14.23
C PRO A 52 1.10 -7.30 13.47
N ILE A 53 0.98 -7.28 12.14
CA ILE A 53 1.71 -8.21 11.30
C ILE A 53 2.51 -7.48 10.22
N GLY A 54 2.94 -6.26 10.54
CA GLY A 54 3.71 -5.48 9.59
C GLY A 54 5.20 -5.60 9.82
N ASN A 55 5.97 -4.76 9.12
CA ASN A 55 7.42 -4.77 9.25
C ASN A 55 8.05 -3.63 8.45
N TRP A 56 7.38 -2.48 8.44
CA TRP A 56 7.86 -1.32 7.71
C TRP A 56 7.52 -0.03 8.47
N ASP A 57 8.55 0.72 8.83
CA ASP A 57 8.36 1.98 9.55
C ASP A 57 8.43 3.17 8.60
N GLY A 58 8.02 2.95 7.35
CA GLY A 58 8.05 4.01 6.37
C GLY A 58 9.44 4.56 6.13
N ARG A 59 10.37 3.67 5.81
CA ARG A 59 11.75 4.07 5.56
C ARG A 59 12.36 3.26 4.42
N PHE A 60 13.36 3.83 3.77
CA PHE A 60 14.03 3.16 2.65
C PHE A 60 15.54 3.35 2.73
N ASP A 61 16.21 2.43 3.42
CA ASP A 61 17.66 2.48 3.57
C ASP A 61 18.07 3.70 4.40
N GLY A 62 17.19 4.12 5.31
CA GLY A 62 17.48 5.26 6.16
C GLY A 62 16.55 6.43 5.89
N VAL A 63 16.24 6.67 4.62
CA VAL A 63 15.37 7.76 4.23
C VAL A 63 13.92 7.46 4.59
N GLN A 64 13.22 8.46 5.11
CA GLN A 64 11.82 8.30 5.48
C GLN A 64 10.89 8.67 4.33
N LEU A 65 10.01 7.75 3.96
CA LEU A 65 9.07 7.97 2.87
C LEU A 65 7.64 8.08 3.39
N CYS A 66 7.33 7.26 4.40
CA CYS A 66 6.00 7.26 4.98
C CYS A 66 6.05 7.59 6.47
N SER A 67 5.55 8.77 6.83
CA SER A 67 5.54 9.21 8.21
C SER A 67 4.45 8.51 9.01
N PHE A 68 3.33 8.22 8.34
CA PHE A 68 2.21 7.55 8.99
C PHE A 68 2.47 6.05 9.13
N ALA A 69 3.54 5.57 8.50
CA ALA A 69 3.89 4.15 8.57
C ALA A 69 4.44 3.79 9.95
N CYS A 70 4.73 2.51 10.13
CA CYS A 70 5.26 2.03 11.41
C CYS A 70 5.58 0.54 11.34
N VAL A 71 6.79 0.19 11.77
CA VAL A 71 7.23 -1.20 11.75
C VAL A 71 6.42 -2.04 12.74
N GLU A 72 5.18 -2.35 12.38
CA GLU A 72 4.31 -3.14 13.25
C GLU A 72 3.07 -3.61 12.48
N SER A 73 2.50 -2.71 11.68
CA SER A 73 1.31 -3.04 10.91
C SER A 73 1.49 -2.67 9.43
N THR A 74 2.04 -1.48 9.19
CA THR A 74 2.26 -1.00 7.83
C THR A 74 3.14 -1.97 7.05
N ILE A 75 2.67 -2.38 5.87
CA ILE A 75 3.41 -3.30 5.02
C ILE A 75 3.54 -2.76 3.61
N LEU A 76 4.76 -2.43 3.20
CA LEU A 76 5.02 -1.90 1.86
C LEU A 76 5.16 -3.04 0.85
N LEU A 77 4.35 -2.99 -0.20
CA LEU A 77 4.39 -4.02 -1.24
C LEU A 77 3.91 -3.46 -2.57
N HIS A 78 4.01 -4.27 -3.61
CA HIS A 78 3.58 -3.86 -4.95
C HIS A 78 2.06 -3.84 -5.05
N ILE A 79 1.53 -2.77 -5.66
CA ILE A 79 0.08 -2.63 -5.82
C ILE A 79 -0.53 -3.91 -6.38
N ASN A 80 0.16 -4.54 -7.32
CA ASN A 80 -0.31 -5.77 -7.93
C ASN A 80 -0.54 -6.84 -6.87
N ASP A 81 0.23 -6.76 -5.79
CA ASP A 81 0.11 -7.72 -4.69
C ASP A 81 -1.09 -7.40 -3.81
N ILE A 82 -1.54 -6.14 -3.85
CA ILE A 82 -2.69 -5.71 -3.06
C ILE A 82 -3.99 -6.22 -3.67
N ILE A 83 -4.97 -6.51 -2.81
CA ILE A 83 -6.26 -7.00 -3.28
C ILE A 83 -7.40 -6.19 -2.66
N PRO A 84 -7.83 -5.11 -3.35
CA PRO A 84 -8.91 -4.24 -2.87
C PRO A 84 -10.28 -4.90 -3.02
N GLU A 85 -11.33 -4.12 -2.85
CA GLU A 85 -12.70 -4.62 -2.97
C GLU A 85 -13.54 -3.69 -3.84
N SER A 86 -14.14 -4.24 -4.88
CA SER A 86 -14.98 -3.47 -5.79
C SER A 86 -14.17 -2.37 -6.47
N SER A 87 -12.88 -2.65 -6.70
CA SER A 87 -11.99 -1.70 -7.35
C SER A 87 -10.85 -2.41 -8.07
N GLY A 88 -10.99 -2.54 -9.39
CA GLY A 88 -9.97 -3.20 -10.18
C GLY A 88 -8.76 -2.32 -10.43
N PRO A 89 -7.90 -2.69 -11.39
CA PRO A 89 -6.71 -1.91 -11.73
C PRO A 89 -7.05 -0.59 -12.42
N SER A 90 -7.94 -0.65 -13.39
CA SER A 90 -8.37 0.53 -14.13
C SER A 90 -9.48 0.20 -15.12
N SER A 91 -10.26 1.21 -15.48
CA SER A 91 -11.35 1.03 -16.42
C SER A 91 -11.02 1.64 -17.78
N GLY A 92 -9.73 1.64 -18.13
CA GLY A 92 -9.31 2.21 -19.40
C GLY A 92 -7.80 2.32 -19.50
N GLY A 1 -13.63 6.15 -13.19
CA GLY A 1 -14.20 7.21 -12.30
C GLY A 1 -13.12 8.03 -11.62
N SER A 2 -13.37 8.39 -10.37
CA SER A 2 -12.42 9.19 -9.61
C SER A 2 -11.65 8.33 -8.62
N SER A 3 -10.34 8.24 -8.80
CA SER A 3 -9.48 7.44 -7.94
C SER A 3 -8.12 8.10 -7.76
N GLY A 4 -8.05 9.04 -6.82
CA GLY A 4 -6.79 9.74 -6.57
C GLY A 4 -6.66 11.01 -7.38
N SER A 5 -6.05 12.03 -6.79
CA SER A 5 -5.85 13.30 -7.46
C SER A 5 -4.66 13.24 -8.41
N SER A 6 -4.77 12.38 -9.42
CA SER A 6 -3.70 12.22 -10.40
C SER A 6 -2.40 11.76 -9.73
N GLY A 7 -2.19 10.45 -9.72
CA GLY A 7 -0.99 9.90 -9.11
C GLY A 7 -1.24 8.57 -8.42
N PRO A 8 -1.37 8.58 -7.08
CA PRO A 8 -1.62 7.36 -6.31
C PRO A 8 -2.82 6.58 -6.84
N PRO A 9 -2.60 5.38 -7.39
CA PRO A 9 -3.68 4.54 -7.93
C PRO A 9 -4.60 4.03 -6.84
N LEU A 10 -4.02 3.67 -5.69
CA LEU A 10 -4.79 3.16 -4.57
C LEU A 10 -5.38 4.31 -3.74
N GLU A 11 -6.69 4.25 -3.50
CA GLU A 11 -7.37 5.28 -2.73
C GLU A 11 -6.85 5.30 -1.29
N ILE A 12 -6.54 6.51 -0.81
CA ILE A 12 -6.04 6.68 0.54
C ILE A 12 -7.16 6.52 1.57
N ASN A 13 -6.80 6.05 2.76
CA ASN A 13 -7.78 5.85 3.82
C ASN A 13 -8.87 4.87 3.40
N SER A 14 -8.49 3.91 2.55
CA SER A 14 -9.43 2.91 2.07
C SER A 14 -9.06 1.52 2.60
N ARG A 15 -9.96 0.56 2.39
CA ARG A 15 -9.73 -0.80 2.85
C ARG A 15 -9.29 -1.70 1.70
N VAL A 16 -8.15 -2.35 1.87
CA VAL A 16 -7.62 -3.24 0.83
C VAL A 16 -6.83 -4.39 1.45
N SER A 17 -6.84 -5.53 0.78
CA SER A 17 -6.13 -6.71 1.27
C SER A 17 -4.74 -6.80 0.63
N LEU A 18 -3.97 -7.80 1.05
CA LEU A 18 -2.63 -7.99 0.52
C LEU A 18 -2.31 -9.49 0.40
N LYS A 19 -1.70 -9.87 -0.72
CA LYS A 19 -1.34 -11.26 -0.95
C LYS A 19 -0.02 -11.61 -0.28
N VAL A 20 -0.10 -12.07 0.97
CA VAL A 20 1.09 -12.44 1.73
C VAL A 20 1.25 -13.95 1.79
N GLY A 21 2.39 -14.44 1.30
CA GLY A 21 2.65 -15.87 1.32
C GLY A 21 1.67 -16.65 0.46
N GLU A 22 0.81 -17.43 1.10
CA GLU A 22 -0.19 -18.22 0.39
C GLU A 22 -1.60 -17.86 0.84
N THR A 23 -1.77 -16.63 1.29
CA THR A 23 -3.07 -16.15 1.76
C THR A 23 -3.17 -14.63 1.65
N ILE A 24 -4.38 -14.10 1.84
CA ILE A 24 -4.60 -12.67 1.76
C ILE A 24 -4.85 -12.09 3.16
N GLU A 25 -4.59 -10.79 3.30
CA GLU A 25 -4.79 -10.11 4.58
C GLU A 25 -5.42 -8.74 4.38
N SER A 26 -6.61 -8.55 4.92
CA SER A 26 -7.31 -7.28 4.80
C SER A 26 -6.60 -6.18 5.58
N GLY A 27 -6.48 -5.01 4.97
CA GLY A 27 -5.82 -3.89 5.63
C GLY A 27 -6.32 -2.54 5.14
N THR A 28 -5.65 -1.47 5.56
CA THR A 28 -6.05 -0.13 5.16
C THR A 28 -4.94 0.54 4.35
N VAL A 29 -5.31 1.54 3.55
CA VAL A 29 -4.36 2.25 2.72
C VAL A 29 -3.80 3.48 3.45
N ILE A 30 -2.58 3.86 3.09
CA ILE A 30 -1.93 5.02 3.72
C ILE A 30 -0.85 5.59 2.81
N PHE A 31 -0.05 4.71 2.21
CA PHE A 31 1.03 5.13 1.33
C PHE A 31 0.99 4.35 0.01
N CYS A 32 1.14 5.08 -1.09
CA CYS A 32 1.12 4.46 -2.41
C CYS A 32 1.97 5.24 -3.40
N ASP A 33 3.19 4.75 -3.64
CA ASP A 33 4.11 5.41 -4.56
C ASP A 33 5.33 4.52 -4.84
N VAL A 34 6.22 5.02 -5.69
CA VAL A 34 7.42 4.27 -6.04
C VAL A 34 8.48 4.39 -4.96
N LEU A 35 9.57 3.65 -5.13
CA LEU A 35 10.67 3.66 -4.16
C LEU A 35 11.98 4.04 -4.83
N PRO A 36 12.92 4.62 -4.06
CA PRO A 36 14.22 5.04 -4.59
C PRO A 36 14.93 3.91 -5.32
N GLY A 37 15.31 4.18 -6.56
CA GLY A 37 16.01 3.17 -7.36
C GLY A 37 15.18 1.91 -7.55
N LYS A 38 13.86 2.07 -7.52
CA LYS A 38 12.95 0.95 -7.69
C LYS A 38 11.71 1.36 -8.50
N GLU A 39 11.89 2.31 -9.40
CA GLU A 39 10.79 2.79 -10.23
C GLU A 39 10.44 1.77 -11.31
N SER A 40 11.44 1.03 -11.77
CA SER A 40 11.25 0.02 -12.80
C SER A 40 10.44 -1.16 -12.26
N LEU A 41 10.60 -1.44 -10.98
CA LEU A 41 9.89 -2.54 -10.34
C LEU A 41 8.38 -2.33 -10.42
N GLY A 42 7.93 -1.15 -10.07
CA GLY A 42 6.51 -0.85 -10.11
C GLY A 42 6.12 0.29 -9.17
N TYR A 43 5.08 0.06 -8.37
CA TYR A 43 4.61 1.07 -7.43
C TYR A 43 4.31 0.44 -6.07
N PHE A 44 5.25 0.55 -5.15
CA PHE A 44 5.09 0.01 -3.80
C PHE A 44 3.93 0.69 -3.07
N VAL A 45 3.33 -0.02 -2.13
CA VAL A 45 2.22 0.53 -1.36
C VAL A 45 2.20 -0.04 0.06
N GLY A 46 2.05 0.85 1.04
CA GLY A 46 2.02 0.42 2.42
C GLY A 46 0.60 0.29 2.96
N VAL A 47 0.23 -0.91 3.35
CA VAL A 47 -1.11 -1.17 3.88
C VAL A 47 -1.07 -1.42 5.39
N ASP A 48 -1.90 -0.70 6.13
CA ASP A 48 -1.97 -0.85 7.57
C ASP A 48 -2.96 -1.94 7.97
N MET A 49 -2.45 -3.14 8.22
CA MET A 49 -3.30 -4.26 8.60
C MET A 49 -3.87 -4.06 10.00
N ASP A 50 -4.79 -4.94 10.39
CA ASP A 50 -5.42 -4.86 11.70
C ASP A 50 -4.56 -5.55 12.76
N ASN A 51 -3.88 -6.62 12.36
CA ASN A 51 -3.03 -7.37 13.26
C ASN A 51 -1.57 -6.93 13.13
N PRO A 52 -0.73 -7.26 14.13
CA PRO A 52 0.69 -6.88 14.11
C PRO A 52 1.47 -7.69 13.08
N ILE A 53 1.13 -7.51 11.81
CA ILE A 53 1.81 -8.21 10.72
C ILE A 53 2.54 -7.24 9.81
N GLY A 54 2.98 -6.13 10.37
CA GLY A 54 3.69 -5.13 9.60
C GLY A 54 5.19 -5.34 9.60
N ASN A 55 5.90 -4.68 8.69
CA ASN A 55 7.33 -4.80 8.59
C ASN A 55 7.94 -3.63 7.81
N TRP A 56 7.30 -2.48 7.91
CA TRP A 56 7.76 -1.29 7.22
C TRP A 56 7.30 -0.02 7.93
N ASP A 57 8.24 0.68 8.57
CA ASP A 57 7.93 1.91 9.30
C ASP A 57 7.65 3.05 8.33
N GLY A 58 8.28 3.00 7.16
CA GLY A 58 8.09 4.05 6.17
C GLY A 58 9.37 4.79 5.85
N ARG A 59 10.45 4.04 5.65
CA ARG A 59 11.75 4.64 5.34
C ARG A 59 12.51 3.77 4.34
N PHE A 60 13.62 4.30 3.84
CA PHE A 60 14.44 3.57 2.88
C PHE A 60 15.93 3.68 3.24
N ASP A 61 16.41 2.72 4.02
CA ASP A 61 17.80 2.72 4.44
C ASP A 61 18.14 3.96 5.26
N GLY A 62 17.14 4.46 5.99
CA GLY A 62 17.35 5.65 6.81
C GLY A 62 16.43 6.79 6.43
N VAL A 63 16.41 7.12 5.14
CA VAL A 63 15.57 8.20 4.65
C VAL A 63 14.09 7.91 4.90
N GLN A 64 13.38 8.89 5.46
CA GLN A 64 11.97 8.74 5.75
C GLN A 64 11.11 9.00 4.50
N LEU A 65 10.17 8.11 4.25
CA LEU A 65 9.29 8.23 3.09
C LEU A 65 7.85 8.45 3.53
N CYS A 66 7.40 7.67 4.51
CA CYS A 66 6.04 7.78 5.01
C CYS A 66 6.03 7.88 6.53
N SER A 67 5.39 8.92 7.05
CA SER A 67 5.31 9.12 8.49
C SER A 67 4.17 8.30 9.09
N PHE A 68 3.12 8.09 8.31
CA PHE A 68 1.96 7.32 8.76
C PHE A 68 2.33 5.85 8.93
N ALA A 69 3.25 5.37 8.08
CA ALA A 69 3.68 3.98 8.13
C ALA A 69 4.30 3.65 9.50
N CYS A 70 4.25 2.37 9.87
CA CYS A 70 4.80 1.93 11.14
C CYS A 70 5.24 0.48 11.07
N VAL A 71 6.45 0.20 11.55
CA VAL A 71 6.98 -1.16 11.55
C VAL A 71 6.26 -2.04 12.56
N GLU A 72 5.02 -2.39 12.24
CA GLU A 72 4.21 -3.24 13.12
C GLU A 72 2.93 -3.69 12.41
N SER A 73 2.32 -2.79 11.65
CA SER A 73 1.09 -3.11 10.93
C SER A 73 1.24 -2.81 9.44
N THR A 74 1.85 -1.67 9.14
CA THR A 74 2.05 -1.26 7.75
C THR A 74 2.89 -2.29 6.99
N ILE A 75 2.53 -2.53 5.74
CA ILE A 75 3.25 -3.49 4.90
C ILE A 75 3.44 -2.95 3.49
N LEU A 76 4.69 -2.70 3.11
CA LEU A 76 5.01 -2.20 1.78
C LEU A 76 5.15 -3.34 0.78
N LEU A 77 4.28 -3.33 -0.24
CA LEU A 77 4.30 -4.37 -1.26
C LEU A 77 3.79 -3.83 -2.59
N HIS A 78 3.92 -4.64 -3.64
CA HIS A 78 3.47 -4.24 -4.97
C HIS A 78 1.95 -4.12 -5.02
N ILE A 79 1.47 -3.06 -5.67
CA ILE A 79 0.02 -2.83 -5.79
C ILE A 79 -0.69 -4.08 -6.27
N ASN A 80 -0.07 -4.78 -7.22
CA ASN A 80 -0.64 -6.00 -7.76
C ASN A 80 -0.90 -7.01 -6.64
N ASP A 81 -0.11 -6.92 -5.58
CA ASP A 81 -0.26 -7.82 -4.44
C ASP A 81 -1.49 -7.44 -3.61
N ILE A 82 -1.87 -6.16 -3.69
CA ILE A 82 -3.02 -5.67 -2.94
C ILE A 82 -4.33 -6.10 -3.60
N ILE A 83 -5.34 -6.36 -2.79
CA ILE A 83 -6.64 -6.78 -3.30
C ILE A 83 -7.77 -5.93 -2.74
N PRO A 84 -8.10 -4.83 -3.42
CA PRO A 84 -9.17 -3.92 -2.99
C PRO A 84 -10.56 -4.47 -3.29
N GLU A 85 -11.58 -3.66 -3.03
CA GLU A 85 -12.96 -4.06 -3.28
C GLU A 85 -13.31 -5.33 -2.50
N SER A 86 -14.61 -5.63 -2.41
CA SER A 86 -15.06 -6.81 -1.69
C SER A 86 -14.72 -8.08 -2.47
N SER A 87 -14.69 -9.21 -1.77
CA SER A 87 -14.38 -10.49 -2.39
C SER A 87 -15.65 -11.25 -2.73
N GLY A 88 -15.97 -11.32 -4.02
CA GLY A 88 -17.16 -12.02 -4.45
C GLY A 88 -18.07 -11.16 -5.31
N PRO A 89 -18.80 -11.76 -6.27
CA PRO A 89 -19.71 -11.02 -7.15
C PRO A 89 -20.95 -10.52 -6.41
N SER A 90 -21.55 -11.40 -5.61
CA SER A 90 -22.74 -11.05 -4.86
C SER A 90 -22.57 -11.40 -3.39
N SER A 91 -23.64 -11.23 -2.61
CA SER A 91 -23.62 -11.53 -1.18
C SER A 91 -23.51 -13.03 -0.94
N GLY A 92 -24.13 -13.81 -1.82
CA GLY A 92 -24.10 -15.26 -1.68
C GLY A 92 -25.49 -15.87 -1.73
N GLY A 1 -6.81 22.76 -12.57
CA GLY A 1 -5.89 23.89 -12.27
C GLY A 1 -5.76 24.17 -10.78
N SER A 2 -6.91 24.25 -10.10
CA SER A 2 -6.93 24.51 -8.66
C SER A 2 -7.26 23.24 -7.89
N SER A 3 -8.12 22.41 -8.47
CA SER A 3 -8.53 21.16 -7.83
C SER A 3 -8.18 19.97 -8.70
N GLY A 4 -8.54 18.78 -8.23
CA GLY A 4 -8.25 17.57 -8.99
C GLY A 4 -6.99 16.88 -8.51
N SER A 5 -7.13 15.62 -8.09
CA SER A 5 -6.00 14.85 -7.60
C SER A 5 -6.11 13.38 -8.01
N SER A 6 -5.21 12.93 -8.86
CA SER A 6 -5.21 11.55 -9.32
C SER A 6 -3.81 11.10 -9.73
N GLY A 7 -3.00 10.74 -8.74
CA GLY A 7 -1.64 10.30 -9.01
C GLY A 7 -1.47 8.80 -8.83
N PRO A 8 -1.40 8.32 -7.58
CA PRO A 8 -1.24 6.89 -7.29
C PRO A 8 -2.46 6.07 -7.69
N PRO A 9 -2.25 4.79 -8.05
CA PRO A 9 -3.35 3.90 -8.46
C PRO A 9 -4.28 3.56 -7.31
N LEU A 10 -3.69 3.15 -6.18
CA LEU A 10 -4.47 2.78 -5.00
C LEU A 10 -4.98 4.02 -4.29
N GLU A 11 -6.27 3.99 -3.91
CA GLU A 11 -6.88 5.11 -3.21
C GLU A 11 -6.49 5.12 -1.74
N ILE A 12 -6.41 6.33 -1.17
CA ILE A 12 -6.05 6.47 0.24
C ILE A 12 -7.26 6.34 1.15
N ASN A 13 -7.03 5.99 2.41
CA ASN A 13 -8.10 5.83 3.37
C ASN A 13 -9.08 4.74 2.92
N SER A 14 -8.56 3.76 2.18
CA SER A 14 -9.39 2.67 1.69
C SER A 14 -8.96 1.34 2.30
N ARG A 15 -9.84 0.36 2.27
CA ARG A 15 -9.55 -0.95 2.82
C ARG A 15 -9.15 -1.94 1.72
N VAL A 16 -7.90 -2.35 1.73
CA VAL A 16 -7.39 -3.29 0.74
C VAL A 16 -6.62 -4.43 1.39
N SER A 17 -6.69 -5.61 0.78
CA SER A 17 -5.99 -6.79 1.30
C SER A 17 -4.62 -6.94 0.66
N LEU A 18 -3.79 -7.80 1.25
CA LEU A 18 -2.45 -8.05 0.74
C LEU A 18 -2.19 -9.54 0.59
N LYS A 19 -1.51 -9.91 -0.50
CA LYS A 19 -1.19 -11.31 -0.76
C LYS A 19 0.06 -11.73 0.00
N VAL A 20 -0.13 -12.45 1.10
CA VAL A 20 0.98 -12.92 1.91
C VAL A 20 1.15 -14.43 1.78
N GLY A 21 2.29 -14.84 1.22
CA GLY A 21 2.56 -16.25 1.05
C GLY A 21 1.53 -16.94 0.17
N GLU A 22 0.54 -17.58 0.81
CA GLU A 22 -0.51 -18.28 0.08
C GLU A 22 -1.88 -17.87 0.61
N THR A 23 -1.98 -16.66 1.14
CA THR A 23 -3.24 -16.17 1.68
C THR A 23 -3.32 -14.64 1.57
N ILE A 24 -4.51 -14.10 1.78
CA ILE A 24 -4.73 -12.66 1.70
C ILE A 24 -5.00 -12.07 3.08
N GLU A 25 -4.53 -10.85 3.31
CA GLU A 25 -4.73 -10.18 4.59
C GLU A 25 -5.30 -8.78 4.39
N SER A 26 -6.49 -8.54 4.93
CA SER A 26 -7.14 -7.24 4.81
C SER A 26 -6.33 -6.16 5.49
N GLY A 27 -6.31 -4.97 4.89
CA GLY A 27 -5.56 -3.87 5.46
C GLY A 27 -6.07 -2.51 4.98
N THR A 28 -5.50 -1.45 5.54
CA THR A 28 -5.92 -0.10 5.16
C THR A 28 -4.81 0.61 4.38
N VAL A 29 -5.21 1.51 3.48
CA VAL A 29 -4.26 2.25 2.67
C VAL A 29 -3.78 3.51 3.40
N ILE A 30 -2.57 3.96 3.06
CA ILE A 30 -2.00 5.16 3.67
C ILE A 30 -0.92 5.77 2.79
N PHE A 31 -0.07 4.93 2.22
CA PHE A 31 1.01 5.39 1.35
C PHE A 31 1.03 4.62 0.05
N CYS A 32 0.98 5.34 -1.07
CA CYS A 32 0.99 4.72 -2.39
C CYS A 32 1.84 5.53 -3.36
N ASP A 33 2.98 4.97 -3.76
CA ASP A 33 3.88 5.64 -4.69
C ASP A 33 5.07 4.75 -5.02
N VAL A 34 6.07 5.33 -5.68
CA VAL A 34 7.27 4.60 -6.07
C VAL A 34 8.39 4.81 -5.05
N LEU A 35 9.50 4.12 -5.26
CA LEU A 35 10.64 4.22 -4.36
C LEU A 35 11.93 4.49 -5.15
N PRO A 36 12.96 5.02 -4.47
CA PRO A 36 14.25 5.33 -5.11
C PRO A 36 14.84 4.13 -5.82
N GLY A 37 15.20 4.30 -7.09
CA GLY A 37 15.77 3.22 -7.86
C GLY A 37 14.86 2.01 -7.94
N LYS A 38 13.56 2.25 -7.86
CA LYS A 38 12.58 1.17 -7.92
C LYS A 38 11.30 1.63 -8.64
N GLU A 39 11.47 2.53 -9.59
CA GLU A 39 10.34 3.05 -10.35
C GLU A 39 9.91 2.07 -11.43
N SER A 40 10.89 1.34 -11.98
CA SER A 40 10.62 0.36 -13.02
C SER A 40 9.81 -0.81 -12.47
N LEU A 41 10.03 -1.12 -11.20
CA LEU A 41 9.33 -2.23 -10.55
C LEU A 41 7.81 -2.00 -10.59
N GLY A 42 7.39 -0.77 -10.29
CA GLY A 42 5.98 -0.45 -10.29
C GLY A 42 5.64 0.65 -9.32
N TYR A 43 4.62 0.41 -8.50
CA TYR A 43 4.18 1.40 -7.51
C TYR A 43 3.92 0.75 -6.17
N PHE A 44 4.88 0.83 -5.26
CA PHE A 44 4.76 0.25 -3.94
C PHE A 44 3.66 0.95 -3.14
N VAL A 45 3.07 0.23 -2.19
CA VAL A 45 2.01 0.79 -1.37
C VAL A 45 2.06 0.23 0.06
N GLY A 46 1.91 1.11 1.04
CA GLY A 46 1.92 0.69 2.43
C GLY A 46 0.53 0.42 2.96
N VAL A 47 0.27 -0.83 3.34
CA VAL A 47 -1.04 -1.21 3.87
C VAL A 47 -0.97 -1.45 5.38
N ASP A 48 -1.87 -0.80 6.11
CA ASP A 48 -1.92 -0.96 7.55
C ASP A 48 -2.95 -2.01 7.95
N MET A 49 -2.47 -3.19 8.30
CA MET A 49 -3.34 -4.29 8.70
C MET A 49 -3.95 -4.04 10.07
N ASP A 50 -4.90 -4.88 10.46
CA ASP A 50 -5.57 -4.75 11.75
C ASP A 50 -4.84 -5.55 12.81
N ASN A 51 -4.22 -6.66 12.41
CA ASN A 51 -3.49 -7.50 13.34
C ASN A 51 -1.99 -7.20 13.28
N PRO A 52 -1.24 -7.61 14.32
CA PRO A 52 0.21 -7.37 14.39
C PRO A 52 0.98 -8.24 13.39
N ILE A 53 1.06 -7.78 12.15
CA ILE A 53 1.77 -8.51 11.11
C ILE A 53 2.51 -7.55 10.17
N GLY A 54 2.86 -6.38 10.68
CA GLY A 54 3.57 -5.41 9.88
C GLY A 54 5.07 -5.63 9.87
N ASN A 55 5.79 -4.78 9.17
CA ASN A 55 7.25 -4.89 9.08
C ASN A 55 7.84 -3.75 8.27
N TRP A 56 7.27 -2.55 8.43
CA TRP A 56 7.74 -1.38 7.71
C TRP A 56 7.57 -0.12 8.55
N ASP A 57 8.68 0.57 8.80
CA ASP A 57 8.66 1.79 9.60
C ASP A 57 8.66 3.02 8.71
N GLY A 58 8.13 2.88 7.49
CA GLY A 58 8.09 3.98 6.56
C GLY A 58 9.46 4.57 6.28
N ARG A 59 10.41 3.71 5.92
CA ARG A 59 11.76 4.15 5.62
C ARG A 59 12.38 3.30 4.51
N PHE A 60 13.40 3.85 3.85
CA PHE A 60 14.08 3.15 2.77
C PHE A 60 15.59 3.26 2.92
N ASP A 61 16.18 2.30 3.64
CA ASP A 61 17.62 2.28 3.85
C ASP A 61 18.06 3.49 4.68
N GLY A 62 17.16 4.00 5.51
CA GLY A 62 17.48 5.15 6.33
C GLY A 62 16.59 6.34 6.06
N VAL A 63 16.34 6.62 4.78
CA VAL A 63 15.49 7.73 4.39
C VAL A 63 14.02 7.44 4.68
N GLN A 64 13.37 8.35 5.38
CA GLN A 64 11.96 8.20 5.73
C GLN A 64 11.06 8.64 4.58
N LEU A 65 10.23 7.72 4.09
CA LEU A 65 9.32 8.02 3.00
C LEU A 65 7.89 8.17 3.49
N CYS A 66 7.47 7.25 4.37
CA CYS A 66 6.13 7.27 4.92
C CYS A 66 6.16 7.62 6.40
N SER A 67 5.70 8.82 6.73
CA SER A 67 5.67 9.27 8.12
C SER A 67 4.59 8.54 8.92
N PHE A 68 3.53 8.14 8.23
CA PHE A 68 2.43 7.42 8.87
C PHE A 68 2.59 5.91 8.70
N ALA A 69 3.82 5.44 8.84
CA ALA A 69 4.10 4.01 8.71
C ALA A 69 4.84 3.48 9.94
N CYS A 70 4.14 2.69 10.74
CA CYS A 70 4.71 2.11 11.94
C CYS A 70 5.02 0.63 11.76
N VAL A 71 6.23 0.23 12.12
CA VAL A 71 6.64 -1.17 11.99
C VAL A 71 5.83 -2.06 12.93
N GLU A 72 4.60 -2.35 12.55
CA GLU A 72 3.72 -3.19 13.35
C GLU A 72 2.52 -3.67 12.54
N SER A 73 1.94 -2.76 11.76
CA SER A 73 0.78 -3.09 10.94
C SER A 73 1.01 -2.70 9.48
N THR A 74 1.61 -1.54 9.28
CA THR A 74 1.89 -1.05 7.92
C THR A 74 2.82 -2.00 7.18
N ILE A 75 2.56 -2.18 5.88
CA ILE A 75 3.37 -3.06 5.05
C ILE A 75 3.47 -2.52 3.63
N LEU A 76 4.69 -2.17 3.22
CA LEU A 76 4.92 -1.65 1.88
C LEU A 76 5.17 -2.78 0.89
N LEU A 77 4.30 -2.89 -0.11
CA LEU A 77 4.44 -3.94 -1.12
C LEU A 77 3.93 -3.45 -2.47
N HIS A 78 4.00 -4.33 -3.47
CA HIS A 78 3.56 -3.99 -4.82
C HIS A 78 2.03 -4.01 -4.90
N ILE A 79 1.46 -2.99 -5.54
CA ILE A 79 0.02 -2.89 -5.70
C ILE A 79 -0.56 -4.20 -6.22
N ASN A 80 0.17 -4.86 -7.10
CA ASN A 80 -0.26 -6.13 -7.67
C ASN A 80 -0.49 -7.15 -6.56
N ASP A 81 0.23 -7.00 -5.46
CA ASP A 81 0.10 -7.91 -4.33
C ASP A 81 -1.05 -7.50 -3.42
N ILE A 82 -1.76 -6.43 -3.79
CA ILE A 82 -2.87 -5.95 -3.00
C ILE A 82 -4.20 -6.36 -3.62
N ILE A 83 -5.21 -6.57 -2.78
CA ILE A 83 -6.53 -6.97 -3.25
C ILE A 83 -7.63 -6.13 -2.60
N PRO A 84 -8.03 -5.02 -3.24
CA PRO A 84 -9.07 -4.13 -2.71
C PRO A 84 -10.45 -4.79 -2.76
N GLU A 85 -11.48 -3.99 -2.53
CA GLU A 85 -12.85 -4.48 -2.56
C GLU A 85 -13.45 -4.40 -3.95
N SER A 86 -13.19 -5.43 -4.74
CA SER A 86 -13.70 -5.48 -6.12
C SER A 86 -15.08 -6.15 -6.16
N SER A 87 -16.12 -5.34 -6.01
CA SER A 87 -17.49 -5.84 -6.04
C SER A 87 -18.49 -4.70 -5.91
N GLY A 88 -19.50 -4.71 -6.78
CA GLY A 88 -20.51 -3.67 -6.75
C GLY A 88 -21.92 -4.23 -6.69
N PRO A 89 -22.22 -5.06 -5.67
CA PRO A 89 -23.55 -5.66 -5.52
C PRO A 89 -24.61 -4.63 -5.10
N SER A 90 -24.84 -3.65 -5.97
CA SER A 90 -25.82 -2.61 -5.70
C SER A 90 -27.19 -2.97 -6.29
N SER A 91 -28.18 -3.09 -5.43
CA SER A 91 -29.53 -3.43 -5.86
C SER A 91 -29.55 -4.79 -6.56
N GLY A 92 -30.74 -5.21 -6.99
CA GLY A 92 -30.86 -6.48 -7.66
C GLY A 92 -32.19 -6.64 -8.37
N GLY A 1 -0.39 23.17 -1.11
CA GLY A 1 -0.10 21.80 -1.63
C GLY A 1 -1.35 20.96 -1.76
N SER A 2 -2.44 21.58 -2.19
CA SER A 2 -3.71 20.89 -2.37
C SER A 2 -3.67 19.99 -3.60
N SER A 3 -4.02 18.72 -3.41
CA SER A 3 -4.02 17.76 -4.51
C SER A 3 -5.40 17.15 -4.69
N GLY A 4 -6.03 16.77 -3.57
CA GLY A 4 -7.36 16.18 -3.63
C GLY A 4 -7.36 14.84 -4.34
N SER A 5 -7.68 14.85 -5.62
CA SER A 5 -7.73 13.62 -6.41
C SER A 5 -6.55 13.57 -7.39
N SER A 6 -6.58 12.58 -8.28
CA SER A 6 -5.53 12.42 -9.27
C SER A 6 -4.19 12.13 -8.60
N GLY A 7 -3.35 11.35 -9.27
CA GLY A 7 -2.04 11.02 -8.72
C GLY A 7 -1.87 9.54 -8.49
N PRO A 8 -1.64 9.11 -7.23
CA PRO A 8 -1.46 7.69 -6.89
C PRO A 8 -2.61 6.83 -7.39
N PRO A 9 -2.35 5.56 -7.71
CA PRO A 9 -3.38 4.63 -8.21
C PRO A 9 -4.30 4.16 -7.08
N LEU A 10 -3.72 3.80 -5.95
CA LEU A 10 -4.49 3.32 -4.81
C LEU A 10 -5.04 4.50 -4.00
N GLU A 11 -6.35 4.48 -3.76
CA GLU A 11 -7.01 5.54 -3.00
C GLU A 11 -6.56 5.52 -1.54
N ILE A 12 -6.39 6.69 -0.96
CA ILE A 12 -5.95 6.82 0.43
C ILE A 12 -7.14 6.66 1.38
N ASN A 13 -6.85 6.23 2.60
CA ASN A 13 -7.89 6.04 3.61
C ASN A 13 -8.90 4.99 3.14
N SER A 14 -8.43 4.03 2.36
CA SER A 14 -9.30 2.96 1.86
C SER A 14 -8.88 1.61 2.42
N ARG A 15 -9.76 0.62 2.29
CA ARG A 15 -9.48 -0.73 2.79
C ARG A 15 -9.09 -1.66 1.64
N VAL A 16 -7.93 -2.29 1.77
CA VAL A 16 -7.45 -3.22 0.75
C VAL A 16 -6.69 -4.38 1.38
N SER A 17 -6.76 -5.54 0.73
CA SER A 17 -6.08 -6.73 1.22
C SER A 17 -4.69 -6.88 0.60
N LEU A 18 -3.94 -7.85 1.06
CA LEU A 18 -2.59 -8.10 0.55
C LEU A 18 -2.34 -9.59 0.35
N LYS A 19 -1.79 -9.94 -0.81
CA LYS A 19 -1.52 -11.33 -1.13
C LYS A 19 -0.15 -11.76 -0.57
N VAL A 20 -0.18 -12.48 0.54
CA VAL A 20 1.05 -12.94 1.18
C VAL A 20 1.14 -14.46 1.16
N GLY A 21 2.18 -14.98 0.51
CA GLY A 21 2.36 -16.42 0.44
C GLY A 21 1.20 -17.11 -0.25
N GLU A 22 0.39 -17.83 0.54
CA GLU A 22 -0.76 -18.55 0.02
C GLU A 22 -2.04 -18.11 0.72
N THR A 23 -2.07 -16.85 1.13
CA THR A 23 -3.24 -16.30 1.81
C THR A 23 -3.31 -14.79 1.65
N ILE A 24 -4.45 -14.20 2.02
CA ILE A 24 -4.63 -12.76 1.91
C ILE A 24 -4.83 -12.13 3.28
N GLU A 25 -4.63 -10.82 3.37
CA GLU A 25 -4.78 -10.10 4.62
C GLU A 25 -5.37 -8.71 4.39
N SER A 26 -6.56 -8.48 4.94
CA SER A 26 -7.23 -7.19 4.79
C SER A 26 -6.47 -6.10 5.53
N GLY A 27 -6.34 -4.94 4.89
CA GLY A 27 -5.64 -3.83 5.50
C GLY A 27 -6.14 -2.48 5.02
N THR A 28 -5.51 -1.41 5.51
CA THR A 28 -5.90 -0.06 5.11
C THR A 28 -4.82 0.60 4.27
N VAL A 29 -5.22 1.60 3.49
CA VAL A 29 -4.28 2.31 2.62
C VAL A 29 -3.79 3.59 3.28
N ILE A 30 -2.46 3.72 3.42
CA ILE A 30 -1.87 4.90 4.02
C ILE A 30 -0.85 5.55 3.09
N PHE A 31 -0.08 4.73 2.39
CA PHE A 31 0.93 5.23 1.47
C PHE A 31 0.82 4.54 0.12
N CYS A 32 1.32 5.19 -0.92
CA CYS A 32 1.27 4.64 -2.27
C CYS A 32 2.14 5.45 -3.23
N ASP A 33 3.31 4.92 -3.56
CA ASP A 33 4.22 5.60 -4.47
C ASP A 33 5.44 4.72 -4.78
N VAL A 34 6.45 5.32 -5.39
CA VAL A 34 7.67 4.60 -5.74
C VAL A 34 8.75 4.79 -4.68
N LEU A 35 9.78 3.97 -4.73
CA LEU A 35 10.88 4.04 -3.78
C LEU A 35 12.19 4.43 -4.47
N PRO A 36 13.17 4.93 -3.70
CA PRO A 36 14.46 5.33 -4.26
C PRO A 36 15.11 4.25 -5.10
N GLY A 37 15.42 4.59 -6.34
CA GLY A 37 16.04 3.63 -7.25
C GLY A 37 15.18 2.39 -7.44
N LYS A 38 13.87 2.56 -7.39
CA LYS A 38 12.94 1.45 -7.57
C LYS A 38 11.66 1.91 -8.26
N GLU A 39 11.80 2.92 -9.11
CA GLU A 39 10.65 3.45 -9.84
C GLU A 39 10.31 2.57 -11.03
N SER A 40 11.32 1.93 -11.61
CA SER A 40 11.12 1.04 -12.75
C SER A 40 10.40 -0.23 -12.33
N LEU A 41 10.63 -0.67 -11.10
CA LEU A 41 10.01 -1.88 -10.58
C LEU A 41 8.49 -1.76 -10.59
N GLY A 42 7.99 -0.62 -10.13
CA GLY A 42 6.56 -0.39 -10.11
C GLY A 42 6.16 0.69 -9.13
N TYR A 43 5.10 0.43 -8.35
CA TYR A 43 4.61 1.38 -7.37
C TYR A 43 4.26 0.69 -6.07
N PHE A 44 5.20 0.70 -5.12
CA PHE A 44 4.98 0.07 -3.82
C PHE A 44 3.84 0.75 -3.07
N VAL A 45 3.33 0.07 -2.04
CA VAL A 45 2.24 0.61 -1.24
C VAL A 45 2.28 0.07 0.18
N GLY A 46 2.08 0.95 1.15
CA GLY A 46 2.09 0.54 2.53
C GLY A 46 0.70 0.32 3.09
N VAL A 47 0.36 -0.94 3.34
CA VAL A 47 -0.96 -1.28 3.87
C VAL A 47 -0.92 -1.45 5.39
N ASP A 48 -1.80 -0.73 6.08
CA ASP A 48 -1.87 -0.81 7.54
C ASP A 48 -2.88 -1.86 7.98
N MET A 49 -2.41 -3.06 8.26
CA MET A 49 -3.28 -4.14 8.69
C MET A 49 -4.03 -3.77 9.96
N ASP A 50 -5.08 -4.53 10.28
CA ASP A 50 -5.88 -4.28 11.47
C ASP A 50 -5.20 -4.84 12.71
N ASN A 51 -4.46 -5.93 12.53
CA ASN A 51 -3.75 -6.56 13.64
C ASN A 51 -2.25 -6.31 13.56
N PRO A 52 -1.54 -6.46 14.68
CA PRO A 52 -0.09 -6.24 14.73
C PRO A 52 0.69 -7.31 13.96
N ILE A 53 0.77 -7.15 12.64
CA ILE A 53 1.47 -8.11 11.79
C ILE A 53 2.25 -7.39 10.70
N GLY A 54 2.70 -6.18 10.98
CA GLY A 54 3.46 -5.41 10.02
C GLY A 54 4.95 -5.67 10.11
N ASN A 55 5.74 -4.84 9.42
CA ASN A 55 7.19 -4.99 9.42
C ASN A 55 7.85 -3.87 8.63
N TRP A 56 7.29 -2.66 8.74
CA TRP A 56 7.83 -1.51 8.03
C TRP A 56 7.48 -0.21 8.74
N ASP A 57 8.49 0.58 9.07
CA ASP A 57 8.28 1.85 9.76
C ASP A 57 7.81 2.93 8.78
N GLY A 58 8.22 2.79 7.52
CA GLY A 58 7.83 3.76 6.51
C GLY A 58 9.02 4.51 5.95
N ARG A 59 10.18 3.87 5.94
CA ARG A 59 11.40 4.48 5.42
C ARG A 59 12.13 3.52 4.49
N PHE A 60 13.22 4.01 3.89
CA PHE A 60 14.01 3.19 2.98
C PHE A 60 15.50 3.34 3.26
N ASP A 61 16.03 2.50 4.13
CA ASP A 61 17.45 2.55 4.49
C ASP A 61 17.84 3.92 5.03
N GLY A 62 16.88 4.60 5.65
CA GLY A 62 17.15 5.92 6.19
C GLY A 62 16.12 6.95 5.77
N VAL A 63 16.00 7.17 4.46
CA VAL A 63 15.05 8.14 3.93
C VAL A 63 13.63 7.78 4.34
N GLN A 64 12.90 8.77 4.85
CA GLN A 64 11.52 8.57 5.27
C GLN A 64 10.55 8.73 4.10
N LEU A 65 9.66 7.75 3.93
CA LEU A 65 8.69 7.80 2.84
C LEU A 65 7.27 7.93 3.40
N CYS A 66 7.00 7.24 4.50
CA CYS A 66 5.69 7.29 5.13
C CYS A 66 5.81 7.57 6.62
N SER A 67 5.37 8.76 7.03
CA SER A 67 5.43 9.15 8.43
C SER A 67 4.36 8.44 9.24
N PHE A 68 3.16 8.34 8.67
CA PHE A 68 2.06 7.67 9.34
C PHE A 68 2.32 6.18 9.50
N ALA A 69 3.25 5.65 8.73
CA ALA A 69 3.60 4.24 8.80
C ALA A 69 4.20 3.88 10.15
N CYS A 70 4.43 2.59 10.36
CA CYS A 70 5.01 2.12 11.62
C CYS A 70 5.27 0.62 11.56
N VAL A 71 6.44 0.22 12.05
CA VAL A 71 6.82 -1.19 12.07
C VAL A 71 5.98 -1.98 13.06
N GLU A 72 4.69 -2.11 12.77
CA GLU A 72 3.78 -2.84 13.63
C GLU A 72 2.63 -3.44 12.84
N SER A 73 2.04 -2.64 11.95
CA SER A 73 0.93 -3.08 11.13
C SER A 73 1.15 -2.76 9.65
N THR A 74 1.72 -1.59 9.38
CA THR A 74 1.99 -1.16 8.02
C THR A 74 2.91 -2.14 7.30
N ILE A 75 2.67 -2.35 6.02
CA ILE A 75 3.48 -3.25 5.21
C ILE A 75 3.61 -2.75 3.77
N LEU A 76 4.84 -2.55 3.33
CA LEU A 76 5.10 -2.07 1.98
C LEU A 76 5.19 -3.23 1.00
N LEU A 77 4.33 -3.22 -0.01
CA LEU A 77 4.31 -4.27 -1.02
C LEU A 77 3.87 -3.73 -2.37
N HIS A 78 3.96 -4.57 -3.40
CA HIS A 78 3.57 -4.18 -4.75
C HIS A 78 2.05 -4.10 -4.87
N ILE A 79 1.57 -3.05 -5.52
CA ILE A 79 0.14 -2.86 -5.71
C ILE A 79 -0.53 -4.11 -6.27
N ASN A 80 0.17 -4.78 -7.19
CA ASN A 80 -0.33 -6.00 -7.79
C ASN A 80 -0.62 -7.05 -6.72
N ASP A 81 0.08 -6.94 -5.60
CA ASP A 81 -0.11 -7.88 -4.49
C ASP A 81 -1.32 -7.49 -3.65
N ILE A 82 -1.70 -6.22 -3.71
CA ILE A 82 -2.85 -5.73 -2.96
C ILE A 82 -4.16 -6.19 -3.60
N ILE A 83 -5.18 -6.41 -2.76
CA ILE A 83 -6.48 -6.84 -3.25
C ILE A 83 -7.60 -6.00 -2.65
N PRO A 84 -7.97 -4.90 -3.32
CA PRO A 84 -9.03 -4.01 -2.85
C PRO A 84 -10.43 -4.62 -3.03
N GLU A 85 -11.45 -3.79 -2.85
CA GLU A 85 -12.83 -4.24 -2.99
C GLU A 85 -13.38 -3.89 -4.37
N SER A 86 -14.40 -4.63 -4.80
CA SER A 86 -15.02 -4.39 -6.10
C SER A 86 -16.52 -4.18 -5.96
N SER A 87 -17.15 -3.72 -7.04
CA SER A 87 -18.59 -3.49 -7.02
C SER A 87 -18.96 -2.43 -5.99
N GLY A 88 -20.10 -1.77 -6.20
CA GLY A 88 -20.55 -0.75 -5.28
C GLY A 88 -21.07 0.49 -5.99
N PRO A 89 -20.22 1.16 -6.79
CA PRO A 89 -20.63 2.36 -7.53
C PRO A 89 -21.62 2.05 -8.64
N SER A 90 -22.45 3.03 -8.97
CA SER A 90 -23.44 2.87 -10.03
C SER A 90 -23.21 3.87 -11.16
N SER A 91 -22.86 5.09 -10.79
CA SER A 91 -22.60 6.14 -11.78
C SER A 91 -23.86 6.46 -12.56
N GLY A 92 -24.64 7.42 -12.06
CA GLY A 92 -25.87 7.80 -12.74
C GLY A 92 -26.76 8.68 -11.88
N GLY A 1 -16.54 9.50 -6.39
CA GLY A 1 -17.05 9.78 -7.77
C GLY A 1 -16.19 10.80 -8.50
N SER A 2 -14.90 10.57 -8.54
CA SER A 2 -13.97 11.47 -9.21
C SER A 2 -14.13 11.39 -10.73
N SER A 3 -14.30 12.54 -11.36
CA SER A 3 -14.46 12.60 -12.81
C SER A 3 -13.16 13.04 -13.49
N GLY A 4 -12.36 12.08 -13.93
CA GLY A 4 -11.11 12.39 -14.58
C GLY A 4 -10.02 11.39 -14.27
N SER A 5 -8.76 11.82 -14.36
CA SER A 5 -7.63 10.94 -14.09
C SER A 5 -7.02 11.26 -12.73
N SER A 6 -6.79 10.22 -11.93
CA SER A 6 -6.20 10.38 -10.61
C SER A 6 -4.74 9.95 -10.60
N GLY A 7 -3.96 10.53 -9.69
CA GLY A 7 -2.55 10.20 -9.60
C GLY A 7 -2.33 8.73 -9.30
N PRO A 8 -2.21 8.36 -8.02
CA PRO A 8 -1.99 6.97 -7.62
C PRO A 8 -3.23 6.10 -7.84
N PRO A 9 -3.05 4.85 -8.33
CA PRO A 9 -4.16 3.95 -8.57
C PRO A 9 -4.98 3.67 -7.31
N LEU A 10 -4.34 3.11 -6.30
CA LEU A 10 -4.99 2.79 -5.05
C LEU A 10 -5.53 4.07 -4.39
N GLU A 11 -6.62 3.92 -3.64
CA GLU A 11 -7.23 5.05 -2.95
C GLU A 11 -6.58 5.28 -1.59
N ILE A 12 -6.89 6.41 -0.97
CA ILE A 12 -6.34 6.74 0.34
C ILE A 12 -7.34 6.48 1.45
N ASN A 13 -6.87 5.95 2.57
CA ASN A 13 -7.72 5.64 3.70
C ASN A 13 -8.80 4.64 3.32
N SER A 14 -8.48 3.76 2.37
CA SER A 14 -9.42 2.74 1.92
C SER A 14 -9.07 1.37 2.48
N ARG A 15 -9.94 0.40 2.23
CA ARG A 15 -9.72 -0.96 2.72
C ARG A 15 -9.22 -1.86 1.60
N VAL A 16 -8.01 -2.38 1.76
CA VAL A 16 -7.42 -3.27 0.77
C VAL A 16 -6.65 -4.41 1.42
N SER A 17 -6.70 -5.59 0.80
CA SER A 17 -6.01 -6.75 1.33
C SER A 17 -4.63 -6.91 0.69
N LEU A 18 -3.84 -7.85 1.20
CA LEU A 18 -2.50 -8.10 0.69
C LEU A 18 -2.22 -9.59 0.59
N LYS A 19 -1.49 -9.99 -0.44
CA LYS A 19 -1.15 -11.39 -0.65
C LYS A 19 0.17 -11.74 0.03
N VAL A 20 0.06 -12.40 1.19
CA VAL A 20 1.24 -12.80 1.94
C VAL A 20 1.34 -14.31 2.06
N GLY A 21 2.32 -14.89 1.37
CA GLY A 21 2.51 -16.33 1.41
C GLY A 21 1.47 -17.07 0.59
N GLU A 22 0.58 -17.79 1.26
CA GLU A 22 -0.47 -18.55 0.58
C GLU A 22 -1.84 -18.13 1.07
N THR A 23 -1.97 -16.85 1.44
CA THR A 23 -3.23 -16.32 1.93
C THR A 23 -3.27 -14.80 1.78
N ILE A 24 -4.44 -14.22 2.05
CA ILE A 24 -4.60 -12.77 1.95
C ILE A 24 -4.85 -12.15 3.32
N GLU A 25 -4.66 -10.84 3.43
CA GLU A 25 -4.87 -10.14 4.68
C GLU A 25 -5.42 -8.74 4.44
N SER A 26 -6.65 -8.50 4.92
CA SER A 26 -7.29 -7.20 4.75
C SER A 26 -6.51 -6.11 5.49
N GLY A 27 -6.48 -4.91 4.91
CA GLY A 27 -5.77 -3.81 5.54
C GLY A 27 -6.27 -2.46 5.06
N THR A 28 -5.64 -1.39 5.54
CA THR A 28 -6.01 -0.04 5.16
C THR A 28 -4.90 0.64 4.37
N VAL A 29 -5.29 1.56 3.50
CA VAL A 29 -4.31 2.29 2.68
C VAL A 29 -3.81 3.54 3.41
N ILE A 30 -2.60 3.98 3.04
CA ILE A 30 -2.01 5.17 3.67
C ILE A 30 -0.95 5.77 2.77
N PHE A 31 -0.11 4.92 2.18
CA PHE A 31 0.95 5.39 1.29
C PHE A 31 0.92 4.64 -0.03
N CYS A 32 0.88 5.40 -1.12
CA CYS A 32 0.85 4.81 -2.46
C CYS A 32 1.72 5.60 -3.43
N ASP A 33 2.92 5.10 -3.69
CA ASP A 33 3.85 5.76 -4.60
C ASP A 33 5.06 4.88 -4.87
N VAL A 34 6.08 5.47 -5.51
CA VAL A 34 7.30 4.73 -5.82
C VAL A 34 8.39 5.02 -4.79
N LEU A 35 9.55 4.38 -4.98
CA LEU A 35 10.67 4.57 -4.06
C LEU A 35 11.93 5.00 -4.83
N PRO A 36 12.92 5.55 -4.12
CA PRO A 36 14.18 6.00 -4.73
C PRO A 36 14.82 4.92 -5.58
N GLY A 37 15.12 5.26 -6.83
CA GLY A 37 15.73 4.29 -7.72
C GLY A 37 14.87 3.07 -7.97
N LYS A 38 13.55 3.25 -7.83
CA LYS A 38 12.62 2.15 -8.03
C LYS A 38 11.30 2.66 -8.62
N GLU A 39 11.38 3.73 -9.39
CA GLU A 39 10.19 4.32 -10.00
C GLU A 39 9.73 3.49 -11.20
N SER A 40 10.69 2.85 -11.88
CA SER A 40 10.38 2.02 -13.04
C SER A 40 9.87 0.66 -12.61
N LEU A 41 10.28 0.22 -11.42
CA LEU A 41 9.87 -1.09 -10.90
C LEU A 41 8.35 -1.18 -10.83
N GLY A 42 7.70 -0.09 -10.43
CA GLY A 42 6.26 -0.08 -10.34
C GLY A 42 5.75 1.00 -9.38
N TYR A 43 4.82 0.62 -8.51
CA TYR A 43 4.25 1.56 -7.56
C TYR A 43 4.03 0.89 -6.20
N PHE A 44 4.98 1.08 -5.29
CA PHE A 44 4.90 0.50 -3.96
C PHE A 44 3.76 1.13 -3.16
N VAL A 45 3.22 0.37 -2.21
CA VAL A 45 2.12 0.86 -1.38
C VAL A 45 2.16 0.21 0.00
N GLY A 46 1.90 1.01 1.03
CA GLY A 46 1.89 0.50 2.39
C GLY A 46 0.50 0.32 2.94
N VAL A 47 0.15 -0.91 3.26
CA VAL A 47 -1.17 -1.22 3.80
C VAL A 47 -1.11 -1.49 5.31
N ASP A 48 -1.90 -0.74 6.06
CA ASP A 48 -1.94 -0.89 7.52
C ASP A 48 -2.94 -1.97 7.93
N MET A 49 -2.44 -3.17 8.20
CA MET A 49 -3.30 -4.27 8.60
C MET A 49 -3.89 -4.03 9.99
N ASP A 50 -4.98 -4.72 10.28
CA ASP A 50 -5.64 -4.59 11.58
C ASP A 50 -4.89 -5.35 12.66
N ASN A 51 -4.27 -6.45 12.28
CA ASN A 51 -3.50 -7.27 13.22
C ASN A 51 -2.00 -7.03 13.06
N PRO A 52 -1.24 -7.21 14.15
CA PRO A 52 0.22 -7.00 14.13
C PRO A 52 0.94 -8.07 13.31
N ILE A 53 1.06 -7.82 12.01
CA ILE A 53 1.72 -8.76 11.11
C ILE A 53 2.46 -8.03 10.00
N GLY A 54 2.87 -6.79 10.28
CA GLY A 54 3.59 -6.01 9.29
C GLY A 54 5.09 -6.19 9.38
N ASN A 55 5.83 -5.30 8.73
CA ASN A 55 7.28 -5.37 8.74
C ASN A 55 7.89 -4.16 8.03
N TRP A 56 7.27 -3.01 8.20
CA TRP A 56 7.74 -1.78 7.57
C TRP A 56 7.30 -0.55 8.37
N ASP A 57 8.27 0.16 8.93
CA ASP A 57 7.98 1.35 9.71
C ASP A 57 7.71 2.55 8.82
N GLY A 58 8.35 2.57 7.65
CA GLY A 58 8.16 3.66 6.71
C GLY A 58 9.46 4.34 6.34
N ARG A 59 10.42 3.55 5.87
CA ARG A 59 11.72 4.09 5.47
C ARG A 59 12.29 3.32 4.29
N PHE A 60 13.32 3.90 3.65
CA PHE A 60 13.94 3.26 2.50
C PHE A 60 15.46 3.24 2.66
N ASP A 61 15.97 2.16 3.26
CA ASP A 61 17.41 2.01 3.48
C ASP A 61 17.94 3.10 4.39
N GLY A 62 17.08 3.59 5.30
CA GLY A 62 17.49 4.64 6.21
C GLY A 62 16.59 5.86 6.13
N VAL A 63 16.48 6.42 4.94
CA VAL A 63 15.66 7.61 4.73
C VAL A 63 14.20 7.34 5.10
N GLN A 64 13.54 8.36 5.65
CA GLN A 64 12.15 8.23 6.06
C GLN A 64 11.21 8.82 5.01
N LEU A 65 10.17 8.07 4.67
CA LEU A 65 9.20 8.52 3.67
C LEU A 65 7.79 8.48 4.23
N CYS A 66 7.46 7.39 4.91
CA CYS A 66 6.14 7.22 5.51
C CYS A 66 6.20 7.31 7.03
N SER A 67 5.94 8.49 7.57
CA SER A 67 5.96 8.71 9.00
C SER A 67 4.79 8.02 9.68
N PHE A 68 3.66 7.97 8.97
CA PHE A 68 2.46 7.35 9.50
C PHE A 68 2.62 5.83 9.60
N ALA A 69 3.40 5.27 8.68
CA ALA A 69 3.64 3.84 8.67
C ALA A 69 4.30 3.37 9.96
N CYS A 70 4.11 2.10 10.30
CA CYS A 70 4.68 1.53 11.51
C CYS A 70 4.99 0.05 11.33
N VAL A 71 6.15 -0.37 11.82
CA VAL A 71 6.56 -1.76 11.71
C VAL A 71 5.69 -2.66 12.58
N GLU A 72 4.45 -2.89 12.13
CA GLU A 72 3.52 -3.74 12.86
C GLU A 72 2.29 -4.06 12.01
N SER A 73 1.80 -3.06 11.29
CA SER A 73 0.63 -3.24 10.44
C SER A 73 0.92 -2.79 9.00
N THR A 74 1.56 -1.64 8.88
CA THR A 74 1.91 -1.10 7.56
C THR A 74 2.89 -2.02 6.83
N ILE A 75 2.51 -2.42 5.62
CA ILE A 75 3.35 -3.30 4.81
C ILE A 75 3.52 -2.76 3.41
N LEU A 76 4.75 -2.38 3.07
CA LEU A 76 5.05 -1.84 1.74
C LEU A 76 5.22 -2.96 0.73
N LEU A 77 4.31 -3.02 -0.25
CA LEU A 77 4.36 -4.04 -1.28
C LEU A 77 3.79 -3.52 -2.59
N HIS A 78 4.05 -4.24 -3.67
CA HIS A 78 3.57 -3.84 -4.99
C HIS A 78 2.04 -3.88 -5.05
N ILE A 79 1.45 -2.85 -5.66
CA ILE A 79 0.00 -2.76 -5.78
C ILE A 79 -0.58 -4.08 -6.29
N ASN A 80 0.13 -4.72 -7.20
CA ASN A 80 -0.31 -5.99 -7.77
C ASN A 80 -0.50 -7.02 -6.66
N ASP A 81 0.26 -6.87 -5.58
CA ASP A 81 0.16 -7.79 -4.45
C ASP A 81 -1.07 -7.47 -3.60
N ILE A 82 -1.54 -6.24 -3.70
CA ILE A 82 -2.71 -5.80 -2.93
C ILE A 82 -4.00 -6.34 -3.55
N ILE A 83 -5.02 -6.51 -2.73
CA ILE A 83 -6.31 -7.01 -3.21
C ILE A 83 -7.47 -6.23 -2.57
N PRO A 84 -7.90 -5.13 -3.21
CA PRO A 84 -8.99 -4.31 -2.71
C PRO A 84 -10.33 -5.04 -2.73
N GLU A 85 -11.35 -4.43 -2.13
CA GLU A 85 -12.68 -5.03 -2.09
C GLU A 85 -13.63 -4.32 -3.04
N SER A 86 -13.65 -4.78 -4.29
CA SER A 86 -14.50 -4.20 -5.31
C SER A 86 -15.15 -5.28 -6.17
N SER A 87 -16.05 -4.87 -7.05
CA SER A 87 -16.74 -5.81 -7.94
C SER A 87 -17.48 -5.07 -9.05
N GLY A 88 -16.89 -3.98 -9.51
CA GLY A 88 -17.51 -3.20 -10.57
C GLY A 88 -17.05 -1.75 -10.57
N PRO A 89 -15.99 -1.43 -11.33
CA PRO A 89 -15.46 -0.06 -11.41
C PRO A 89 -16.42 0.90 -12.11
N SER A 90 -16.49 2.13 -11.61
CA SER A 90 -17.37 3.14 -12.19
C SER A 90 -16.60 4.41 -12.51
N SER A 91 -15.84 4.90 -11.53
CA SER A 91 -15.04 6.11 -11.70
C SER A 91 -13.72 5.80 -12.36
N GLY A 92 -13.58 6.17 -13.63
CA GLY A 92 -12.35 5.93 -14.35
C GLY A 92 -12.53 6.01 -15.86
N GLY A 1 -14.36 17.83 -20.00
CA GLY A 1 -14.34 17.25 -18.64
C GLY A 1 -14.17 15.75 -18.64
N SER A 2 -13.16 15.28 -19.37
CA SER A 2 -12.90 13.84 -19.46
C SER A 2 -11.42 13.56 -19.22
N SER A 3 -10.82 14.31 -18.31
CA SER A 3 -9.40 14.13 -17.98
C SER A 3 -9.22 13.86 -16.49
N GLY A 4 -8.75 12.66 -16.17
CA GLY A 4 -8.53 12.30 -14.78
C GLY A 4 -7.08 12.46 -14.36
N SER A 5 -6.84 13.37 -13.42
CA SER A 5 -5.50 13.62 -12.94
C SER A 5 -5.42 13.47 -11.43
N SER A 6 -4.89 12.33 -10.97
CA SER A 6 -4.77 12.05 -9.55
C SER A 6 -3.35 11.62 -9.20
N GLY A 7 -3.07 11.53 -7.91
CA GLY A 7 -1.74 11.12 -7.47
C GLY A 7 -1.52 9.62 -7.60
N PRO A 8 -1.52 8.88 -6.48
CA PRO A 8 -1.33 7.43 -6.49
C PRO A 8 -2.54 6.67 -7.02
N PRO A 9 -2.33 5.46 -7.55
CA PRO A 9 -3.43 4.64 -8.09
C PRO A 9 -4.39 4.17 -7.01
N LEU A 10 -3.84 3.66 -5.92
CA LEU A 10 -4.64 3.18 -4.80
C LEU A 10 -5.17 4.34 -3.97
N GLU A 11 -6.47 4.32 -3.68
CA GLU A 11 -7.10 5.36 -2.89
C GLU A 11 -6.67 5.28 -1.43
N ILE A 12 -6.55 6.43 -0.78
CA ILE A 12 -6.14 6.48 0.63
C ILE A 12 -7.34 6.31 1.55
N ASN A 13 -7.09 5.84 2.76
CA ASN A 13 -8.15 5.64 3.73
C ASN A 13 -9.19 4.64 3.21
N SER A 14 -8.73 3.69 2.40
CA SER A 14 -9.61 2.68 1.83
C SER A 14 -9.31 1.30 2.42
N ARG A 15 -10.16 0.33 2.11
CA ARG A 15 -9.98 -1.03 2.60
C ARG A 15 -9.49 -1.95 1.49
N VAL A 16 -8.28 -2.46 1.65
CA VAL A 16 -7.69 -3.36 0.67
C VAL A 16 -6.91 -4.48 1.34
N SER A 17 -6.86 -5.64 0.69
CA SER A 17 -6.14 -6.78 1.23
C SER A 17 -4.74 -6.87 0.65
N LEU A 18 -3.93 -7.77 1.21
CA LEU A 18 -2.56 -7.95 0.74
C LEU A 18 -2.17 -9.43 0.72
N LYS A 19 -1.48 -9.84 -0.34
CA LYS A 19 -1.07 -11.23 -0.48
C LYS A 19 0.25 -11.48 0.23
N VAL A 20 0.18 -12.15 1.38
CA VAL A 20 1.36 -12.46 2.17
C VAL A 20 1.54 -13.96 2.32
N GLY A 21 2.64 -14.48 1.76
CA GLY A 21 2.91 -15.91 1.84
C GLY A 21 2.01 -16.72 0.94
N GLU A 22 1.07 -17.44 1.54
CA GLU A 22 0.15 -18.27 0.77
C GLU A 22 -1.31 -17.91 1.10
N THR A 23 -1.54 -16.64 1.42
CA THR A 23 -2.88 -16.17 1.76
C THR A 23 -2.96 -14.65 1.66
N ILE A 24 -4.16 -14.12 1.85
CA ILE A 24 -4.36 -12.67 1.79
C ILE A 24 -4.73 -12.12 3.16
N GLU A 25 -4.48 -10.82 3.35
CA GLU A 25 -4.79 -10.17 4.62
C GLU A 25 -5.44 -8.80 4.38
N SER A 26 -6.64 -8.64 4.91
CA SER A 26 -7.37 -7.39 4.75
C SER A 26 -6.68 -6.25 5.52
N GLY A 27 -6.54 -5.10 4.87
CA GLY A 27 -5.91 -3.97 5.50
C GLY A 27 -6.43 -2.64 4.99
N THR A 28 -5.79 -1.55 5.40
CA THR A 28 -6.21 -0.21 4.98
C THR A 28 -5.09 0.48 4.20
N VAL A 29 -5.47 1.49 3.42
CA VAL A 29 -4.50 2.23 2.62
C VAL A 29 -4.07 3.51 3.33
N ILE A 30 -2.77 3.78 3.31
CA ILE A 30 -2.24 4.98 3.96
C ILE A 30 -1.20 5.66 3.07
N PHE A 31 -0.33 4.87 2.45
CA PHE A 31 0.70 5.40 1.58
C PHE A 31 0.68 4.71 0.20
N CYS A 32 1.31 5.35 -0.77
CA CYS A 32 1.36 4.79 -2.12
C CYS A 32 2.28 5.62 -3.02
N ASP A 33 3.42 5.04 -3.39
CA ASP A 33 4.37 5.72 -4.24
C ASP A 33 5.53 4.79 -4.62
N VAL A 34 6.43 5.29 -5.46
CA VAL A 34 7.58 4.50 -5.89
C VAL A 34 8.69 4.51 -4.84
N LEU A 35 9.72 3.73 -5.09
CA LEU A 35 10.85 3.63 -4.17
C LEU A 35 12.13 4.14 -4.82
N PRO A 36 13.08 4.66 -4.02
CA PRO A 36 14.35 5.19 -4.52
C PRO A 36 15.07 4.18 -5.43
N GLY A 37 15.40 4.62 -6.63
CA GLY A 37 16.08 3.75 -7.57
C GLY A 37 15.29 2.49 -7.88
N LYS A 38 13.98 2.58 -7.75
CA LYS A 38 13.10 1.45 -8.02
C LYS A 38 11.78 1.91 -8.64
N GLU A 39 11.83 3.01 -9.37
CA GLU A 39 10.63 3.55 -10.01
C GLU A 39 10.19 2.66 -11.17
N SER A 40 11.15 2.01 -11.82
CA SER A 40 10.87 1.14 -12.95
C SER A 40 10.04 -0.07 -12.49
N LEU A 41 10.24 -0.48 -11.25
CA LEU A 41 9.52 -1.61 -10.69
C LEU A 41 8.01 -1.40 -10.75
N GLY A 42 7.57 -0.27 -10.21
CA GLY A 42 6.15 0.05 -10.21
C GLY A 42 5.79 1.11 -9.19
N TYR A 43 4.72 0.87 -8.44
CA TYR A 43 4.26 1.82 -7.43
C TYR A 43 3.98 1.11 -6.11
N PHE A 44 4.96 1.13 -5.21
CA PHE A 44 4.80 0.49 -3.90
C PHE A 44 3.67 1.14 -3.11
N VAL A 45 3.06 0.37 -2.22
CA VAL A 45 1.96 0.87 -1.40
C VAL A 45 2.03 0.31 0.01
N GLY A 46 1.85 1.17 1.00
CA GLY A 46 1.88 0.74 2.39
C GLY A 46 0.50 0.50 2.96
N VAL A 47 0.17 -0.76 3.20
CA VAL A 47 -1.13 -1.13 3.74
C VAL A 47 -1.05 -1.37 5.25
N ASP A 48 -1.95 -0.73 5.99
CA ASP A 48 -1.99 -0.87 7.44
C ASP A 48 -2.99 -1.94 7.86
N MET A 49 -2.50 -3.15 8.08
CA MET A 49 -3.36 -4.26 8.48
C MET A 49 -3.92 -4.04 9.89
N ASP A 50 -4.99 -4.76 10.22
CA ASP A 50 -5.62 -4.64 11.53
C ASP A 50 -4.84 -5.43 12.58
N ASN A 51 -4.30 -6.57 12.15
CA ASN A 51 -3.53 -7.42 13.06
C ASN A 51 -2.04 -7.07 13.02
N PRO A 52 -1.31 -7.35 14.11
CA PRO A 52 0.12 -7.06 14.19
C PRO A 52 0.96 -7.96 13.28
N ILE A 53 0.73 -7.85 11.98
CA ILE A 53 1.45 -8.64 11.00
C ILE A 53 2.26 -7.76 10.06
N GLY A 54 2.62 -6.57 10.52
CA GLY A 54 3.38 -5.65 9.70
C GLY A 54 4.87 -5.93 9.75
N ASN A 55 5.65 -5.10 9.06
CA ASN A 55 7.10 -5.27 9.04
C ASN A 55 7.76 -4.12 8.29
N TRP A 56 7.23 -2.91 8.46
CA TRP A 56 7.77 -1.73 7.80
C TRP A 56 7.42 -0.47 8.58
N ASP A 57 8.46 0.29 8.95
CA ASP A 57 8.27 1.52 9.70
C ASP A 57 7.96 2.69 8.77
N GLY A 58 8.50 2.62 7.56
CA GLY A 58 8.27 3.68 6.59
C GLY A 58 9.56 4.37 6.17
N ARG A 59 10.58 3.57 5.88
CA ARG A 59 11.87 4.10 5.46
C ARG A 59 12.52 3.19 4.42
N PHE A 60 13.68 3.61 3.92
CA PHE A 60 14.40 2.84 2.91
C PHE A 60 15.90 3.00 3.08
N ASP A 61 16.51 2.08 3.82
CA ASP A 61 17.95 2.12 4.06
C ASP A 61 18.35 3.40 4.80
N GLY A 62 17.43 3.91 5.61
CA GLY A 62 17.72 5.12 6.36
C GLY A 62 16.78 6.26 5.99
N VAL A 63 16.65 6.52 4.69
CA VAL A 63 15.78 7.58 4.21
C VAL A 63 14.32 7.30 4.55
N GLN A 64 13.57 8.36 4.83
CA GLN A 64 12.16 8.23 5.18
C GLN A 64 11.28 8.47 3.96
N LEU A 65 10.17 7.73 3.88
CA LEU A 65 9.23 7.86 2.77
C LEU A 65 7.80 7.84 3.25
N CYS A 66 7.48 6.87 4.12
CA CYS A 66 6.13 6.74 4.66
C CYS A 66 6.09 7.16 6.13
N SER A 67 5.74 8.41 6.38
CA SER A 67 5.67 8.92 7.74
C SER A 67 4.50 8.28 8.50
N PHE A 68 3.51 7.79 7.77
CA PHE A 68 2.35 7.16 8.38
C PHE A 68 2.51 5.64 8.41
N ALA A 69 3.74 5.18 8.57
CA ALA A 69 4.02 3.75 8.61
C ALA A 69 4.60 3.34 9.96
N CYS A 70 4.45 2.07 10.31
CA CYS A 70 4.95 1.56 11.59
C CYS A 70 5.20 0.06 11.51
N VAL A 71 6.38 -0.36 11.94
CA VAL A 71 6.75 -1.77 11.92
C VAL A 71 5.87 -2.58 12.87
N GLU A 72 4.65 -2.89 12.44
CA GLU A 72 3.72 -3.65 13.25
C GLU A 72 2.47 -4.01 12.46
N SER A 73 1.98 -3.07 11.65
CA SER A 73 0.79 -3.30 10.84
C SER A 73 1.03 -2.88 9.39
N THR A 74 1.66 -1.72 9.21
CA THR A 74 1.94 -1.21 7.87
C THR A 74 2.84 -2.17 7.09
N ILE A 75 2.59 -2.26 5.78
CA ILE A 75 3.37 -3.14 4.92
C ILE A 75 3.49 -2.58 3.52
N LEU A 76 4.72 -2.30 3.09
CA LEU A 76 4.96 -1.75 1.76
C LEU A 76 5.20 -2.87 0.74
N LEU A 77 4.30 -2.97 -0.23
CA LEU A 77 4.42 -4.00 -1.27
C LEU A 77 3.90 -3.48 -2.60
N HIS A 78 3.95 -4.34 -3.63
CA HIS A 78 3.48 -3.97 -4.96
C HIS A 78 1.97 -3.94 -5.01
N ILE A 79 1.42 -2.91 -5.67
CA ILE A 79 -0.03 -2.77 -5.80
C ILE A 79 -0.67 -4.08 -6.25
N ASN A 80 -0.02 -4.75 -7.20
CA ASN A 80 -0.52 -6.03 -7.71
C ASN A 80 -0.73 -7.01 -6.57
N ASP A 81 0.08 -6.87 -5.52
CA ASP A 81 -0.01 -7.75 -4.36
C ASP A 81 -1.25 -7.43 -3.53
N ILE A 82 -1.70 -6.18 -3.62
CA ILE A 82 -2.88 -5.73 -2.88
C ILE A 82 -4.16 -6.19 -3.57
N ILE A 83 -5.19 -6.47 -2.77
CA ILE A 83 -6.47 -6.92 -3.30
C ILE A 83 -7.62 -6.12 -2.70
N PRO A 84 -7.99 -5.00 -3.35
CA PRO A 84 -9.08 -4.13 -2.89
C PRO A 84 -10.44 -4.78 -3.06
N GLU A 85 -11.48 -4.06 -2.67
CA GLU A 85 -12.85 -4.57 -2.79
C GLU A 85 -13.69 -3.68 -3.70
N SER A 86 -13.31 -3.60 -4.97
CA SER A 86 -14.03 -2.78 -5.93
C SER A 86 -14.77 -3.65 -6.94
N SER A 87 -15.44 -4.69 -6.44
CA SER A 87 -16.20 -5.59 -7.29
C SER A 87 -17.67 -5.62 -6.89
N GLY A 88 -18.45 -4.74 -7.49
CA GLY A 88 -19.87 -4.68 -7.18
C GLY A 88 -20.67 -3.99 -8.28
N PRO A 89 -21.92 -3.58 -7.98
CA PRO A 89 -22.78 -2.91 -8.96
C PRO A 89 -22.29 -1.50 -9.29
N SER A 90 -21.95 -0.73 -8.26
CA SER A 90 -21.46 0.62 -8.45
C SER A 90 -20.06 0.78 -7.87
N SER A 91 -19.85 0.21 -6.68
CA SER A 91 -18.55 0.29 -6.03
C SER A 91 -18.21 1.73 -5.68
N GLY A 92 -17.46 1.91 -4.59
CA GLY A 92 -17.08 3.24 -4.16
C GLY A 92 -17.34 3.48 -2.69
N GLY A 1 -17.48 7.16 -8.12
CA GLY A 1 -16.97 8.08 -9.17
C GLY A 1 -15.60 8.63 -8.84
N SER A 2 -14.80 8.85 -9.88
CA SER A 2 -13.45 9.39 -9.70
C SER A 2 -12.87 9.88 -11.02
N SER A 3 -11.72 10.53 -10.95
CA SER A 3 -11.06 11.04 -12.14
C SER A 3 -10.06 10.03 -12.70
N GLY A 4 -10.26 9.64 -13.95
CA GLY A 4 -9.36 8.68 -14.58
C GLY A 4 -8.35 9.34 -15.50
N SER A 5 -7.48 10.18 -14.92
CA SER A 5 -6.46 10.88 -15.69
C SER A 5 -5.19 11.06 -14.86
N SER A 6 -5.34 11.60 -13.66
CA SER A 6 -4.20 11.83 -12.78
C SER A 6 -4.56 11.47 -11.34
N GLY A 7 -3.59 10.90 -10.63
CA GLY A 7 -3.82 10.52 -9.25
C GLY A 7 -3.45 9.07 -8.98
N PRO A 8 -3.01 8.75 -7.75
CA PRO A 8 -2.64 7.37 -7.39
C PRO A 8 -3.73 6.36 -7.72
N PRO A 9 -3.35 5.17 -8.21
CA PRO A 9 -4.32 4.12 -8.57
C PRO A 9 -5.14 3.68 -7.35
N LEU A 10 -4.46 3.11 -6.37
CA LEU A 10 -5.12 2.64 -5.15
C LEU A 10 -5.67 3.80 -4.35
N GLU A 11 -6.92 3.67 -3.90
CA GLU A 11 -7.57 4.71 -3.11
C GLU A 11 -6.94 4.80 -1.71
N ILE A 12 -6.60 6.01 -1.29
CA ILE A 12 -6.01 6.23 0.01
C ILE A 12 -7.05 6.14 1.12
N ASN A 13 -6.62 5.70 2.29
CA ASN A 13 -7.52 5.56 3.43
C ASN A 13 -8.64 4.57 3.13
N SER A 14 -8.34 3.58 2.29
CA SER A 14 -9.33 2.57 1.92
C SER A 14 -8.92 1.20 2.44
N ARG A 15 -9.89 0.30 2.54
CA ARG A 15 -9.64 -1.05 3.03
C ARG A 15 -9.28 -1.99 1.88
N VAL A 16 -8.05 -2.51 1.91
CA VAL A 16 -7.57 -3.41 0.88
C VAL A 16 -6.78 -4.56 1.47
N SER A 17 -6.89 -5.74 0.86
CA SER A 17 -6.20 -6.92 1.33
C SER A 17 -4.81 -7.03 0.70
N LEU A 18 -4.02 -8.00 1.16
CA LEU A 18 -2.68 -8.21 0.63
C LEU A 18 -2.33 -9.70 0.62
N LYS A 19 -1.67 -10.14 -0.45
CA LYS A 19 -1.29 -11.54 -0.58
C LYS A 19 0.04 -11.81 0.13
N VAL A 20 -0.06 -12.24 1.39
CA VAL A 20 1.14 -12.53 2.18
C VAL A 20 1.35 -14.03 2.32
N GLY A 21 2.56 -14.48 2.02
CA GLY A 21 2.88 -15.90 2.11
C GLY A 21 1.99 -16.74 1.21
N GLU A 22 0.95 -17.33 1.80
CA GLU A 22 0.03 -18.17 1.05
C GLU A 22 -1.41 -17.88 1.43
N THR A 23 -1.68 -16.64 1.82
CA THR A 23 -3.01 -16.23 2.22
C THR A 23 -3.17 -14.70 2.14
N ILE A 24 -4.41 -14.25 2.04
CA ILE A 24 -4.69 -12.82 1.96
C ILE A 24 -4.90 -12.22 3.35
N GLU A 25 -4.60 -10.93 3.48
CA GLU A 25 -4.75 -10.24 4.76
C GLU A 25 -5.33 -8.85 4.55
N SER A 26 -6.56 -8.64 5.04
CA SER A 26 -7.22 -7.34 4.92
C SER A 26 -6.38 -6.24 5.56
N GLY A 27 -6.41 -5.05 4.95
CA GLY A 27 -5.66 -3.93 5.48
C GLY A 27 -6.20 -2.60 5.02
N THR A 28 -5.48 -1.53 5.34
CA THR A 28 -5.90 -0.17 4.95
C THR A 28 -4.81 0.52 4.15
N VAL A 29 -5.22 1.44 3.28
CA VAL A 29 -4.28 2.18 2.45
C VAL A 29 -3.85 3.48 3.13
N ILE A 30 -2.61 3.88 2.89
CA ILE A 30 -2.08 5.11 3.48
C ILE A 30 -1.00 5.73 2.59
N PHE A 31 -0.11 4.88 2.09
CA PHE A 31 0.97 5.34 1.23
C PHE A 31 0.87 4.74 -0.16
N CYS A 32 1.05 5.57 -1.19
CA CYS A 32 0.97 5.11 -2.57
C CYS A 32 1.93 5.90 -3.46
N ASP A 33 3.07 5.30 -3.77
CA ASP A 33 4.07 5.94 -4.62
C ASP A 33 5.24 5.01 -4.88
N VAL A 34 6.29 5.55 -5.49
CA VAL A 34 7.47 4.77 -5.81
C VAL A 34 8.60 5.05 -4.82
N LEU A 35 9.73 4.38 -5.01
CA LEU A 35 10.88 4.54 -4.13
C LEU A 35 12.13 4.90 -4.93
N PRO A 36 13.17 5.42 -4.26
CA PRO A 36 14.43 5.80 -4.91
C PRO A 36 15.01 4.67 -5.76
N GLY A 37 15.25 4.95 -7.04
CA GLY A 37 15.80 3.94 -7.93
C GLY A 37 14.90 2.72 -8.06
N LYS A 38 13.60 2.94 -7.88
CA LYS A 38 12.64 1.84 -7.97
C LYS A 38 11.30 2.35 -8.51
N GLU A 39 11.36 3.33 -9.40
CA GLU A 39 10.15 3.90 -9.99
C GLU A 39 9.65 3.03 -11.14
N SER A 40 10.58 2.37 -11.83
CA SER A 40 10.22 1.51 -12.96
C SER A 40 9.60 0.21 -12.47
N LEU A 41 9.94 -0.20 -11.25
CA LEU A 41 9.41 -1.43 -10.68
C LEU A 41 7.89 -1.39 -10.64
N GLY A 42 7.33 -0.20 -10.45
CA GLY A 42 5.89 -0.06 -10.40
C GLY A 42 5.44 1.06 -9.48
N TYR A 43 4.49 0.74 -8.60
CA TYR A 43 3.98 1.73 -7.65
C TYR A 43 3.74 1.10 -6.28
N PHE A 44 4.75 1.16 -5.43
CA PHE A 44 4.65 0.59 -4.08
C PHE A 44 3.53 1.26 -3.29
N VAL A 45 2.89 0.50 -2.42
CA VAL A 45 1.80 1.02 -1.60
C VAL A 45 1.84 0.42 -0.19
N GLY A 46 1.90 1.30 0.81
CA GLY A 46 1.93 0.84 2.18
C GLY A 46 0.55 0.52 2.72
N VAL A 47 0.32 -0.75 3.03
CA VAL A 47 -0.98 -1.18 3.56
C VAL A 47 -0.89 -1.45 5.05
N ASP A 48 -1.78 -0.82 5.81
CA ASP A 48 -1.82 -1.00 7.26
C ASP A 48 -2.80 -2.09 7.64
N MET A 49 -2.29 -3.29 7.90
CA MET A 49 -3.14 -4.41 8.29
C MET A 49 -3.74 -4.20 9.67
N ASP A 50 -4.76 -4.98 10.00
CA ASP A 50 -5.42 -4.88 11.29
C ASP A 50 -4.63 -5.61 12.37
N ASN A 51 -4.11 -6.79 12.01
CA ASN A 51 -3.34 -7.59 12.96
C ASN A 51 -1.85 -7.25 12.87
N PRO A 52 -1.11 -7.45 13.97
CA PRO A 52 0.33 -7.16 14.01
C PRO A 52 1.15 -8.13 13.16
N ILE A 53 1.17 -7.88 11.86
CA ILE A 53 1.91 -8.73 10.93
C ILE A 53 2.65 -7.90 9.88
N GLY A 54 2.98 -6.66 10.24
CA GLY A 54 3.68 -5.79 9.32
C GLY A 54 5.19 -5.97 9.37
N ASN A 55 5.91 -5.08 8.71
CA ASN A 55 7.38 -5.14 8.69
C ASN A 55 7.96 -3.94 7.97
N TRP A 56 7.34 -2.78 8.16
CA TRP A 56 7.80 -1.55 7.52
C TRP A 56 7.50 -0.34 8.40
N ASP A 57 8.55 0.38 8.79
CA ASP A 57 8.40 1.55 9.63
C ASP A 57 8.56 2.84 8.81
N GLY A 58 8.17 2.76 7.54
CA GLY A 58 8.28 3.92 6.66
C GLY A 58 9.70 4.42 6.54
N ARG A 59 10.62 3.53 6.20
CA ARG A 59 12.02 3.91 6.05
C ARG A 59 12.68 3.11 4.92
N PHE A 60 13.49 3.80 4.13
CA PHE A 60 14.18 3.16 3.01
C PHE A 60 15.69 3.20 3.21
N ASP A 61 16.21 2.16 3.86
CA ASP A 61 17.65 2.07 4.11
C ASP A 61 18.11 3.21 5.01
N GLY A 62 17.20 3.73 5.83
CA GLY A 62 17.55 4.81 6.73
C GLY A 62 16.70 6.05 6.49
N VAL A 63 16.51 6.42 5.23
CA VAL A 63 15.73 7.59 4.87
C VAL A 63 14.24 7.36 5.12
N GLN A 64 13.61 8.27 5.84
CA GLN A 64 12.19 8.14 6.14
C GLN A 64 11.34 8.54 4.94
N LEU A 65 10.35 7.71 4.63
CA LEU A 65 9.46 7.98 3.49
C LEU A 65 8.01 8.02 3.94
N CYS A 66 7.61 7.05 4.75
CA CYS A 66 6.24 6.98 5.24
C CYS A 66 6.18 7.35 6.72
N SER A 67 5.92 8.62 7.00
CA SER A 67 5.83 9.11 8.36
C SER A 67 4.66 8.47 9.10
N PHE A 68 3.64 8.06 8.35
CA PHE A 68 2.47 7.42 8.93
C PHE A 68 2.56 5.91 8.83
N ALA A 69 3.78 5.39 8.93
CA ALA A 69 4.01 3.95 8.86
C ALA A 69 4.41 3.38 10.22
N CYS A 70 4.64 2.08 10.26
CA CYS A 70 5.03 1.41 11.50
C CYS A 70 5.30 -0.07 11.25
N VAL A 71 6.38 -0.57 11.85
CA VAL A 71 6.74 -1.98 11.70
C VAL A 71 5.86 -2.88 12.56
N GLU A 72 4.58 -2.92 12.22
CA GLU A 72 3.62 -3.73 12.97
C GLU A 72 2.40 -4.06 12.12
N SER A 73 1.88 -3.04 11.42
CA SER A 73 0.70 -3.21 10.58
C SER A 73 0.98 -2.75 9.15
N THR A 74 1.69 -1.62 9.02
CA THR A 74 2.02 -1.07 7.72
C THR A 74 2.90 -2.03 6.93
N ILE A 75 2.67 -2.10 5.61
CA ILE A 75 3.44 -2.97 4.74
C ILE A 75 3.51 -2.41 3.32
N LEU A 76 4.72 -2.11 2.87
CA LEU A 76 4.92 -1.57 1.54
C LEU A 76 5.16 -2.69 0.52
N LEU A 77 4.19 -2.88 -0.37
CA LEU A 77 4.30 -3.92 -1.39
C LEU A 77 3.73 -3.43 -2.73
N HIS A 78 3.77 -4.29 -3.74
CA HIS A 78 3.28 -3.95 -5.06
C HIS A 78 1.75 -3.93 -5.08
N ILE A 79 1.17 -2.88 -5.64
CA ILE A 79 -0.27 -2.74 -5.73
C ILE A 79 -0.91 -4.02 -6.26
N ASN A 80 -0.25 -4.64 -7.22
CA ASN A 80 -0.75 -5.88 -7.81
C ASN A 80 -0.95 -6.95 -6.75
N ASP A 81 -0.15 -6.86 -5.68
CA ASP A 81 -0.24 -7.81 -4.58
C ASP A 81 -1.43 -7.49 -3.68
N ILE A 82 -1.87 -6.24 -3.70
CA ILE A 82 -3.01 -5.81 -2.89
C ILE A 82 -4.33 -6.24 -3.51
N ILE A 83 -5.31 -6.52 -2.67
CA ILE A 83 -6.63 -6.94 -3.15
C ILE A 83 -7.73 -6.12 -2.48
N PRO A 84 -8.13 -5.01 -3.12
CA PRO A 84 -9.18 -4.13 -2.59
C PRO A 84 -10.57 -4.78 -2.66
N GLU A 85 -11.60 -3.99 -2.38
CA GLU A 85 -12.97 -4.50 -2.41
C GLU A 85 -13.82 -3.68 -3.38
N SER A 86 -15.11 -4.02 -3.45
CA SER A 86 -16.03 -3.32 -4.33
C SER A 86 -17.44 -3.26 -3.72
N SER A 87 -18.16 -2.19 -4.02
CA SER A 87 -19.51 -2.01 -3.50
C SER A 87 -20.46 -3.06 -4.08
N GLY A 88 -21.03 -3.87 -3.20
CA GLY A 88 -21.94 -4.91 -3.64
C GLY A 88 -22.84 -5.40 -2.52
N PRO A 89 -24.12 -4.98 -2.49
CA PRO A 89 -25.07 -5.39 -1.46
C PRO A 89 -25.09 -6.91 -1.26
N SER A 90 -24.75 -7.64 -2.31
CA SER A 90 -24.72 -9.10 -2.27
C SER A 90 -23.35 -9.61 -1.83
N SER A 91 -23.16 -9.73 -0.53
CA SER A 91 -21.89 -10.20 0.01
C SER A 91 -22.11 -11.01 1.29
N GLY A 92 -22.13 -12.34 1.15
CA GLY A 92 -22.33 -13.21 2.30
C GLY A 92 -23.70 -13.03 2.91
N GLY A 1 -6.90 8.75 -28.47
CA GLY A 1 -6.16 9.14 -27.24
C GLY A 1 -7.05 9.14 -26.01
N SER A 2 -7.01 10.23 -25.24
CA SER A 2 -7.82 10.34 -24.04
C SER A 2 -7.46 9.25 -23.04
N SER A 3 -6.20 8.83 -23.04
CA SER A 3 -5.74 7.79 -22.14
C SER A 3 -4.45 8.20 -21.43
N GLY A 4 -4.59 8.78 -20.24
CA GLY A 4 -3.43 9.22 -19.48
C GLY A 4 -3.79 9.60 -18.07
N SER A 5 -3.97 8.60 -17.21
CA SER A 5 -4.31 8.84 -15.81
C SER A 5 -3.14 9.45 -15.07
N SER A 6 -3.43 10.35 -14.14
CA SER A 6 -2.40 11.01 -13.34
C SER A 6 -2.78 11.05 -11.87
N GLY A 7 -2.05 10.30 -11.05
CA GLY A 7 -2.33 10.28 -9.63
C GLY A 7 -2.25 8.87 -9.05
N PRO A 8 -2.15 8.74 -7.72
CA PRO A 8 -2.07 7.44 -7.05
C PRO A 8 -3.21 6.51 -7.47
N PRO A 9 -2.88 5.24 -7.79
CA PRO A 9 -3.88 4.25 -8.21
C PRO A 9 -4.76 3.78 -7.05
N LEU A 10 -4.12 3.49 -5.92
CA LEU A 10 -4.84 3.03 -4.74
C LEU A 10 -5.42 4.21 -3.96
N GLU A 11 -6.71 4.15 -3.67
CA GLU A 11 -7.39 5.20 -2.93
C GLU A 11 -7.01 5.16 -1.46
N ILE A 12 -6.64 6.31 -0.92
CA ILE A 12 -6.25 6.41 0.49
C ILE A 12 -7.47 6.30 1.40
N ASN A 13 -7.24 5.94 2.66
CA ASN A 13 -8.32 5.80 3.63
C ASN A 13 -9.33 4.76 3.18
N SER A 14 -8.85 3.75 2.46
CA SER A 14 -9.72 2.68 1.96
C SER A 14 -9.27 1.33 2.50
N ARG A 15 -10.15 0.33 2.38
CA ARG A 15 -9.83 -1.01 2.86
C ARG A 15 -9.34 -1.89 1.72
N VAL A 16 -8.13 -2.43 1.88
CA VAL A 16 -7.54 -3.30 0.87
C VAL A 16 -6.74 -4.42 1.50
N SER A 17 -6.80 -5.60 0.89
CA SER A 17 -6.09 -6.76 1.41
C SER A 17 -4.73 -6.92 0.72
N LEU A 18 -3.93 -7.86 1.21
CA LEU A 18 -2.61 -8.11 0.65
C LEU A 18 -2.33 -9.61 0.58
N LYS A 19 -1.76 -10.05 -0.53
CA LYS A 19 -1.44 -11.46 -0.72
C LYS A 19 -0.12 -11.81 -0.05
N VAL A 20 -0.21 -12.36 1.16
CA VAL A 20 0.98 -12.75 1.91
C VAL A 20 1.15 -14.26 1.95
N GLY A 21 2.30 -14.75 1.52
CA GLY A 21 2.56 -16.17 1.51
C GLY A 21 1.56 -16.95 0.67
N GLU A 22 0.70 -17.71 1.34
CA GLU A 22 -0.31 -18.49 0.64
C GLU A 22 -1.71 -18.09 1.08
N THR A 23 -1.88 -16.81 1.42
CA THR A 23 -3.17 -16.30 1.86
C THR A 23 -3.22 -14.78 1.74
N ILE A 24 -4.38 -14.21 2.01
CA ILE A 24 -4.56 -12.76 1.94
C ILE A 24 -4.79 -12.16 3.31
N GLU A 25 -4.59 -10.85 3.44
CA GLU A 25 -4.77 -10.16 4.71
C GLU A 25 -5.34 -8.76 4.49
N SER A 26 -6.52 -8.51 5.05
CA SER A 26 -7.18 -7.22 4.92
C SER A 26 -6.36 -6.13 5.60
N GLY A 27 -6.33 -4.94 4.99
CA GLY A 27 -5.59 -3.83 5.57
C GLY A 27 -6.10 -2.49 5.09
N THR A 28 -5.52 -1.42 5.61
CA THR A 28 -5.92 -0.06 5.23
C THR A 28 -4.84 0.60 4.38
N VAL A 29 -5.25 1.59 3.59
CA VAL A 29 -4.32 2.30 2.72
C VAL A 29 -3.80 3.57 3.39
N ILE A 30 -2.55 3.92 3.08
CA ILE A 30 -1.93 5.11 3.66
C ILE A 30 -0.89 5.69 2.71
N PHE A 31 -0.06 4.83 2.14
CA PHE A 31 0.98 5.26 1.21
C PHE A 31 0.75 4.69 -0.18
N CYS A 32 1.32 5.33 -1.19
CA CYS A 32 1.18 4.88 -2.57
C CYS A 32 2.05 5.71 -3.50
N ASP A 33 3.19 5.15 -3.89
CA ASP A 33 4.11 5.85 -4.78
C ASP A 33 5.32 4.97 -5.11
N VAL A 34 6.15 5.43 -6.03
CA VAL A 34 7.33 4.70 -6.43
C VAL A 34 8.45 4.83 -5.40
N LEU A 35 9.39 3.90 -5.44
CA LEU A 35 10.50 3.90 -4.50
C LEU A 35 11.78 4.42 -5.18
N PRO A 36 12.76 4.87 -4.39
CA PRO A 36 14.02 5.39 -4.91
C PRO A 36 14.68 4.42 -5.90
N GLY A 37 14.86 4.90 -7.13
CA GLY A 37 15.47 4.07 -8.16
C GLY A 37 14.70 2.77 -8.39
N LYS A 38 13.40 2.81 -8.13
CA LYS A 38 12.56 1.63 -8.32
C LYS A 38 11.25 2.00 -9.01
N GLU A 39 11.31 3.01 -9.87
CA GLU A 39 10.13 3.46 -10.60
C GLU A 39 9.78 2.48 -11.73
N SER A 40 10.80 1.83 -12.27
CA SER A 40 10.59 0.87 -13.35
C SER A 40 9.89 -0.38 -12.84
N LEU A 41 10.14 -0.73 -11.58
CA LEU A 41 9.53 -1.90 -10.98
C LEU A 41 8.02 -1.74 -10.88
N GLY A 42 7.57 -0.55 -10.49
CA GLY A 42 6.15 -0.29 -10.38
C GLY A 42 5.84 0.79 -9.35
N TYR A 43 4.73 0.63 -8.65
CA TYR A 43 4.32 1.60 -7.63
C TYR A 43 4.03 0.92 -6.30
N PHE A 44 5.03 0.88 -5.43
CA PHE A 44 4.88 0.26 -4.12
C PHE A 44 3.77 0.92 -3.32
N VAL A 45 3.21 0.19 -2.37
CA VAL A 45 2.13 0.70 -1.53
C VAL A 45 2.18 0.12 -0.13
N GLY A 46 1.95 0.96 0.87
CA GLY A 46 1.97 0.50 2.25
C GLY A 46 0.58 0.31 2.81
N VAL A 47 0.22 -0.93 3.12
CA VAL A 47 -1.10 -1.24 3.66
C VAL A 47 -1.02 -1.47 5.17
N ASP A 48 -1.75 -0.65 5.93
CA ASP A 48 -1.76 -0.77 7.38
C ASP A 48 -2.73 -1.88 7.82
N MET A 49 -2.18 -3.03 8.17
CA MET A 49 -2.99 -4.15 8.62
C MET A 49 -3.66 -3.86 9.96
N ASP A 50 -4.64 -4.67 10.31
CA ASP A 50 -5.36 -4.49 11.57
C ASP A 50 -4.62 -5.16 12.72
N ASN A 51 -3.92 -6.26 12.41
CA ASN A 51 -3.17 -6.99 13.42
C ASN A 51 -1.67 -6.73 13.28
N PRO A 52 -0.90 -6.99 14.34
CA PRO A 52 0.56 -6.77 14.32
C PRO A 52 1.28 -7.79 13.45
N ILE A 53 1.35 -7.51 12.15
CA ILE A 53 2.00 -8.40 11.20
C ILE A 53 2.71 -7.61 10.11
N GLY A 54 3.12 -6.39 10.42
CA GLY A 54 3.80 -5.55 9.46
C GLY A 54 5.30 -5.69 9.52
N ASN A 55 6.01 -4.94 8.68
CA ASN A 55 7.46 -4.98 8.64
C ASN A 55 8.03 -3.79 7.89
N TRP A 56 7.33 -2.66 7.96
CA TRP A 56 7.77 -1.45 7.29
C TRP A 56 7.53 -0.22 8.16
N ASP A 57 8.61 0.48 8.50
CA ASP A 57 8.52 1.67 9.33
C ASP A 57 8.53 2.93 8.48
N GLY A 58 8.07 2.82 7.24
CA GLY A 58 8.04 3.96 6.34
C GLY A 58 9.40 4.61 6.18
N ARG A 59 10.40 3.80 5.84
CA ARG A 59 11.75 4.32 5.66
C ARG A 59 12.49 3.52 4.58
N PHE A 60 13.53 4.13 4.02
CA PHE A 60 14.33 3.47 2.98
C PHE A 60 15.82 3.48 3.34
N ASP A 61 16.25 2.43 4.02
CA ASP A 61 17.65 2.31 4.43
C ASP A 61 18.05 3.46 5.35
N GLY A 62 17.08 3.96 6.11
CA GLY A 62 17.35 5.05 7.03
C GLY A 62 16.41 6.23 6.82
N VAL A 63 16.39 6.76 5.61
CA VAL A 63 15.53 7.89 5.28
C VAL A 63 14.06 7.55 5.49
N GLN A 64 13.25 8.57 5.74
CA GLN A 64 11.82 8.38 5.96
C GLN A 64 11.02 8.85 4.75
N LEU A 65 10.16 7.98 4.24
CA LEU A 65 9.33 8.31 3.08
C LEU A 65 7.86 8.45 3.48
N CYS A 66 7.39 7.51 4.30
CA CYS A 66 6.00 7.53 4.75
C CYS A 66 5.92 7.83 6.25
N SER A 67 5.29 8.95 6.59
CA SER A 67 5.14 9.35 7.98
C SER A 67 4.02 8.56 8.66
N PHE A 68 3.10 8.05 7.86
CA PHE A 68 1.97 7.28 8.39
C PHE A 68 2.27 5.78 8.36
N ALA A 69 3.55 5.44 8.30
CA ALA A 69 3.96 4.04 8.26
C ALA A 69 4.65 3.64 9.56
N CYS A 70 4.50 2.37 9.94
CA CYS A 70 5.10 1.85 11.16
C CYS A 70 5.38 0.35 11.04
N VAL A 71 6.56 -0.06 11.52
CA VAL A 71 6.94 -1.47 11.47
C VAL A 71 6.11 -2.29 12.45
N GLU A 72 4.81 -2.38 12.18
CA GLU A 72 3.92 -3.15 13.04
C GLU A 72 2.74 -3.70 12.23
N SER A 73 2.16 -2.87 11.38
CA SER A 73 1.02 -3.29 10.56
C SER A 73 1.24 -2.92 9.10
N THR A 74 1.76 -1.70 8.87
CA THR A 74 2.01 -1.24 7.50
C THR A 74 3.00 -2.14 6.78
N ILE A 75 2.70 -2.46 5.53
CA ILE A 75 3.56 -3.32 4.72
C ILE A 75 3.67 -2.78 3.29
N LEU A 76 4.90 -2.46 2.88
CA LEU A 76 5.13 -1.95 1.54
C LEU A 76 5.26 -3.08 0.54
N LEU A 77 4.27 -3.21 -0.34
CA LEU A 77 4.26 -4.26 -1.35
C LEU A 77 3.77 -3.73 -2.69
N HIS A 78 3.79 -4.58 -3.71
CA HIS A 78 3.34 -4.20 -5.04
C HIS A 78 1.81 -4.10 -5.11
N ILE A 79 1.32 -3.04 -5.75
CA ILE A 79 -0.12 -2.84 -5.88
C ILE A 79 -0.82 -4.11 -6.36
N ASN A 80 -0.18 -4.81 -7.30
CA ASN A 80 -0.74 -6.03 -7.83
C ASN A 80 -0.98 -7.05 -6.72
N ASP A 81 -0.17 -6.95 -5.67
CA ASP A 81 -0.29 -7.87 -4.53
C ASP A 81 -1.45 -7.45 -3.62
N ILE A 82 -1.93 -6.22 -3.79
CA ILE A 82 -3.04 -5.72 -2.98
C ILE A 82 -4.38 -6.16 -3.56
N ILE A 83 -5.34 -6.40 -2.68
CA ILE A 83 -6.67 -6.83 -3.10
C ILE A 83 -7.77 -5.99 -2.42
N PRO A 84 -8.26 -4.95 -3.10
CA PRO A 84 -9.30 -4.07 -2.56
C PRO A 84 -10.65 -4.79 -2.45
N GLU A 85 -11.67 -4.05 -2.02
CA GLU A 85 -13.01 -4.61 -1.88
C GLU A 85 -13.77 -4.58 -3.21
N SER A 86 -15.02 -5.00 -3.17
CA SER A 86 -15.85 -5.02 -4.37
C SER A 86 -17.15 -4.25 -4.14
N SER A 87 -17.25 -3.06 -4.72
CA SER A 87 -18.43 -2.23 -4.58
C SER A 87 -19.12 -2.04 -5.92
N GLY A 88 -20.38 -2.45 -5.99
CA GLY A 88 -21.14 -2.33 -7.23
C GLY A 88 -22.55 -1.80 -6.99
N PRO A 89 -22.70 -0.59 -6.44
CA PRO A 89 -24.01 0.01 -6.17
C PRO A 89 -24.74 0.40 -7.45
N SER A 90 -25.57 -0.50 -7.95
CA SER A 90 -26.33 -0.25 -9.17
C SER A 90 -27.51 0.68 -8.90
N SER A 91 -28.42 0.25 -8.03
CA SER A 91 -29.59 1.05 -7.67
C SER A 91 -30.45 1.32 -8.91
N GLY A 92 -31.43 0.46 -9.14
CA GLY A 92 -32.31 0.63 -10.29
C GLY A 92 -33.22 -0.57 -10.50
N GLY A 1 -9.32 7.61 -15.98
CA GLY A 1 -9.89 8.95 -15.71
C GLY A 1 -10.90 9.39 -16.75
N SER A 2 -11.53 10.54 -16.53
CA SER A 2 -12.53 11.05 -17.46
C SER A 2 -11.89 12.03 -18.45
N SER A 3 -10.87 12.74 -17.99
CA SER A 3 -10.18 13.71 -18.84
C SER A 3 -8.66 13.56 -18.72
N GLY A 4 -8.18 13.60 -17.48
CA GLY A 4 -6.75 13.47 -17.26
C GLY A 4 -6.36 13.76 -15.81
N SER A 5 -6.51 12.75 -14.95
CA SER A 5 -6.18 12.90 -13.54
C SER A 5 -4.95 12.06 -13.18
N SER A 6 -3.84 12.74 -12.90
CA SER A 6 -2.60 12.07 -12.54
C SER A 6 -2.50 11.89 -11.03
N GLY A 7 -2.84 10.70 -10.55
CA GLY A 7 -2.78 10.42 -9.12
C GLY A 7 -2.60 8.95 -8.83
N PRO A 8 -2.29 8.60 -7.57
CA PRO A 8 -2.10 7.19 -7.17
C PRO A 8 -3.28 6.32 -7.56
N PRO A 9 -3.01 5.04 -7.93
CA PRO A 9 -4.07 4.11 -8.34
C PRO A 9 -4.94 3.68 -7.17
N LEU A 10 -4.30 3.32 -6.05
CA LEU A 10 -5.02 2.89 -4.86
C LEU A 10 -5.55 4.08 -4.08
N GLU A 11 -6.83 4.03 -3.73
CA GLU A 11 -7.46 5.10 -2.97
C GLU A 11 -7.01 5.08 -1.51
N ILE A 12 -6.64 6.25 -1.00
CA ILE A 12 -6.19 6.36 0.38
C ILE A 12 -7.35 6.23 1.36
N ASN A 13 -7.07 5.77 2.56
CA ASN A 13 -8.09 5.60 3.58
C ASN A 13 -9.16 4.62 3.13
N SER A 14 -8.74 3.59 2.39
CA SER A 14 -9.65 2.58 1.89
C SER A 14 -9.25 1.18 2.37
N ARG A 15 -10.21 0.27 2.38
CA ARG A 15 -9.95 -1.10 2.82
C ARG A 15 -9.37 -1.94 1.68
N VAL A 16 -8.24 -2.58 1.94
CA VAL A 16 -7.59 -3.41 0.93
C VAL A 16 -6.74 -4.50 1.59
N SER A 17 -6.72 -5.67 0.97
CA SER A 17 -5.94 -6.79 1.49
C SER A 17 -4.60 -6.91 0.78
N LEU A 18 -3.80 -7.89 1.17
CA LEU A 18 -2.49 -8.11 0.56
C LEU A 18 -2.20 -9.59 0.41
N LYS A 19 -1.67 -9.97 -0.75
CA LYS A 19 -1.34 -11.36 -1.03
C LYS A 19 0.05 -11.70 -0.50
N VAL A 20 0.11 -12.30 0.68
CA VAL A 20 1.37 -12.69 1.29
C VAL A 20 1.52 -14.20 1.35
N GLY A 21 2.60 -14.71 0.77
CA GLY A 21 2.83 -16.15 0.77
C GLY A 21 1.73 -16.92 0.09
N GLU A 22 0.82 -17.48 0.89
CA GLU A 22 -0.30 -18.25 0.36
C GLU A 22 -1.60 -17.86 1.06
N THR A 23 -1.68 -16.62 1.52
CA THR A 23 -2.87 -16.13 2.20
C THR A 23 -3.02 -14.63 2.01
N ILE A 24 -4.20 -14.11 2.35
CA ILE A 24 -4.49 -12.69 2.21
C ILE A 24 -4.70 -12.05 3.58
N GLU A 25 -4.44 -10.74 3.66
CA GLU A 25 -4.61 -10.01 4.91
C GLU A 25 -5.24 -8.65 4.67
N SER A 26 -6.46 -8.47 5.19
CA SER A 26 -7.17 -7.21 5.02
C SER A 26 -6.48 -6.08 5.77
N GLY A 27 -6.38 -4.93 5.12
CA GLY A 27 -5.73 -3.78 5.74
C GLY A 27 -6.30 -2.46 5.27
N THR A 28 -5.53 -1.39 5.41
CA THR A 28 -5.98 -0.06 5.00
C THR A 28 -4.89 0.64 4.18
N VAL A 29 -5.32 1.55 3.30
CA VAL A 29 -4.39 2.28 2.45
C VAL A 29 -3.91 3.55 3.15
N ILE A 30 -2.67 3.95 2.85
CA ILE A 30 -2.09 5.14 3.44
C ILE A 30 -0.97 5.70 2.57
N PHE A 31 -0.12 4.81 2.07
CA PHE A 31 0.99 5.22 1.22
C PHE A 31 0.89 4.56 -0.16
N CYS A 32 1.25 5.31 -1.20
CA CYS A 32 1.20 4.80 -2.56
C CYS A 32 2.14 5.59 -3.48
N ASP A 33 3.37 5.12 -3.61
CA ASP A 33 4.35 5.79 -4.46
C ASP A 33 5.55 4.89 -4.71
N VAL A 34 6.40 5.29 -5.65
CA VAL A 34 7.59 4.52 -6.00
C VAL A 34 8.60 4.53 -4.87
N LEU A 35 9.70 3.83 -5.06
CA LEU A 35 10.75 3.75 -4.05
C LEU A 35 12.10 4.21 -4.63
N PRO A 36 13.04 4.60 -3.76
CA PRO A 36 14.37 5.07 -4.19
C PRO A 36 15.04 4.09 -5.14
N GLY A 37 15.41 4.59 -6.31
CA GLY A 37 16.06 3.74 -7.31
C GLY A 37 15.21 2.55 -7.70
N LYS A 38 13.89 2.72 -7.60
CA LYS A 38 12.96 1.65 -7.95
C LYS A 38 11.69 2.22 -8.57
N GLU A 39 11.84 3.32 -9.31
CA GLU A 39 10.70 3.96 -9.96
C GLU A 39 10.23 3.15 -11.16
N SER A 40 11.15 2.40 -11.77
CA SER A 40 10.82 1.58 -12.92
C SER A 40 10.03 0.34 -12.52
N LEU A 41 10.21 -0.09 -11.28
CA LEU A 41 9.50 -1.27 -10.77
C LEU A 41 8.00 -1.11 -10.92
N GLY A 42 7.46 -0.07 -10.29
CA GLY A 42 6.03 0.18 -10.36
C GLY A 42 5.57 1.24 -9.37
N TYR A 43 4.63 0.88 -8.52
CA TYR A 43 4.10 1.79 -7.51
C TYR A 43 3.86 1.08 -6.18
N PHE A 44 4.83 1.17 -5.29
CA PHE A 44 4.73 0.54 -3.98
C PHE A 44 3.58 1.14 -3.17
N VAL A 45 3.02 0.35 -2.27
CA VAL A 45 1.92 0.81 -1.44
C VAL A 45 1.99 0.20 -0.03
N GLY A 46 1.84 1.05 0.98
CA GLY A 46 1.88 0.59 2.35
C GLY A 46 0.50 0.34 2.92
N VAL A 47 0.16 -0.92 3.14
CA VAL A 47 -1.14 -1.29 3.68
C VAL A 47 -1.08 -1.46 5.19
N ASP A 48 -1.84 -0.65 5.91
CA ASP A 48 -1.88 -0.73 7.37
C ASP A 48 -2.87 -1.79 7.84
N MET A 49 -2.34 -2.96 8.19
CA MET A 49 -3.18 -4.06 8.65
C MET A 49 -3.72 -3.79 10.05
N ASP A 50 -4.80 -4.47 10.40
CA ASP A 50 -5.42 -4.31 11.71
C ASP A 50 -4.72 -5.16 12.76
N ASN A 51 -4.19 -6.30 12.32
CA ASN A 51 -3.48 -7.21 13.21
C ASN A 51 -1.96 -7.05 13.07
N PRO A 52 -1.20 -7.46 14.09
CA PRO A 52 0.27 -7.36 14.07
C PRO A 52 0.90 -8.30 13.05
N ILE A 53 1.03 -7.83 11.81
CA ILE A 53 1.62 -8.63 10.75
C ILE A 53 2.34 -7.75 9.73
N GLY A 54 2.81 -6.59 10.19
CA GLY A 54 3.52 -5.68 9.30
C GLY A 54 5.02 -5.89 9.34
N ASN A 55 5.75 -5.02 8.64
CA ASN A 55 7.20 -5.11 8.59
C ASN A 55 7.80 -3.93 7.85
N TRP A 56 7.21 -2.75 8.04
CA TRP A 56 7.68 -1.55 7.37
C TRP A 56 7.37 -0.30 8.21
N ASP A 57 8.41 0.40 8.64
CA ASP A 57 8.24 1.60 9.45
C ASP A 57 8.34 2.86 8.59
N GLY A 58 7.96 2.73 7.32
CA GLY A 58 8.02 3.86 6.41
C GLY A 58 9.42 4.42 6.27
N ARG A 59 10.37 3.55 5.90
CA ARG A 59 11.76 3.96 5.73
C ARG A 59 12.41 3.22 4.56
N PHE A 60 13.59 3.66 4.17
CA PHE A 60 14.31 3.03 3.07
C PHE A 60 15.81 3.31 3.17
N ASP A 61 16.56 2.33 3.67
CA ASP A 61 18.00 2.48 3.82
C ASP A 61 18.34 3.58 4.81
N GLY A 62 17.40 3.89 5.71
CA GLY A 62 17.64 4.93 6.70
C GLY A 62 16.75 6.13 6.51
N VAL A 63 16.40 6.43 5.26
CA VAL A 63 15.55 7.57 4.96
C VAL A 63 14.08 7.24 5.20
N GLN A 64 13.33 8.22 5.71
CA GLN A 64 11.92 8.04 6.00
C GLN A 64 11.06 8.45 4.80
N LEU A 65 10.07 7.63 4.48
CA LEU A 65 9.19 7.91 3.35
C LEU A 65 7.76 8.15 3.83
N CYS A 66 7.33 7.36 4.83
CA CYS A 66 5.98 7.49 5.37
C CYS A 66 6.02 7.49 6.89
N SER A 67 5.72 8.64 7.49
CA SER A 67 5.72 8.78 8.94
C SER A 67 4.52 8.05 9.55
N PHE A 68 3.40 8.08 8.84
CA PHE A 68 2.18 7.43 9.31
C PHE A 68 2.38 5.92 9.41
N ALA A 69 3.26 5.38 8.58
CA ALA A 69 3.54 3.95 8.57
C ALA A 69 4.10 3.50 9.92
N CYS A 70 4.35 2.20 10.06
CA CYS A 70 4.89 1.64 11.29
C CYS A 70 5.16 0.16 11.14
N VAL A 71 6.32 -0.28 11.61
CA VAL A 71 6.71 -1.68 11.54
C VAL A 71 5.83 -2.54 12.45
N GLU A 72 4.62 -2.83 12.00
CA GLU A 72 3.68 -3.64 12.78
C GLU A 72 2.42 -3.94 11.97
N SER A 73 1.95 -2.96 11.21
CA SER A 73 0.76 -3.13 10.39
C SER A 73 1.02 -2.70 8.95
N THR A 74 1.57 -1.51 8.78
CA THR A 74 1.87 -0.99 7.44
C THR A 74 2.83 -1.92 6.70
N ILE A 75 2.44 -2.33 5.50
CA ILE A 75 3.26 -3.22 4.68
C ILE A 75 3.43 -2.67 3.28
N LEU A 76 4.66 -2.33 2.92
CA LEU A 76 4.94 -1.79 1.59
C LEU A 76 5.16 -2.91 0.58
N LEU A 77 4.28 -2.98 -0.41
CA LEU A 77 4.36 -4.01 -1.44
C LEU A 77 3.79 -3.51 -2.77
N HIS A 78 3.86 -4.36 -3.78
CA HIS A 78 3.35 -4.00 -5.11
C HIS A 78 1.83 -3.97 -5.12
N ILE A 79 1.26 -2.93 -5.72
CA ILE A 79 -0.18 -2.78 -5.80
C ILE A 79 -0.85 -4.07 -6.26
N ASN A 80 -0.22 -4.73 -7.24
CA ASN A 80 -0.74 -5.97 -7.77
C ASN A 80 -0.92 -7.00 -6.66
N ASP A 81 -0.11 -6.88 -5.61
CA ASP A 81 -0.19 -7.79 -4.48
C ASP A 81 -1.37 -7.45 -3.59
N ILE A 82 -1.82 -6.20 -3.66
CA ILE A 82 -2.95 -5.75 -2.85
C ILE A 82 -4.27 -6.27 -3.41
N ILE A 83 -5.24 -6.50 -2.53
CA ILE A 83 -6.54 -7.00 -2.94
C ILE A 83 -7.67 -6.19 -2.29
N PRO A 84 -8.20 -5.18 -3.01
CA PRO A 84 -9.28 -4.33 -2.50
C PRO A 84 -10.59 -5.09 -2.36
N GLU A 85 -11.64 -4.38 -1.94
CA GLU A 85 -12.96 -4.99 -1.77
C GLU A 85 -14.02 -4.19 -2.50
N SER A 86 -14.75 -4.85 -3.39
CA SER A 86 -15.81 -4.20 -4.16
C SER A 86 -16.82 -5.22 -4.68
N SER A 87 -16.96 -6.33 -3.95
CA SER A 87 -17.90 -7.38 -4.34
C SER A 87 -17.57 -7.90 -5.74
N GLY A 88 -16.83 -9.00 -5.79
CA GLY A 88 -16.46 -9.59 -7.07
C GLY A 88 -14.97 -9.51 -7.33
N PRO A 89 -14.53 -9.75 -8.58
CA PRO A 89 -13.12 -9.70 -8.95
C PRO A 89 -12.57 -8.29 -8.94
N SER A 90 -12.10 -7.84 -7.78
CA SER A 90 -11.55 -6.50 -7.64
C SER A 90 -10.07 -6.48 -8.02
N SER A 91 -9.73 -5.73 -9.06
CA SER A 91 -8.36 -5.62 -9.52
C SER A 91 -8.24 -4.60 -10.65
N GLY A 92 -7.09 -3.92 -10.70
CA GLY A 92 -6.87 -2.93 -11.74
C GLY A 92 -5.83 -3.36 -12.74
N GLY A 1 -4.86 23.94 -20.51
CA GLY A 1 -4.95 23.64 -19.05
C GLY A 1 -4.60 22.19 -18.75
N SER A 2 -3.92 21.98 -17.62
CA SER A 2 -3.54 20.64 -17.21
C SER A 2 -4.11 20.29 -15.85
N SER A 3 -4.54 19.03 -15.69
CA SER A 3 -5.13 18.58 -14.43
C SER A 3 -4.61 17.19 -14.07
N GLY A 4 -3.68 17.13 -13.13
CA GLY A 4 -3.13 15.85 -12.71
C GLY A 4 -1.73 15.99 -12.14
N SER A 5 -1.45 15.22 -11.10
CA SER A 5 -0.13 15.25 -10.44
C SER A 5 0.11 13.98 -9.64
N SER A 6 0.56 12.93 -10.33
CA SER A 6 0.84 11.66 -9.69
C SER A 6 -0.43 11.08 -9.05
N GLY A 7 -1.31 10.55 -9.90
CA GLY A 7 -2.55 9.97 -9.40
C GLY A 7 -2.42 8.50 -9.11
N PRO A 8 -2.35 8.09 -7.83
CA PRO A 8 -2.23 6.69 -7.44
C PRO A 8 -3.48 5.88 -7.76
N PRO A 9 -3.33 4.61 -8.17
CA PRO A 9 -4.47 3.75 -8.50
C PRO A 9 -5.23 3.28 -7.26
N LEU A 10 -4.51 3.16 -6.14
CA LEU A 10 -5.11 2.73 -4.89
C LEU A 10 -5.62 3.92 -4.09
N GLU A 11 -6.92 3.92 -3.80
CA GLU A 11 -7.52 5.01 -3.03
C GLU A 11 -6.98 5.05 -1.62
N ILE A 12 -6.60 6.24 -1.16
CA ILE A 12 -6.05 6.41 0.18
C ILE A 12 -7.15 6.34 1.23
N ASN A 13 -6.76 5.99 2.45
CA ASN A 13 -7.73 5.89 3.55
C ASN A 13 -8.80 4.85 3.24
N SER A 14 -8.43 3.83 2.47
CA SER A 14 -9.36 2.78 2.10
C SER A 14 -8.93 1.44 2.70
N ARG A 15 -9.77 0.42 2.51
CA ARG A 15 -9.47 -0.91 3.03
C ARG A 15 -9.05 -1.86 1.92
N VAL A 16 -7.77 -2.24 1.90
CA VAL A 16 -7.26 -3.14 0.89
C VAL A 16 -6.53 -4.32 1.51
N SER A 17 -6.62 -5.48 0.88
CA SER A 17 -5.97 -6.68 1.38
C SER A 17 -4.60 -6.86 0.75
N LEU A 18 -3.84 -7.81 1.29
CA LEU A 18 -2.49 -8.07 0.78
C LEU A 18 -2.27 -9.57 0.57
N LYS A 19 -1.62 -9.93 -0.53
CA LYS A 19 -1.36 -11.33 -0.83
C LYS A 19 -0.13 -11.83 -0.07
N VAL A 20 -0.36 -12.65 0.95
CA VAL A 20 0.73 -13.20 1.75
C VAL A 20 0.81 -14.71 1.59
N GLY A 21 1.89 -15.18 0.96
CA GLY A 21 2.06 -16.60 0.76
C GLY A 21 0.94 -17.22 -0.05
N GLU A 22 0.11 -18.02 0.62
CA GLU A 22 -1.01 -18.68 -0.04
C GLU A 22 -2.34 -18.19 0.54
N THR A 23 -2.36 -16.94 0.99
CA THR A 23 -3.57 -16.36 1.56
C THR A 23 -3.54 -14.84 1.44
N ILE A 24 -4.61 -14.19 1.90
CA ILE A 24 -4.71 -12.74 1.83
C ILE A 24 -4.97 -12.15 3.22
N GLU A 25 -4.69 -10.87 3.37
CA GLU A 25 -4.89 -10.18 4.65
C GLU A 25 -5.40 -8.77 4.44
N SER A 26 -6.60 -8.50 4.95
CA SER A 26 -7.22 -7.18 4.81
C SER A 26 -6.38 -6.12 5.52
N GLY A 27 -6.41 -4.90 4.98
CA GLY A 27 -5.65 -3.82 5.57
C GLY A 27 -6.16 -2.45 5.17
N THR A 28 -5.42 -1.41 5.51
CA THR A 28 -5.82 -0.04 5.19
C THR A 28 -4.75 0.64 4.34
N VAL A 29 -5.18 1.57 3.50
CA VAL A 29 -4.26 2.32 2.64
C VAL A 29 -3.76 3.58 3.32
N ILE A 30 -2.54 3.99 2.99
CA ILE A 30 -1.94 5.19 3.55
C ILE A 30 -0.88 5.78 2.64
N PHE A 31 -0.04 4.91 2.07
CA PHE A 31 1.02 5.36 1.17
C PHE A 31 1.01 4.55 -0.12
N CYS A 32 0.84 5.24 -1.24
CA CYS A 32 0.82 4.60 -2.55
C CYS A 32 1.59 5.41 -3.58
N ASP A 33 2.83 5.00 -3.83
CA ASP A 33 3.68 5.70 -4.80
C ASP A 33 4.90 4.85 -5.16
N VAL A 34 5.83 5.44 -5.88
CA VAL A 34 7.04 4.75 -6.31
C VAL A 34 8.16 4.96 -5.30
N LEU A 35 9.14 4.07 -5.34
CA LEU A 35 10.29 4.14 -4.44
C LEU A 35 11.46 4.87 -5.10
N PRO A 36 12.32 5.51 -4.29
CA PRO A 36 13.49 6.23 -4.81
C PRO A 36 14.31 5.41 -5.79
N GLY A 37 14.38 5.87 -7.03
CA GLY A 37 15.14 5.17 -8.05
C GLY A 37 14.66 3.75 -8.24
N LYS A 38 13.38 3.50 -7.95
CA LYS A 38 12.82 2.17 -8.09
C LYS A 38 11.49 2.22 -8.85
N GLU A 39 11.37 3.18 -9.76
CA GLU A 39 10.15 3.33 -10.55
C GLU A 39 9.97 2.15 -11.50
N SER A 40 11.08 1.59 -11.96
CA SER A 40 11.04 0.44 -12.86
C SER A 40 10.39 -0.76 -12.21
N LEU A 41 10.59 -0.89 -10.89
CA LEU A 41 10.01 -2.00 -10.14
C LEU A 41 8.49 -1.95 -10.16
N GLY A 42 7.94 -0.75 -10.00
CA GLY A 42 6.50 -0.58 -10.00
C GLY A 42 6.03 0.52 -9.07
N TYR A 43 4.96 0.27 -8.33
CA TYR A 43 4.42 1.25 -7.40
C TYR A 43 4.22 0.63 -6.01
N PHE A 44 5.20 0.83 -5.13
CA PHE A 44 5.12 0.30 -3.79
C PHE A 44 4.02 0.98 -2.99
N VAL A 45 3.36 0.21 -2.13
CA VAL A 45 2.28 0.75 -1.30
C VAL A 45 2.31 0.16 0.10
N GLY A 46 2.07 1.01 1.10
CA GLY A 46 2.07 0.55 2.48
C GLY A 46 0.68 0.33 3.02
N VAL A 47 0.31 -0.93 3.23
CA VAL A 47 -1.01 -1.26 3.75
C VAL A 47 -0.96 -1.51 5.25
N ASP A 48 -1.78 -0.77 5.99
CA ASP A 48 -1.83 -0.90 7.44
C ASP A 48 -2.85 -1.96 7.84
N MET A 49 -2.35 -3.15 8.19
CA MET A 49 -3.23 -4.25 8.60
C MET A 49 -3.90 -3.94 9.93
N ASP A 50 -4.88 -4.77 10.29
CA ASP A 50 -5.62 -4.59 11.55
C ASP A 50 -4.81 -5.10 12.73
N ASN A 51 -4.29 -6.32 12.60
CA ASN A 51 -3.50 -6.93 13.67
C ASN A 51 -2.00 -6.63 13.48
N PRO A 52 -1.21 -6.81 14.53
CA PRO A 52 0.24 -6.56 14.49
C PRO A 52 0.97 -7.57 13.62
N ILE A 53 0.99 -7.31 12.30
CA ILE A 53 1.66 -8.21 11.36
C ILE A 53 2.41 -7.41 10.30
N GLY A 54 2.91 -6.24 10.69
CA GLY A 54 3.64 -5.41 9.75
C GLY A 54 5.14 -5.48 9.97
N ASN A 55 5.88 -4.62 9.27
CA ASN A 55 7.33 -4.59 9.40
C ASN A 55 7.93 -3.46 8.57
N TRP A 56 7.26 -2.31 8.57
CA TRP A 56 7.71 -1.15 7.81
C TRP A 56 7.32 0.14 8.51
N ASP A 57 8.32 0.91 8.94
CA ASP A 57 8.07 2.18 9.62
C ASP A 57 8.18 3.35 8.65
N GLY A 58 7.82 3.11 7.40
CA GLY A 58 7.89 4.16 6.40
C GLY A 58 9.29 4.71 6.23
N ARG A 59 10.25 3.82 6.00
CA ARG A 59 11.64 4.22 5.82
C ARG A 59 12.34 3.33 4.81
N PHE A 60 13.04 3.94 3.86
CA PHE A 60 13.77 3.19 2.84
C PHE A 60 15.27 3.34 3.02
N ASP A 61 15.87 2.45 3.79
CA ASP A 61 17.31 2.48 4.05
C ASP A 61 17.69 3.73 4.84
N GLY A 62 16.76 4.23 5.64
CA GLY A 62 17.02 5.42 6.44
C GLY A 62 16.12 6.58 6.08
N VAL A 63 15.85 6.75 4.79
CA VAL A 63 15.00 7.83 4.32
C VAL A 63 13.53 7.56 4.65
N GLN A 64 12.93 8.45 5.43
CA GLN A 64 11.53 8.31 5.81
C GLN A 64 10.61 8.58 4.62
N LEU A 65 9.73 7.63 4.33
CA LEU A 65 8.79 7.76 3.22
C LEU A 65 7.37 7.89 3.72
N CYS A 66 7.06 7.18 4.81
CA CYS A 66 5.71 7.22 5.38
C CYS A 66 5.78 7.42 6.89
N SER A 67 5.74 8.68 7.32
CA SER A 67 5.79 9.01 8.74
C SER A 67 4.57 8.48 9.47
N PHE A 68 3.44 8.43 8.76
CA PHE A 68 2.20 7.94 9.34
C PHE A 68 2.26 6.43 9.57
N ALA A 69 3.02 5.74 8.72
CA ALA A 69 3.16 4.29 8.83
C ALA A 69 3.86 3.90 10.13
N CYS A 70 3.94 2.60 10.39
CA CYS A 70 4.58 2.10 11.59
C CYS A 70 5.10 0.68 11.38
N VAL A 71 6.11 0.29 12.15
CA VAL A 71 6.69 -1.04 12.04
C VAL A 71 5.92 -2.05 12.89
N GLU A 72 4.61 -2.13 12.67
CA GLU A 72 3.77 -3.05 13.41
C GLU A 72 2.35 -3.08 12.83
N SER A 73 2.25 -2.90 11.52
CA SER A 73 0.96 -2.91 10.84
C SER A 73 1.12 -2.62 9.35
N THR A 74 1.75 -1.49 9.04
CA THR A 74 1.97 -1.09 7.65
C THR A 74 2.95 -2.04 6.96
N ILE A 75 2.73 -2.28 5.68
CA ILE A 75 3.58 -3.17 4.90
C ILE A 75 3.75 -2.66 3.48
N LEU A 76 4.98 -2.28 3.13
CA LEU A 76 5.28 -1.78 1.80
C LEU A 76 5.46 -2.93 0.81
N LEU A 77 4.55 -3.03 -0.15
CA LEU A 77 4.61 -4.08 -1.16
C LEU A 77 4.12 -3.58 -2.51
N HIS A 78 4.12 -4.46 -3.51
CA HIS A 78 3.68 -4.10 -4.85
C HIS A 78 2.16 -4.07 -4.93
N ILE A 79 1.62 -3.04 -5.57
CA ILE A 79 0.18 -2.89 -5.72
C ILE A 79 -0.44 -4.19 -6.22
N ASN A 80 0.26 -4.87 -7.13
CA ASN A 80 -0.22 -6.13 -7.68
C ASN A 80 -0.48 -7.13 -6.57
N ASP A 81 0.26 -7.00 -5.48
CA ASP A 81 0.11 -7.90 -4.34
C ASP A 81 -1.11 -7.52 -3.51
N ILE A 82 -1.50 -6.25 -3.58
CA ILE A 82 -2.66 -5.76 -2.83
C ILE A 82 -3.96 -6.20 -3.49
N ILE A 83 -5.00 -6.38 -2.67
CA ILE A 83 -6.30 -6.81 -3.18
C ILE A 83 -7.40 -5.85 -2.74
N PRO A 84 -7.67 -4.81 -3.55
CA PRO A 84 -8.70 -3.82 -3.24
C PRO A 84 -10.11 -4.33 -3.53
N GLU A 85 -11.08 -3.42 -3.52
CA GLU A 85 -12.46 -3.79 -3.79
C GLU A 85 -12.93 -3.20 -5.12
N SER A 86 -12.99 -4.05 -6.14
CA SER A 86 -13.42 -3.61 -7.47
C SER A 86 -14.14 -4.73 -8.20
N SER A 87 -15.41 -4.50 -8.51
CA SER A 87 -16.23 -5.49 -9.21
C SER A 87 -16.70 -4.96 -10.55
N GLY A 88 -15.89 -4.08 -11.15
CA GLY A 88 -16.24 -3.51 -12.44
C GLY A 88 -16.46 -2.01 -12.36
N PRO A 89 -16.08 -1.26 -13.41
CA PRO A 89 -16.25 0.20 -13.45
C PRO A 89 -17.71 0.61 -13.24
N SER A 90 -18.00 1.87 -13.58
CA SER A 90 -19.36 2.39 -13.43
C SER A 90 -19.45 3.81 -14.00
N SER A 91 -20.09 3.93 -15.16
CA SER A 91 -20.25 5.23 -15.80
C SER A 91 -21.02 6.20 -14.91
N GLY A 92 -22.17 5.75 -14.40
CA GLY A 92 -22.98 6.58 -13.54
C GLY A 92 -22.55 6.50 -12.09
N GLY A 1 -13.13 16.96 -10.28
CA GLY A 1 -11.80 16.89 -9.62
C GLY A 1 -11.35 15.48 -9.35
N SER A 2 -11.80 14.55 -10.19
CA SER A 2 -11.44 13.14 -10.04
C SER A 2 -9.99 12.89 -10.46
N SER A 3 -9.15 12.58 -9.49
CA SER A 3 -7.74 12.32 -9.76
C SER A 3 -7.55 11.00 -10.52
N GLY A 4 -7.63 11.07 -11.84
CA GLY A 4 -7.47 9.88 -12.65
C GLY A 4 -6.06 9.70 -13.16
N SER A 5 -5.46 10.79 -13.65
CA SER A 5 -4.10 10.75 -14.16
C SER A 5 -3.09 11.06 -13.06
N SER A 6 -3.24 12.23 -12.45
CA SER A 6 -2.34 12.66 -11.38
C SER A 6 -2.84 12.18 -10.02
N GLY A 7 -2.14 11.19 -9.45
CA GLY A 7 -2.53 10.67 -8.16
C GLY A 7 -2.37 9.16 -8.07
N PRO A 8 -1.95 8.63 -6.92
CA PRO A 8 -1.75 7.18 -6.73
C PRO A 8 -3.01 6.39 -7.09
N PRO A 9 -2.84 5.19 -7.68
CA PRO A 9 -3.97 4.33 -8.06
C PRO A 9 -4.86 3.98 -6.86
N LEU A 10 -4.25 3.34 -5.86
CA LEU A 10 -4.97 2.94 -4.66
C LEU A 10 -5.57 4.16 -3.96
N GLU A 11 -6.77 4.00 -3.42
CA GLU A 11 -7.45 5.09 -2.72
C GLU A 11 -7.06 5.09 -1.24
N ILE A 12 -6.67 6.27 -0.75
CA ILE A 12 -6.27 6.41 0.64
C ILE A 12 -7.48 6.31 1.57
N ASN A 13 -7.24 5.88 2.80
CA ASN A 13 -8.31 5.75 3.78
C ASN A 13 -9.37 4.75 3.30
N SER A 14 -8.93 3.76 2.53
CA SER A 14 -9.84 2.75 2.01
C SER A 14 -9.46 1.36 2.52
N ARG A 15 -10.27 0.37 2.17
CA ARG A 15 -10.03 -1.00 2.60
C ARG A 15 -9.42 -1.82 1.47
N VAL A 16 -8.29 -2.46 1.76
CA VAL A 16 -7.60 -3.28 0.77
C VAL A 16 -6.81 -4.40 1.43
N SER A 17 -6.82 -5.58 0.82
CA SER A 17 -6.11 -6.74 1.35
C SER A 17 -4.72 -6.86 0.74
N LEU A 18 -3.94 -7.81 1.23
CA LEU A 18 -2.60 -8.03 0.72
C LEU A 18 -2.29 -9.53 0.63
N LYS A 19 -1.62 -9.92 -0.45
CA LYS A 19 -1.26 -11.32 -0.66
C LYS A 19 0.00 -11.68 0.14
N VAL A 20 -0.20 -12.33 1.28
CA VAL A 20 0.90 -12.73 2.13
C VAL A 20 1.11 -14.24 2.08
N GLY A 21 2.20 -14.67 1.47
CA GLY A 21 2.49 -16.08 1.37
C GLY A 21 1.55 -16.81 0.42
N GLU A 22 0.58 -17.52 0.97
CA GLU A 22 -0.39 -18.26 0.16
C GLU A 22 -1.80 -17.73 0.35
N THR A 23 -2.01 -16.93 1.41
CA THR A 23 -3.32 -16.37 1.69
C THR A 23 -3.28 -14.85 1.65
N ILE A 24 -4.46 -14.23 1.73
CA ILE A 24 -4.57 -12.78 1.69
C ILE A 24 -4.87 -12.22 3.08
N GLU A 25 -4.62 -10.92 3.26
CA GLU A 25 -4.87 -10.28 4.54
C GLU A 25 -5.44 -8.87 4.34
N SER A 26 -6.62 -8.64 4.91
CA SER A 26 -7.28 -7.34 4.80
C SER A 26 -6.45 -6.25 5.48
N GLY A 27 -6.49 -5.05 4.91
CA GLY A 27 -5.74 -3.95 5.48
C GLY A 27 -6.31 -2.60 5.11
N THR A 28 -5.55 -1.54 5.34
CA THR A 28 -6.00 -0.19 5.02
C THR A 28 -4.98 0.51 4.13
N VAL A 29 -5.42 1.60 3.48
CA VAL A 29 -4.56 2.37 2.59
C VAL A 29 -4.06 3.63 3.27
N ILE A 30 -2.74 3.82 3.25
CA ILE A 30 -2.13 5.00 3.87
C ILE A 30 -1.13 5.67 2.93
N PHE A 31 -0.34 4.86 2.24
CA PHE A 31 0.65 5.37 1.30
C PHE A 31 0.58 4.64 -0.04
N CYS A 32 1.18 5.22 -1.06
CA CYS A 32 1.18 4.63 -2.39
C CYS A 32 2.01 5.46 -3.37
N ASP A 33 3.27 5.07 -3.54
CA ASP A 33 4.17 5.79 -4.44
C ASP A 33 5.39 4.93 -4.78
N VAL A 34 6.20 5.40 -5.73
CA VAL A 34 7.40 4.69 -6.13
C VAL A 34 8.47 4.75 -5.06
N LEU A 35 9.51 3.94 -5.23
CA LEU A 35 10.61 3.90 -4.27
C LEU A 35 11.88 4.49 -4.88
N PRO A 36 12.76 5.06 -4.04
CA PRO A 36 14.01 5.66 -4.49
C PRO A 36 14.81 4.74 -5.41
N GLY A 37 15.10 5.21 -6.61
CA GLY A 37 15.85 4.41 -7.56
C GLY A 37 15.17 3.09 -7.88
N LYS A 38 13.84 3.10 -7.84
CA LYS A 38 13.05 1.90 -8.13
C LYS A 38 11.76 2.26 -8.83
N GLU A 39 11.82 3.24 -9.74
CA GLU A 39 10.65 3.67 -10.48
C GLU A 39 10.26 2.65 -11.54
N SER A 40 11.25 1.90 -12.02
CA SER A 40 11.01 0.88 -13.04
C SER A 40 10.24 -0.31 -12.45
N LEU A 41 10.44 -0.57 -11.17
CA LEU A 41 9.77 -1.67 -10.50
C LEU A 41 8.26 -1.53 -10.59
N GLY A 42 7.76 -0.35 -10.24
CA GLY A 42 6.32 -0.10 -10.29
C GLY A 42 5.89 0.99 -9.31
N TYR A 43 4.91 0.66 -8.48
CA TYR A 43 4.40 1.62 -7.50
C TYR A 43 4.12 0.93 -6.17
N PHE A 44 5.10 0.94 -5.27
CA PHE A 44 4.95 0.31 -3.96
C PHE A 44 3.81 0.96 -3.18
N VAL A 45 3.27 0.21 -2.22
CA VAL A 45 2.18 0.72 -1.40
C VAL A 45 2.24 0.15 0.01
N GLY A 46 2.07 1.02 1.00
CA GLY A 46 2.11 0.58 2.39
C GLY A 46 0.73 0.38 2.96
N VAL A 47 0.36 -0.88 3.21
CA VAL A 47 -0.94 -1.21 3.76
C VAL A 47 -0.87 -1.43 5.27
N ASP A 48 -1.80 -0.81 6.00
CA ASP A 48 -1.84 -0.95 7.45
C ASP A 48 -2.88 -1.98 7.87
N MET A 49 -2.42 -3.22 8.05
CA MET A 49 -3.30 -4.31 8.44
C MET A 49 -3.90 -4.05 9.83
N ASP A 50 -5.01 -4.72 10.13
CA ASP A 50 -5.68 -4.56 11.42
C ASP A 50 -4.91 -5.29 12.52
N ASN A 51 -4.39 -6.47 12.19
CA ASN A 51 -3.65 -7.26 13.15
C ASN A 51 -2.16 -6.91 13.11
N PRO A 52 -1.42 -7.19 14.20
CA PRO A 52 0.01 -6.89 14.28
C PRO A 52 0.84 -7.80 13.37
N ILE A 53 0.94 -7.42 12.11
CA ILE A 53 1.70 -8.20 11.13
C ILE A 53 2.51 -7.30 10.20
N GLY A 54 2.84 -6.10 10.69
CA GLY A 54 3.60 -5.17 9.88
C GLY A 54 5.10 -5.30 10.10
N ASN A 55 5.88 -4.56 9.32
CA ASN A 55 7.34 -4.60 9.43
C ASN A 55 7.98 -3.49 8.60
N TRP A 56 7.31 -2.34 8.54
CA TRP A 56 7.80 -1.20 7.78
C TRP A 56 7.50 0.11 8.50
N ASP A 57 8.55 0.84 8.85
CA ASP A 57 8.40 2.12 9.55
C ASP A 57 8.52 3.28 8.58
N GLY A 58 8.15 3.05 7.32
CA GLY A 58 8.21 4.09 6.31
C GLY A 58 9.62 4.64 6.14
N ARG A 59 10.54 3.78 5.73
CA ARG A 59 11.93 4.19 5.53
C ARG A 59 12.59 3.34 4.44
N PHE A 60 13.62 3.90 3.82
CA PHE A 60 14.35 3.20 2.76
C PHE A 60 15.83 3.53 2.80
N ASP A 61 16.63 2.59 3.33
CA ASP A 61 18.07 2.79 3.43
C ASP A 61 18.41 3.92 4.40
N GLY A 62 17.52 4.17 5.35
CA GLY A 62 17.76 5.23 6.32
C GLY A 62 16.82 6.41 6.14
N VAL A 63 16.53 6.75 4.88
CA VAL A 63 15.65 7.87 4.59
C VAL A 63 14.20 7.51 4.87
N GLN A 64 13.43 8.51 5.32
CA GLN A 64 12.02 8.30 5.62
C GLN A 64 11.15 8.62 4.41
N LEU A 65 10.15 7.79 4.18
CA LEU A 65 9.23 7.97 3.05
C LEU A 65 7.81 8.17 3.53
N CYS A 66 7.41 7.38 4.53
CA CYS A 66 6.07 7.47 5.09
C CYS A 66 6.11 7.71 6.60
N SER A 67 5.79 8.94 7.01
CA SER A 67 5.80 9.29 8.41
C SER A 67 4.68 8.57 9.16
N PHE A 68 3.58 8.33 8.47
CA PHE A 68 2.43 7.65 9.07
C PHE A 68 2.72 6.17 9.25
N ALA A 69 3.54 5.62 8.37
CA ALA A 69 3.91 4.20 8.45
C ALA A 69 4.63 3.89 9.74
N CYS A 70 4.56 2.63 10.17
CA CYS A 70 5.21 2.20 11.40
C CYS A 70 5.51 0.71 11.36
N VAL A 71 6.73 0.34 11.74
CA VAL A 71 7.14 -1.06 11.75
C VAL A 71 6.34 -1.85 12.78
N GLU A 72 5.15 -2.29 12.40
CA GLU A 72 4.29 -3.06 13.29
C GLU A 72 3.02 -3.50 12.58
N SER A 73 2.47 -2.62 11.75
CA SER A 73 1.24 -2.92 11.01
C SER A 73 1.41 -2.60 9.53
N THR A 74 1.99 -1.44 9.23
CA THR A 74 2.20 -1.02 7.85
C THR A 74 3.09 -2.01 7.10
N ILE A 75 2.76 -2.24 5.84
CA ILE A 75 3.52 -3.16 5.00
C ILE A 75 3.63 -2.64 3.57
N LEU A 76 4.86 -2.30 3.17
CA LEU A 76 5.10 -1.79 1.82
C LEU A 76 5.28 -2.93 0.83
N LEU A 77 4.43 -2.95 -0.18
CA LEU A 77 4.49 -4.01 -1.21
C LEU A 77 3.98 -3.49 -2.54
N HIS A 78 3.99 -4.35 -3.55
CA HIS A 78 3.54 -3.99 -4.89
C HIS A 78 2.01 -3.96 -4.95
N ILE A 79 1.47 -2.90 -5.55
CA ILE A 79 0.02 -2.76 -5.68
C ILE A 79 -0.61 -4.04 -6.22
N ASN A 80 0.09 -4.69 -7.13
CA ASN A 80 -0.39 -5.93 -7.73
C ASN A 80 -0.65 -6.98 -6.65
N ASP A 81 0.08 -6.87 -5.54
CA ASP A 81 -0.07 -7.79 -4.43
C ASP A 81 -1.30 -7.43 -3.59
N ILE A 82 -1.68 -6.16 -3.62
CA ILE A 82 -2.83 -5.68 -2.87
C ILE A 82 -4.14 -6.17 -3.49
N ILE A 83 -5.15 -6.36 -2.66
CA ILE A 83 -6.45 -6.83 -3.13
C ILE A 83 -7.58 -5.99 -2.54
N PRO A 84 -8.00 -4.93 -3.25
CA PRO A 84 -9.09 -4.04 -2.80
C PRO A 84 -10.44 -4.74 -2.82
N GLU A 85 -11.49 -3.99 -2.50
CA GLU A 85 -12.84 -4.53 -2.47
C GLU A 85 -13.41 -4.63 -3.89
N SER A 86 -14.33 -5.57 -4.07
CA SER A 86 -14.95 -5.78 -5.37
C SER A 86 -16.25 -6.57 -5.24
N SER A 87 -16.21 -7.62 -4.44
CA SER A 87 -17.39 -8.46 -4.23
C SER A 87 -17.69 -8.60 -2.73
N GLY A 88 -18.75 -7.94 -2.28
CA GLY A 88 -19.11 -8.00 -0.88
C GLY A 88 -20.08 -9.14 -0.59
N PRO A 89 -19.94 -9.81 0.58
CA PRO A 89 -20.82 -10.91 0.96
C PRO A 89 -22.20 -10.44 1.38
N SER A 90 -22.26 -9.28 2.03
CA SER A 90 -23.52 -8.71 2.49
C SER A 90 -24.24 -7.98 1.35
N SER A 91 -25.28 -8.62 0.82
CA SER A 91 -26.05 -8.03 -0.27
C SER A 91 -27.54 -8.27 -0.06
N GLY A 92 -28.36 -7.57 -0.85
CA GLY A 92 -29.80 -7.72 -0.74
C GLY A 92 -30.32 -8.87 -1.56
N GLY A 1 10.19 17.01 -0.39
CA GLY A 1 9.30 16.29 0.54
C GLY A 1 7.82 16.50 0.22
N SER A 2 7.46 16.33 -1.03
CA SER A 2 6.08 16.51 -1.46
C SER A 2 5.61 17.93 -1.20
N SER A 3 5.71 18.78 -2.22
CA SER A 3 5.30 20.18 -2.09
C SER A 3 3.93 20.40 -2.72
N GLY A 4 3.74 19.87 -3.92
CA GLY A 4 2.47 20.01 -4.61
C GLY A 4 1.47 18.93 -4.22
N SER A 5 0.51 18.68 -5.09
CA SER A 5 -0.51 17.67 -4.83
C SER A 5 -0.13 16.33 -5.45
N SER A 6 -0.99 15.33 -5.28
CA SER A 6 -0.73 14.00 -5.82
C SER A 6 -2.03 13.21 -5.96
N GLY A 7 -2.05 12.29 -6.93
CA GLY A 7 -3.23 11.49 -7.15
C GLY A 7 -2.90 10.06 -7.53
N PRO A 8 -2.24 9.31 -6.64
CA PRO A 8 -1.85 7.91 -6.89
C PRO A 8 -3.05 7.05 -7.28
N PRO A 9 -2.81 5.86 -7.84
CA PRO A 9 -3.88 4.93 -8.25
C PRO A 9 -4.77 4.53 -7.08
N LEU A 10 -4.17 3.86 -6.10
CA LEU A 10 -4.91 3.42 -4.91
C LEU A 10 -5.51 4.61 -4.17
N GLU A 11 -6.66 4.39 -3.52
CA GLU A 11 -7.33 5.44 -2.78
C GLU A 11 -6.83 5.49 -1.34
N ILE A 12 -6.47 6.68 -0.88
CA ILE A 12 -5.97 6.87 0.48
C ILE A 12 -7.09 6.69 1.50
N ASN A 13 -6.74 6.20 2.69
CA ASN A 13 -7.70 5.99 3.75
C ASN A 13 -8.78 5.00 3.31
N SER A 14 -8.38 3.99 2.56
CA SER A 14 -9.31 2.98 2.07
C SER A 14 -9.00 1.61 2.68
N ARG A 15 -9.79 0.61 2.32
CA ARG A 15 -9.60 -0.74 2.82
C ARG A 15 -9.21 -1.70 1.71
N VAL A 16 -8.03 -2.27 1.81
CA VAL A 16 -7.53 -3.21 0.82
C VAL A 16 -6.72 -4.33 1.46
N SER A 17 -6.75 -5.51 0.84
CA SER A 17 -6.02 -6.66 1.35
C SER A 17 -4.67 -6.81 0.67
N LEU A 18 -3.84 -7.70 1.19
CA LEU A 18 -2.51 -7.94 0.63
C LEU A 18 -2.23 -9.45 0.54
N LYS A 19 -1.42 -9.83 -0.44
CA LYS A 19 -1.06 -11.23 -0.62
C LYS A 19 0.15 -11.61 0.22
N VAL A 20 -0.09 -12.25 1.35
CA VAL A 20 0.98 -12.67 2.26
C VAL A 20 1.12 -14.18 2.28
N GLY A 21 2.31 -14.67 1.92
CA GLY A 21 2.55 -16.10 1.91
C GLY A 21 1.60 -16.85 0.99
N GLU A 22 0.67 -17.60 1.58
CA GLU A 22 -0.29 -18.36 0.80
C GLU A 22 -1.72 -17.97 1.16
N THR A 23 -1.90 -16.70 1.54
CA THR A 23 -3.22 -16.19 1.90
C THR A 23 -3.25 -14.67 1.82
N ILE A 24 -4.45 -14.11 1.91
CA ILE A 24 -4.62 -12.66 1.85
C ILE A 24 -4.92 -12.08 3.23
N GLU A 25 -4.68 -10.78 3.38
CA GLU A 25 -4.92 -10.11 4.65
C GLU A 25 -5.44 -8.69 4.42
N SER A 26 -6.64 -8.42 4.94
CA SER A 26 -7.26 -7.11 4.80
C SER A 26 -6.45 -6.05 5.53
N GLY A 27 -6.38 -4.85 4.95
CA GLY A 27 -5.64 -3.77 5.58
C GLY A 27 -6.13 -2.40 5.14
N THR A 28 -5.50 -1.36 5.65
CA THR A 28 -5.87 0.01 5.30
C THR A 28 -4.79 0.68 4.47
N VAL A 29 -5.20 1.54 3.55
CA VAL A 29 -4.26 2.25 2.68
C VAL A 29 -3.69 3.48 3.37
N ILE A 30 -2.42 3.75 3.12
CA ILE A 30 -1.75 4.90 3.72
C ILE A 30 -0.69 5.48 2.78
N PHE A 31 0.09 4.59 2.17
CA PHE A 31 1.15 5.01 1.25
C PHE A 31 0.99 4.32 -0.10
N CYS A 32 1.18 5.09 -1.17
CA CYS A 32 1.06 4.54 -2.52
C CYS A 32 1.85 5.40 -3.52
N ASP A 33 3.02 4.92 -3.91
CA ASP A 33 3.86 5.63 -4.86
C ASP A 33 5.14 4.85 -5.15
N VAL A 34 6.02 5.46 -5.94
CA VAL A 34 7.29 4.82 -6.30
C VAL A 34 8.33 5.02 -5.22
N LEU A 35 9.20 4.03 -5.06
CA LEU A 35 10.25 4.08 -4.06
C LEU A 35 11.45 4.88 -4.57
N PRO A 36 12.30 5.38 -3.67
CA PRO A 36 13.48 6.16 -4.03
C PRO A 36 14.49 5.33 -4.83
N GLY A 37 14.63 5.66 -6.12
CA GLY A 37 15.56 4.95 -6.96
C GLY A 37 15.04 3.59 -7.37
N LYS A 38 13.72 3.46 -7.44
CA LYS A 38 13.08 2.20 -7.82
C LYS A 38 11.83 2.45 -8.64
N GLU A 39 11.83 3.54 -9.40
CA GLU A 39 10.69 3.89 -10.24
C GLU A 39 10.50 2.87 -11.36
N SER A 40 11.60 2.29 -11.82
CA SER A 40 11.55 1.30 -12.88
C SER A 40 10.82 0.04 -12.43
N LEU A 41 10.91 -0.26 -11.14
CA LEU A 41 10.24 -1.43 -10.58
C LEU A 41 8.73 -1.35 -10.77
N GLY A 42 8.13 -0.28 -10.27
CA GLY A 42 6.69 -0.09 -10.40
C GLY A 42 6.14 0.90 -9.40
N TYR A 43 5.03 0.54 -8.77
CA TYR A 43 4.39 1.40 -7.78
C TYR A 43 4.14 0.64 -6.48
N PHE A 44 5.00 0.87 -5.50
CA PHE A 44 4.87 0.21 -4.20
C PHE A 44 3.72 0.81 -3.40
N VAL A 45 3.25 0.07 -2.41
CA VAL A 45 2.15 0.54 -1.57
C VAL A 45 2.21 -0.08 -0.18
N GLY A 46 1.94 0.72 0.84
CA GLY A 46 1.97 0.23 2.21
C GLY A 46 0.58 0.18 2.82
N VAL A 47 0.14 -1.03 3.18
CA VAL A 47 -1.17 -1.21 3.79
C VAL A 47 -1.05 -1.51 5.28
N ASP A 48 -1.73 -0.70 6.09
CA ASP A 48 -1.70 -0.88 7.54
C ASP A 48 -2.70 -1.95 7.97
N MET A 49 -2.20 -3.14 8.23
CA MET A 49 -3.04 -4.26 8.66
C MET A 49 -3.77 -3.93 9.96
N ASP A 50 -4.77 -4.73 10.29
CA ASP A 50 -5.55 -4.52 11.51
C ASP A 50 -4.79 -5.04 12.73
N ASN A 51 -4.11 -6.16 12.56
CA ASN A 51 -3.34 -6.77 13.65
C ASN A 51 -1.84 -6.60 13.42
N PRO A 52 -1.03 -6.79 14.47
CA PRO A 52 0.42 -6.65 14.37
C PRO A 52 1.05 -7.77 13.55
N ILE A 53 1.13 -7.56 12.24
CA ILE A 53 1.71 -8.56 11.35
C ILE A 53 2.44 -7.90 10.18
N GLY A 54 2.96 -6.69 10.42
CA GLY A 54 3.67 -5.98 9.38
C GLY A 54 5.18 -6.14 9.49
N ASN A 55 5.92 -5.28 8.79
CA ASN A 55 7.38 -5.34 8.81
C ASN A 55 7.98 -4.20 7.99
N TRP A 56 7.44 -3.00 8.17
CA TRP A 56 7.93 -1.83 7.45
C TRP A 56 7.61 -0.56 8.21
N ASP A 57 8.62 -0.01 8.88
CA ASP A 57 8.46 1.22 9.65
C ASP A 57 8.03 2.37 8.75
N GLY A 58 8.44 2.32 7.49
CA GLY A 58 8.08 3.37 6.55
C GLY A 58 9.27 4.23 6.16
N ARG A 59 10.43 3.59 6.01
CA ARG A 59 11.65 4.32 5.64
C ARG A 59 12.39 3.59 4.52
N PHE A 60 13.52 4.15 4.11
CA PHE A 60 14.33 3.56 3.04
C PHE A 60 15.81 3.79 3.30
N ASP A 61 16.45 2.87 4.01
CA ASP A 61 17.86 2.98 4.32
C ASP A 61 18.15 4.22 5.17
N GLY A 62 17.17 4.60 5.98
CA GLY A 62 17.32 5.76 6.84
C GLY A 62 16.26 6.81 6.58
N VAL A 63 16.11 7.23 5.33
CA VAL A 63 15.13 8.24 4.96
C VAL A 63 13.71 7.76 5.26
N GLN A 64 12.91 8.63 5.85
CA GLN A 64 11.53 8.30 6.19
C GLN A 64 10.61 8.54 5.00
N LEU A 65 9.83 7.53 4.65
CA LEU A 65 8.90 7.63 3.53
C LEU A 65 7.47 7.82 4.02
N CYS A 66 7.09 7.02 5.02
CA CYS A 66 5.74 7.09 5.58
C CYS A 66 5.80 7.11 7.11
N SER A 67 5.52 8.28 7.68
CA SER A 67 5.53 8.44 9.13
C SER A 67 4.39 7.66 9.77
N PHE A 68 3.23 7.68 9.12
CA PHE A 68 2.06 6.98 9.62
C PHE A 68 2.31 5.47 9.71
N ALA A 69 3.13 4.97 8.78
CA ALA A 69 3.46 3.56 8.75
C ALA A 69 4.20 3.13 10.01
N CYS A 70 4.43 1.82 10.14
CA CYS A 70 5.12 1.28 11.31
C CYS A 70 5.61 -0.13 11.04
N VAL A 71 6.58 -0.58 11.83
CA VAL A 71 7.13 -1.92 11.68
C VAL A 71 6.34 -2.94 12.49
N GLU A 72 5.02 -2.94 12.31
CA GLU A 72 4.15 -3.87 13.03
C GLU A 72 2.70 -3.71 12.57
N SER A 73 2.51 -3.43 11.28
CA SER A 73 1.18 -3.26 10.72
C SER A 73 1.26 -2.94 9.23
N THR A 74 1.95 -1.86 8.89
CA THR A 74 2.10 -1.45 7.51
C THR A 74 3.01 -2.40 6.75
N ILE A 75 2.63 -2.72 5.51
CA ILE A 75 3.43 -3.62 4.68
C ILE A 75 3.57 -3.06 3.26
N LEU A 76 4.79 -2.70 2.90
CA LEU A 76 5.06 -2.16 1.57
C LEU A 76 5.13 -3.27 0.54
N LEU A 77 4.25 -3.20 -0.45
CA LEU A 77 4.20 -4.21 -1.51
C LEU A 77 3.67 -3.61 -2.81
N HIS A 78 3.79 -4.37 -3.89
CA HIS A 78 3.32 -3.92 -5.20
C HIS A 78 1.80 -3.87 -5.25
N ILE A 79 1.26 -2.81 -5.85
CA ILE A 79 -0.17 -2.64 -5.97
C ILE A 79 -0.84 -3.91 -6.49
N ASN A 80 -0.18 -4.57 -7.43
CA ASN A 80 -0.70 -5.81 -8.00
C ASN A 80 -0.93 -6.85 -6.91
N ASP A 81 -0.16 -6.74 -5.83
CA ASP A 81 -0.29 -7.67 -4.71
C ASP A 81 -1.48 -7.31 -3.83
N ILE A 82 -1.91 -6.04 -3.90
CA ILE A 82 -3.03 -5.57 -3.11
C ILE A 82 -4.36 -6.11 -3.67
N ILE A 83 -5.29 -6.42 -2.78
CA ILE A 83 -6.60 -6.93 -3.18
C ILE A 83 -7.72 -6.14 -2.52
N PRO A 84 -8.19 -5.07 -3.18
CA PRO A 84 -9.27 -4.22 -2.64
C PRO A 84 -10.64 -4.91 -2.73
N GLU A 85 -11.69 -4.14 -2.51
CA GLU A 85 -13.05 -4.68 -2.57
C GLU A 85 -13.75 -4.23 -3.84
N SER A 86 -13.59 -5.01 -4.90
CA SER A 86 -14.21 -4.70 -6.18
C SER A 86 -15.29 -5.71 -6.52
N SER A 87 -14.90 -6.98 -6.61
CA SER A 87 -15.85 -8.05 -6.93
C SER A 87 -15.17 -9.42 -6.82
N GLY A 88 -15.99 -10.46 -6.68
CA GLY A 88 -15.45 -11.80 -6.56
C GLY A 88 -16.12 -12.59 -5.45
N PRO A 89 -16.76 -13.74 -5.78
CA PRO A 89 -17.43 -14.57 -4.77
C PRO A 89 -16.44 -15.28 -3.86
N SER A 90 -16.60 -15.07 -2.56
CA SER A 90 -15.72 -15.70 -1.57
C SER A 90 -16.38 -16.92 -0.93
N SER A 91 -17.23 -17.60 -1.71
CA SER A 91 -17.92 -18.77 -1.23
C SER A 91 -17.64 -19.98 -2.11
N GLY A 92 -18.18 -21.14 -1.73
CA GLY A 92 -17.97 -22.35 -2.50
C GLY A 92 -16.59 -22.93 -2.30
N GLY A 1 1.09 25.17 -11.14
CA GLY A 1 0.93 25.53 -9.71
C GLY A 1 1.52 24.48 -8.78
N SER A 2 0.90 23.31 -8.75
CA SER A 2 1.36 22.21 -7.90
C SER A 2 0.99 20.86 -8.49
N SER A 3 1.54 19.79 -7.92
CA SER A 3 1.26 18.45 -8.39
C SER A 3 1.70 18.28 -9.84
N GLY A 4 2.90 17.74 -10.04
CA GLY A 4 3.41 17.53 -11.38
C GLY A 4 3.19 16.12 -11.88
N SER A 5 4.18 15.25 -11.67
CA SER A 5 4.09 13.86 -12.09
C SER A 5 3.73 12.96 -10.92
N SER A 6 2.44 12.69 -10.76
CA SER A 6 1.97 11.83 -9.68
C SER A 6 0.60 11.24 -10.01
N GLY A 7 0.06 10.45 -9.09
CA GLY A 7 -1.23 9.85 -9.30
C GLY A 7 -1.27 8.39 -8.85
N PRO A 8 -1.43 8.15 -7.53
CA PRO A 8 -1.47 6.79 -6.99
C PRO A 8 -2.77 6.06 -7.36
N PRO A 9 -2.65 4.87 -7.97
CA PRO A 9 -3.83 4.08 -8.37
C PRO A 9 -4.75 3.77 -7.19
N LEU A 10 -4.21 3.08 -6.20
CA LEU A 10 -4.98 2.71 -5.01
C LEU A 10 -5.52 3.95 -4.31
N GLU A 11 -6.67 3.81 -3.65
CA GLU A 11 -7.29 4.91 -2.93
C GLU A 11 -6.80 4.96 -1.49
N ILE A 12 -6.75 6.17 -0.93
CA ILE A 12 -6.31 6.36 0.44
C ILE A 12 -7.47 6.21 1.42
N ASN A 13 -7.16 5.80 2.65
CA ASN A 13 -8.18 5.62 3.67
C ASN A 13 -9.20 4.57 3.25
N SER A 14 -8.75 3.59 2.48
CA SER A 14 -9.62 2.52 2.00
C SER A 14 -9.14 1.16 2.50
N ARG A 15 -10.02 0.17 2.47
CA ARG A 15 -9.69 -1.17 2.93
C ARG A 15 -9.18 -2.03 1.76
N VAL A 16 -7.95 -2.50 1.88
CA VAL A 16 -7.35 -3.33 0.85
C VAL A 16 -6.60 -4.52 1.45
N SER A 17 -6.68 -5.66 0.78
CA SER A 17 -6.03 -6.88 1.26
C SER A 17 -4.63 -7.01 0.68
N LEU A 18 -3.87 -7.99 1.17
CA LEU A 18 -2.51 -8.22 0.70
C LEU A 18 -2.25 -9.71 0.54
N LYS A 19 -1.94 -10.12 -0.69
CA LYS A 19 -1.67 -11.52 -0.98
C LYS A 19 -0.32 -11.94 -0.38
N VAL A 20 -0.36 -12.45 0.84
CA VAL A 20 0.86 -12.89 1.52
C VAL A 20 1.03 -14.40 1.44
N GLY A 21 2.07 -14.84 0.75
CA GLY A 21 2.32 -16.27 0.60
C GLY A 21 1.17 -16.99 -0.06
N GLU A 22 0.44 -17.77 0.72
CA GLU A 22 -0.70 -18.53 0.20
C GLU A 22 -1.99 -18.12 0.89
N THR A 23 -2.06 -16.85 1.27
CA THR A 23 -3.25 -16.33 1.95
C THR A 23 -3.39 -14.83 1.72
N ILE A 24 -4.53 -14.27 2.14
CA ILE A 24 -4.78 -12.84 1.97
C ILE A 24 -4.86 -12.15 3.33
N GLU A 25 -4.44 -10.89 3.37
CA GLU A 25 -4.47 -10.12 4.61
C GLU A 25 -5.15 -8.77 4.41
N SER A 26 -6.33 -8.61 4.99
CA SER A 26 -7.08 -7.37 4.87
C SER A 26 -6.38 -6.24 5.60
N GLY A 27 -6.31 -5.07 4.96
CA GLY A 27 -5.67 -3.93 5.57
C GLY A 27 -6.23 -2.61 5.07
N THR A 28 -5.58 -1.51 5.45
CA THR A 28 -6.02 -0.19 5.03
C THR A 28 -4.97 0.49 4.16
N VAL A 29 -5.36 1.57 3.50
CA VAL A 29 -4.45 2.31 2.62
C VAL A 29 -4.03 3.62 3.26
N ILE A 30 -2.76 3.99 3.07
CA ILE A 30 -2.23 5.22 3.63
C ILE A 30 -1.12 5.79 2.75
N PHE A 31 -0.23 4.92 2.27
CA PHE A 31 0.87 5.34 1.42
C PHE A 31 0.79 4.66 0.05
N CYS A 32 1.17 5.40 -0.98
CA CYS A 32 1.15 4.87 -2.35
C CYS A 32 2.06 5.68 -3.27
N ASP A 33 3.18 5.09 -3.65
CA ASP A 33 4.13 5.75 -4.54
C ASP A 33 5.29 4.82 -4.89
N VAL A 34 6.17 5.28 -5.77
CA VAL A 34 7.31 4.49 -6.20
C VAL A 34 8.45 4.59 -5.19
N LEU A 35 9.42 3.69 -5.30
CA LEU A 35 10.57 3.68 -4.41
C LEU A 35 11.85 4.06 -5.15
N PRO A 36 12.84 4.60 -4.43
CA PRO A 36 14.12 5.01 -5.03
C PRO A 36 14.75 3.89 -5.86
N GLY A 37 15.02 4.18 -7.13
CA GLY A 37 15.61 3.20 -8.01
C GLY A 37 14.74 1.97 -8.19
N LYS A 38 13.43 2.18 -8.17
CA LYS A 38 12.49 1.08 -8.34
C LYS A 38 11.23 1.55 -9.06
N GLU A 39 11.38 2.53 -9.94
CA GLU A 39 10.25 3.06 -10.69
C GLU A 39 9.80 2.10 -11.78
N SER A 40 10.76 1.34 -12.32
CA SER A 40 10.47 0.37 -13.36
C SER A 40 9.63 -0.78 -12.82
N LEU A 41 9.85 -1.11 -11.55
CA LEU A 41 9.12 -2.21 -10.92
C LEU A 41 7.62 -1.91 -10.88
N GLY A 42 7.27 -0.70 -10.47
CA GLY A 42 5.87 -0.30 -10.40
C GLY A 42 5.63 0.80 -9.41
N TYR A 43 4.58 0.66 -8.60
CA TYR A 43 4.24 1.67 -7.60
C TYR A 43 3.96 1.01 -6.25
N PHE A 44 4.94 1.07 -5.36
CA PHE A 44 4.80 0.48 -4.03
C PHE A 44 3.64 1.13 -3.27
N VAL A 45 3.10 0.41 -2.30
CA VAL A 45 1.99 0.92 -1.50
C VAL A 45 2.05 0.38 -0.07
N GLY A 46 1.89 1.27 0.90
CA GLY A 46 1.92 0.87 2.29
C GLY A 46 0.54 0.57 2.83
N VAL A 47 0.27 -0.71 3.10
CA VAL A 47 -1.02 -1.12 3.63
C VAL A 47 -0.96 -1.28 5.14
N ASP A 48 -1.95 -0.71 5.83
CA ASP A 48 -2.01 -0.78 7.28
C ASP A 48 -2.96 -1.89 7.72
N MET A 49 -2.40 -3.00 8.16
CA MET A 49 -3.19 -4.14 8.61
C MET A 49 -3.88 -3.83 9.94
N ASP A 50 -4.82 -4.69 10.33
CA ASP A 50 -5.55 -4.51 11.57
C ASP A 50 -4.78 -5.08 12.75
N ASN A 51 -4.06 -6.18 12.51
CA ASN A 51 -3.26 -6.83 13.54
C ASN A 51 -1.79 -6.46 13.42
N PRO A 52 -1.02 -6.62 14.51
CA PRO A 52 0.41 -6.30 14.52
C PRO A 52 1.23 -7.27 13.68
N ILE A 53 0.97 -7.30 12.38
CA ILE A 53 1.67 -8.18 11.46
C ILE A 53 2.42 -7.39 10.38
N GLY A 54 2.82 -6.18 10.73
CA GLY A 54 3.54 -5.34 9.78
C GLY A 54 5.04 -5.53 9.86
N ASN A 55 5.76 -4.80 9.01
CA ASN A 55 7.23 -4.89 8.98
C ASN A 55 7.83 -3.73 8.21
N TRP A 56 7.18 -2.58 8.28
CA TRP A 56 7.65 -1.39 7.58
C TRP A 56 7.37 -0.13 8.40
N ASP A 57 8.44 0.50 8.88
CA ASP A 57 8.31 1.72 9.67
C ASP A 57 8.02 2.93 8.79
N GLY A 58 8.41 2.83 7.52
CA GLY A 58 8.18 3.93 6.60
C GLY A 58 9.48 4.54 6.10
N ARG A 59 10.53 3.74 6.04
CA ARG A 59 11.83 4.21 5.58
C ARG A 59 12.40 3.28 4.51
N PHE A 60 13.41 3.77 3.79
CA PHE A 60 14.03 2.99 2.73
C PHE A 60 15.55 3.05 2.84
N ASP A 61 16.14 2.05 3.48
CA ASP A 61 17.59 1.99 3.65
C ASP A 61 18.09 3.15 4.50
N GLY A 62 17.23 3.63 5.40
CA GLY A 62 17.60 4.73 6.27
C GLY A 62 16.68 5.93 6.13
N VAL A 63 16.56 6.44 4.90
CA VAL A 63 15.71 7.60 4.64
C VAL A 63 14.25 7.29 4.93
N GLN A 64 13.55 8.26 5.51
CA GLN A 64 12.13 8.09 5.85
C GLN A 64 11.24 8.59 4.72
N LEU A 65 10.40 7.70 4.20
CA LEU A 65 9.50 8.05 3.12
C LEU A 65 8.08 8.29 3.63
N CYS A 66 7.63 7.39 4.52
CA CYS A 66 6.30 7.49 5.10
C CYS A 66 6.37 7.73 6.60
N SER A 67 5.66 8.76 7.07
CA SER A 67 5.66 9.08 8.49
C SER A 67 4.52 8.36 9.20
N PHE A 68 3.42 8.15 8.49
CA PHE A 68 2.26 7.47 9.06
C PHE A 68 2.53 5.98 9.22
N ALA A 69 3.38 5.44 8.34
CA ALA A 69 3.71 4.02 8.39
C ALA A 69 4.48 3.68 9.65
N CYS A 70 4.30 2.45 10.13
CA CYS A 70 4.98 2.00 11.34
C CYS A 70 5.25 0.50 11.27
N VAL A 71 6.41 0.09 11.79
CA VAL A 71 6.79 -1.32 11.79
C VAL A 71 5.93 -2.13 12.76
N GLU A 72 4.67 -2.36 12.38
CA GLU A 72 3.75 -3.10 13.22
C GLU A 72 2.47 -3.44 12.46
N SER A 73 1.97 -2.48 11.70
CA SER A 73 0.75 -2.66 10.92
C SER A 73 0.97 -2.33 9.45
N THR A 74 1.57 -1.17 9.20
CA THR A 74 1.85 -0.73 7.84
C THR A 74 2.80 -1.69 7.13
N ILE A 75 2.59 -1.88 5.83
CA ILE A 75 3.42 -2.78 5.03
C ILE A 75 3.51 -2.30 3.59
N LEU A 76 4.72 -1.98 3.15
CA LEU A 76 4.94 -1.52 1.79
C LEU A 76 5.22 -2.69 0.85
N LEU A 77 4.35 -2.86 -0.15
CA LEU A 77 4.51 -3.95 -1.11
C LEU A 77 4.01 -3.54 -2.48
N HIS A 78 4.11 -4.46 -3.44
CA HIS A 78 3.67 -4.18 -4.81
C HIS A 78 2.14 -4.19 -4.90
N ILE A 79 1.59 -3.16 -5.54
CA ILE A 79 0.15 -3.04 -5.70
C ILE A 79 -0.45 -4.35 -6.21
N ASN A 80 0.28 -5.03 -7.07
CA ASN A 80 -0.17 -6.31 -7.63
C ASN A 80 -0.43 -7.31 -6.51
N ASP A 81 0.28 -7.15 -5.40
CA ASP A 81 0.12 -8.04 -4.26
C ASP A 81 -1.12 -7.66 -3.45
N ILE A 82 -1.51 -6.39 -3.54
CA ILE A 82 -2.68 -5.89 -2.83
C ILE A 82 -3.97 -6.41 -3.46
N ILE A 83 -5.03 -6.54 -2.66
CA ILE A 83 -6.31 -7.02 -3.16
C ILE A 83 -7.46 -6.25 -2.52
N PRO A 84 -7.88 -5.14 -3.15
CA PRO A 84 -8.98 -4.32 -2.65
C PRO A 84 -10.32 -5.05 -2.67
N GLU A 85 -11.41 -4.30 -2.60
CA GLU A 85 -12.75 -4.88 -2.62
C GLU A 85 -13.37 -4.79 -4.01
N SER A 86 -12.52 -4.84 -5.04
CA SER A 86 -12.98 -4.76 -6.42
C SER A 86 -13.09 -6.15 -7.04
N SER A 87 -13.30 -6.19 -8.35
CA SER A 87 -13.41 -7.47 -9.06
C SER A 87 -13.52 -7.24 -10.57
N GLY A 88 -14.28 -6.22 -10.95
CA GLY A 88 -14.44 -5.92 -12.36
C GLY A 88 -13.57 -4.76 -12.81
N PRO A 89 -14.07 -3.51 -12.70
CA PRO A 89 -13.33 -2.32 -13.11
C PRO A 89 -12.14 -2.04 -12.18
N SER A 90 -11.50 -0.90 -12.38
CA SER A 90 -10.35 -0.51 -11.57
C SER A 90 -9.22 -1.53 -11.71
N SER A 91 -7.99 -1.08 -11.48
CA SER A 91 -6.83 -1.94 -11.59
C SER A 91 -6.73 -2.86 -10.38
N GLY A 92 -5.70 -3.70 -10.36
CA GLY A 92 -5.50 -4.62 -9.25
C GLY A 92 -4.06 -4.68 -8.79
N GLY A 1 -8.85 14.83 -17.37
CA GLY A 1 -7.83 14.33 -18.33
C GLY A 1 -7.44 12.88 -18.06
N SER A 2 -6.47 12.70 -17.17
CA SER A 2 -6.00 11.36 -16.81
C SER A 2 -5.31 10.69 -18.00
N SER A 3 -6.11 10.24 -18.97
CA SER A 3 -5.58 9.59 -20.17
C SER A 3 -4.86 8.30 -19.80
N GLY A 4 -3.63 8.42 -19.32
CA GLY A 4 -2.85 7.25 -18.96
C GLY A 4 -3.05 6.87 -17.50
N SER A 5 -2.11 7.28 -16.65
CA SER A 5 -2.19 6.98 -15.23
C SER A 5 -1.19 7.84 -14.44
N SER A 6 -1.68 8.94 -13.87
CA SER A 6 -0.83 9.83 -13.09
C SER A 6 -1.31 9.92 -11.65
N GLY A 7 -0.38 9.76 -10.71
CA GLY A 7 -0.73 9.82 -9.30
C GLY A 7 -0.89 8.45 -8.67
N PRO A 8 -1.22 8.38 -7.38
CA PRO A 8 -1.39 7.11 -6.68
C PRO A 8 -2.65 6.37 -7.13
N PRO A 9 -2.49 5.22 -7.81
CA PRO A 9 -3.63 4.42 -8.29
C PRO A 9 -4.55 4.00 -7.16
N LEU A 10 -3.98 3.32 -6.16
CA LEU A 10 -4.75 2.86 -5.01
C LEU A 10 -5.42 4.04 -4.30
N GLU A 11 -6.58 3.77 -3.71
CA GLU A 11 -7.33 4.80 -2.98
C GLU A 11 -6.82 4.93 -1.55
N ILE A 12 -6.48 6.15 -1.15
CA ILE A 12 -5.99 6.41 0.20
C ILE A 12 -7.12 6.34 1.21
N ASN A 13 -6.78 5.99 2.46
CA ASN A 13 -7.77 5.90 3.52
C ASN A 13 -8.83 4.86 3.18
N SER A 14 -8.44 3.84 2.44
CA SER A 14 -9.36 2.78 2.05
C SER A 14 -8.90 1.42 2.59
N ARG A 15 -9.82 0.47 2.65
CA ARG A 15 -9.51 -0.87 3.15
C ARG A 15 -9.12 -1.80 2.01
N VAL A 16 -7.86 -2.22 2.00
CA VAL A 16 -7.37 -3.12 0.97
C VAL A 16 -6.60 -4.30 1.58
N SER A 17 -6.71 -5.45 0.94
CA SER A 17 -6.03 -6.65 1.41
C SER A 17 -4.67 -6.81 0.76
N LEU A 18 -3.91 -7.82 1.18
CA LEU A 18 -2.59 -8.07 0.63
C LEU A 18 -2.33 -9.58 0.51
N LYS A 19 -1.80 -9.99 -0.63
CA LYS A 19 -1.50 -11.40 -0.87
C LYS A 19 -0.16 -11.79 -0.25
N VAL A 20 -0.21 -12.41 0.92
CA VAL A 20 1.01 -12.83 1.61
C VAL A 20 1.17 -14.35 1.55
N GLY A 21 2.26 -14.79 0.94
CA GLY A 21 2.52 -16.21 0.83
C GLY A 21 1.43 -16.95 0.08
N GLU A 22 0.57 -17.64 0.82
CA GLU A 22 -0.53 -18.39 0.23
C GLU A 22 -1.86 -17.98 0.86
N THR A 23 -1.96 -16.73 1.26
CA THR A 23 -3.18 -16.21 1.88
C THR A 23 -3.26 -14.69 1.74
N ILE A 24 -4.43 -14.14 2.06
CA ILE A 24 -4.64 -12.70 1.97
C ILE A 24 -4.85 -12.09 3.34
N GLU A 25 -4.61 -10.79 3.47
CA GLU A 25 -4.77 -10.10 4.73
C GLU A 25 -5.33 -8.70 4.52
N SER A 26 -6.52 -8.44 5.06
CA SER A 26 -7.16 -7.15 4.92
C SER A 26 -6.35 -6.05 5.62
N GLY A 27 -6.38 -4.85 5.05
CA GLY A 27 -5.64 -3.75 5.63
C GLY A 27 -6.16 -2.41 5.17
N THR A 28 -5.44 -1.35 5.53
CA THR A 28 -5.84 0.01 5.16
C THR A 28 -4.76 0.68 4.31
N VAL A 29 -5.15 1.68 3.52
CA VAL A 29 -4.22 2.39 2.66
C VAL A 29 -3.71 3.66 3.35
N ILE A 30 -2.47 4.00 3.08
CA ILE A 30 -1.86 5.20 3.67
C ILE A 30 -0.81 5.80 2.74
N PHE A 31 0.02 4.94 2.15
CA PHE A 31 1.08 5.39 1.24
C PHE A 31 1.01 4.64 -0.08
N CYS A 32 1.18 5.36 -1.18
CA CYS A 32 1.14 4.74 -2.51
C CYS A 32 2.02 5.52 -3.50
N ASP A 33 3.20 4.98 -3.79
CA ASP A 33 4.12 5.63 -4.71
C ASP A 33 5.36 4.76 -4.94
N VAL A 34 6.23 5.20 -5.83
CA VAL A 34 7.46 4.47 -6.14
C VAL A 34 8.47 4.61 -5.02
N LEU A 35 9.62 3.97 -5.19
CA LEU A 35 10.68 4.01 -4.19
C LEU A 35 12.00 4.47 -4.81
N PRO A 36 12.87 5.12 -4.03
CA PRO A 36 14.17 5.60 -4.52
C PRO A 36 14.97 4.50 -5.18
N GLY A 37 15.40 4.75 -6.41
CA GLY A 37 16.18 3.76 -7.15
C GLY A 37 15.38 2.52 -7.48
N LYS A 38 14.07 2.68 -7.62
CA LYS A 38 13.19 1.57 -7.94
C LYS A 38 11.99 2.04 -8.75
N GLU A 39 12.21 3.02 -9.63
CA GLU A 39 11.15 3.56 -10.46
C GLU A 39 10.82 2.61 -11.61
N SER A 40 11.76 1.74 -11.95
CA SER A 40 11.57 0.79 -13.04
C SER A 40 11.06 -0.55 -12.52
N LEU A 41 10.49 -0.54 -11.32
CA LEU A 41 9.95 -1.75 -10.72
C LEU A 41 8.43 -1.73 -10.67
N GLY A 42 7.88 -0.52 -10.53
CA GLY A 42 6.43 -0.38 -10.47
C GLY A 42 6.00 0.70 -9.52
N TYR A 43 5.14 0.34 -8.57
CA TYR A 43 4.64 1.28 -7.57
C TYR A 43 4.29 0.58 -6.27
N PHE A 44 5.19 0.66 -5.30
CA PHE A 44 4.97 0.02 -4.00
C PHE A 44 3.87 0.73 -3.23
N VAL A 45 3.33 0.06 -2.22
CA VAL A 45 2.26 0.62 -1.39
C VAL A 45 2.28 0.04 0.01
N GLY A 46 2.01 0.90 0.99
CA GLY A 46 2.01 0.45 2.38
C GLY A 46 0.60 0.23 2.91
N VAL A 47 0.24 -1.03 3.13
CA VAL A 47 -1.08 -1.36 3.64
C VAL A 47 -1.06 -1.58 5.14
N ASP A 48 -1.75 -0.70 5.87
CA ASP A 48 -1.80 -0.80 7.33
C ASP A 48 -2.81 -1.85 7.77
N MET A 49 -2.33 -3.07 8.00
CA MET A 49 -3.20 -4.16 8.43
C MET A 49 -3.83 -3.86 9.78
N ASP A 50 -4.97 -4.50 10.05
CA ASP A 50 -5.67 -4.30 11.30
C ASP A 50 -4.99 -5.06 12.45
N ASN A 51 -4.36 -6.18 12.11
CA ASN A 51 -3.67 -6.99 13.10
C ASN A 51 -2.16 -6.75 13.03
N PRO A 52 -1.45 -6.99 14.15
CA PRO A 52 0.00 -6.80 14.21
C PRO A 52 0.76 -7.83 13.38
N ILE A 53 0.80 -7.62 12.07
CA ILE A 53 1.49 -8.54 11.16
C ILE A 53 2.25 -7.77 10.08
N GLY A 54 2.70 -6.56 10.42
CA GLY A 54 3.44 -5.75 9.47
C GLY A 54 4.93 -5.77 9.72
N ASN A 55 5.66 -4.91 9.03
CA ASN A 55 7.10 -4.82 9.18
C ASN A 55 7.67 -3.67 8.36
N TRP A 56 6.96 -2.56 8.35
CA TRP A 56 7.40 -1.37 7.60
C TRP A 56 7.07 -0.10 8.36
N ASP A 57 8.10 0.64 8.76
CA ASP A 57 7.91 1.89 9.49
C ASP A 57 7.99 3.09 8.55
N GLY A 58 7.60 2.89 7.30
CA GLY A 58 7.63 3.97 6.33
C GLY A 58 9.02 4.55 6.16
N ARG A 59 10.00 3.68 5.94
CA ARG A 59 11.39 4.11 5.76
C ARG A 59 12.05 3.39 4.60
N PHE A 60 13.08 4.01 4.02
CA PHE A 60 13.79 3.41 2.90
C PHE A 60 15.30 3.61 3.05
N ASP A 61 15.96 2.65 3.68
CA ASP A 61 17.39 2.72 3.90
C ASP A 61 17.76 3.90 4.80
N GLY A 62 16.83 4.28 5.68
CA GLY A 62 17.08 5.39 6.58
C GLY A 62 16.13 6.56 6.35
N VAL A 63 15.83 6.83 5.09
CA VAL A 63 14.94 7.94 4.74
C VAL A 63 13.49 7.58 5.04
N GLN A 64 12.77 8.51 5.66
CA GLN A 64 11.37 8.29 6.01
C GLN A 64 10.46 8.79 4.89
N LEU A 65 9.56 7.92 4.43
CA LEU A 65 8.63 8.27 3.36
C LEU A 65 7.21 8.38 3.89
N CYS A 66 6.79 7.38 4.65
CA CYS A 66 5.46 7.35 5.22
C CYS A 66 5.49 7.69 6.72
N SER A 67 4.87 8.81 7.08
CA SER A 67 4.84 9.25 8.47
C SER A 67 3.78 8.47 9.25
N PHE A 68 2.74 8.03 8.56
CA PHE A 68 1.66 7.27 9.20
C PHE A 68 1.88 5.77 9.02
N ALA A 69 3.14 5.34 9.09
CA ALA A 69 3.47 3.93 8.94
C ALA A 69 4.32 3.44 10.10
N CYS A 70 4.01 2.24 10.59
CA CYS A 70 4.74 1.65 11.70
C CYS A 70 5.16 0.23 11.38
N VAL A 71 6.22 -0.24 12.04
CA VAL A 71 6.72 -1.58 11.83
C VAL A 71 5.93 -2.60 12.63
N GLU A 72 4.62 -2.66 12.39
CA GLU A 72 3.75 -3.58 13.09
C GLU A 72 2.31 -3.48 12.57
N SER A 73 2.18 -3.24 11.26
CA SER A 73 0.87 -3.12 10.63
C SER A 73 1.00 -2.80 9.16
N THR A 74 1.73 -1.73 8.86
CA THR A 74 1.94 -1.31 7.47
C THR A 74 2.97 -2.20 6.77
N ILE A 75 2.68 -2.56 5.53
CA ILE A 75 3.58 -3.41 4.75
C ILE A 75 3.75 -2.88 3.33
N LEU A 76 4.98 -2.56 2.96
CA LEU A 76 5.27 -2.04 1.63
C LEU A 76 5.39 -3.18 0.62
N LEU A 77 4.47 -3.21 -0.33
CA LEU A 77 4.46 -4.25 -1.36
C LEU A 77 3.96 -3.70 -2.69
N HIS A 78 3.92 -4.55 -3.70
CA HIS A 78 3.47 -4.16 -5.03
C HIS A 78 1.96 -4.06 -5.09
N ILE A 79 1.46 -3.01 -5.74
CA ILE A 79 0.02 -2.80 -5.87
C ILE A 79 -0.68 -4.07 -6.35
N ASN A 80 -0.09 -4.73 -7.33
CA ASN A 80 -0.65 -5.95 -7.87
C ASN A 80 -0.85 -6.99 -6.77
N ASP A 81 -0.05 -6.88 -5.71
CA ASP A 81 -0.14 -7.80 -4.59
C ASP A 81 -1.33 -7.44 -3.69
N ILE A 82 -1.74 -6.17 -3.74
CA ILE A 82 -2.86 -5.69 -2.93
C ILE A 82 -4.19 -6.19 -3.49
N ILE A 83 -5.16 -6.38 -2.60
CA ILE A 83 -6.48 -6.84 -3.01
C ILE A 83 -7.58 -6.05 -2.30
N PRO A 84 -8.13 -5.02 -2.98
CA PRO A 84 -9.19 -4.19 -2.41
C PRO A 84 -10.48 -4.97 -2.15
N GLU A 85 -11.46 -4.31 -1.55
CA GLU A 85 -12.74 -4.95 -1.25
C GLU A 85 -13.79 -4.59 -2.30
N SER A 86 -13.37 -4.54 -3.55
CA SER A 86 -14.28 -4.21 -4.64
C SER A 86 -13.71 -4.67 -5.98
N SER A 87 -12.92 -5.74 -5.95
CA SER A 87 -12.33 -6.28 -7.17
C SER A 87 -11.44 -5.24 -7.83
N GLY A 88 -10.99 -5.54 -9.06
CA GLY A 88 -10.15 -4.63 -9.79
C GLY A 88 -9.62 -5.23 -11.09
N PRO A 89 -10.33 -4.99 -12.21
CA PRO A 89 -9.92 -5.52 -13.52
C PRO A 89 -8.46 -5.20 -13.84
N SER A 90 -7.63 -6.24 -13.86
CA SER A 90 -6.22 -6.08 -14.14
C SER A 90 -5.86 -6.72 -15.48
N SER A 91 -5.48 -5.88 -16.44
CA SER A 91 -5.11 -6.37 -17.77
C SER A 91 -4.26 -5.33 -18.51
N GLY A 92 -2.96 -5.61 -18.62
CA GLY A 92 -2.07 -4.69 -19.30
C GLY A 92 -1.71 -5.17 -20.70
N GLY A 1 -0.73 25.50 -15.69
CA GLY A 1 -0.65 25.32 -17.17
C GLY A 1 -1.07 23.94 -17.62
N SER A 2 -0.47 22.92 -17.02
CA SER A 2 -0.78 21.54 -17.37
C SER A 2 -1.71 20.91 -16.33
N SER A 3 -2.30 19.78 -16.68
CA SER A 3 -3.21 19.08 -15.78
C SER A 3 -3.29 17.59 -16.12
N GLY A 4 -2.99 16.75 -15.13
CA GLY A 4 -3.03 15.32 -15.34
C GLY A 4 -1.65 14.72 -15.50
N SER A 5 -1.07 14.26 -14.40
CA SER A 5 0.27 13.66 -14.41
C SER A 5 0.46 12.75 -13.21
N SER A 6 0.51 13.34 -12.02
CA SER A 6 0.70 12.57 -10.79
C SER A 6 -0.61 11.95 -10.34
N GLY A 7 -0.56 11.20 -9.23
CA GLY A 7 -1.75 10.56 -8.71
C GLY A 7 -1.61 9.06 -8.63
N PRO A 8 -1.51 8.49 -7.42
CA PRO A 8 -1.38 7.03 -7.24
C PRO A 8 -2.64 6.29 -7.65
N PRO A 9 -2.50 5.01 -8.06
CA PRO A 9 -3.63 4.18 -8.49
C PRO A 9 -4.54 3.81 -7.33
N LEU A 10 -3.95 3.38 -6.21
CA LEU A 10 -4.72 3.00 -5.04
C LEU A 10 -5.15 4.23 -4.25
N GLU A 11 -6.43 4.28 -3.89
CA GLU A 11 -6.97 5.40 -3.13
C GLU A 11 -6.47 5.37 -1.69
N ILE A 12 -6.41 6.54 -1.07
CA ILE A 12 -5.96 6.65 0.31
C ILE A 12 -7.10 6.43 1.29
N ASN A 13 -6.77 5.90 2.47
CA ASN A 13 -7.77 5.65 3.50
C ASN A 13 -8.82 4.66 3.00
N SER A 14 -8.38 3.66 2.24
CA SER A 14 -9.27 2.65 1.69
C SER A 14 -8.96 1.27 2.27
N ARG A 15 -9.90 0.35 2.16
CA ARG A 15 -9.73 -1.00 2.68
C ARG A 15 -9.24 -1.94 1.58
N VAL A 16 -8.00 -2.41 1.72
CA VAL A 16 -7.42 -3.31 0.74
C VAL A 16 -6.65 -4.44 1.41
N SER A 17 -6.68 -5.62 0.80
CA SER A 17 -5.99 -6.78 1.34
C SER A 17 -4.62 -6.96 0.69
N LEU A 18 -3.89 -7.99 1.11
CA LEU A 18 -2.57 -8.27 0.56
C LEU A 18 -2.35 -9.78 0.43
N LYS A 19 -1.73 -10.18 -0.68
CA LYS A 19 -1.46 -11.59 -0.93
C LYS A 19 -0.22 -12.04 -0.17
N VAL A 20 -0.44 -12.60 1.02
CA VAL A 20 0.66 -13.08 1.86
C VAL A 20 0.76 -14.60 1.80
N GLY A 21 1.85 -15.09 1.21
CA GLY A 21 2.05 -16.53 1.10
C GLY A 21 0.92 -17.22 0.38
N GLU A 22 0.18 -18.07 1.09
CA GLU A 22 -0.93 -18.80 0.49
C GLU A 22 -2.26 -18.31 1.07
N THR A 23 -2.31 -17.04 1.44
CA THR A 23 -3.52 -16.45 2.00
C THR A 23 -3.51 -14.93 1.83
N ILE A 24 -4.64 -14.30 2.16
CA ILE A 24 -4.76 -12.85 2.04
C ILE A 24 -5.02 -12.21 3.40
N GLU A 25 -4.77 -10.91 3.49
CA GLU A 25 -4.96 -10.18 4.74
C GLU A 25 -5.50 -8.77 4.47
N SER A 26 -6.69 -8.49 4.97
CA SER A 26 -7.31 -7.18 4.78
C SER A 26 -6.55 -6.10 5.54
N GLY A 27 -6.46 -4.92 4.94
CA GLY A 27 -5.75 -3.82 5.57
C GLY A 27 -6.26 -2.47 5.11
N THR A 28 -5.53 -1.41 5.47
CA THR A 28 -5.92 -0.06 5.09
C THR A 28 -4.80 0.63 4.31
N VAL A 29 -5.17 1.58 3.47
CA VAL A 29 -4.21 2.32 2.66
C VAL A 29 -3.72 3.57 3.39
N ILE A 30 -2.48 3.97 3.09
CA ILE A 30 -1.90 5.15 3.72
C ILE A 30 -0.81 5.76 2.84
N PHE A 31 0.03 4.90 2.28
CA PHE A 31 1.12 5.36 1.41
C PHE A 31 1.09 4.64 0.07
N CYS A 32 0.99 5.42 -1.00
CA CYS A 32 0.94 4.86 -2.35
C CYS A 32 1.72 5.73 -3.33
N ASP A 33 2.87 5.25 -3.76
CA ASP A 33 3.71 5.99 -4.71
C ASP A 33 4.95 5.18 -5.09
N VAL A 34 5.86 5.81 -5.81
CA VAL A 34 7.08 5.15 -6.24
C VAL A 34 8.17 5.23 -5.18
N LEU A 35 9.20 4.41 -5.34
CA LEU A 35 10.30 4.38 -4.38
C LEU A 35 11.59 4.88 -5.03
N PRO A 36 12.51 5.44 -4.22
CA PRO A 36 13.79 5.96 -4.71
C PRO A 36 14.53 4.94 -5.57
N GLY A 37 14.87 5.33 -6.80
CA GLY A 37 15.58 4.45 -7.70
C GLY A 37 14.77 3.23 -8.07
N LYS A 38 13.45 3.39 -8.15
CA LYS A 38 12.56 2.30 -8.49
C LYS A 38 11.28 2.81 -9.14
N GLU A 39 11.41 3.91 -9.88
CA GLU A 39 10.26 4.51 -10.56
C GLU A 39 9.79 3.62 -11.71
N SER A 40 10.73 2.90 -12.31
CA SER A 40 10.41 2.01 -13.43
C SER A 40 9.80 0.70 -12.93
N LEU A 41 10.13 0.33 -11.69
CA LEU A 41 9.61 -0.90 -11.10
C LEU A 41 8.09 -0.92 -11.12
N GLY A 42 7.48 0.09 -10.52
CA GLY A 42 6.03 0.17 -10.48
C GLY A 42 5.53 1.21 -9.51
N TYR A 43 4.77 0.78 -8.52
CA TYR A 43 4.22 1.69 -7.51
C TYR A 43 3.99 0.97 -6.20
N PHE A 44 4.93 1.10 -5.27
CA PHE A 44 4.82 0.46 -3.96
C PHE A 44 3.70 1.09 -3.15
N VAL A 45 3.17 0.33 -2.20
CA VAL A 45 2.09 0.83 -1.36
C VAL A 45 2.15 0.21 0.05
N GLY A 46 1.99 1.05 1.06
CA GLY A 46 2.02 0.57 2.43
C GLY A 46 0.64 0.34 3.00
N VAL A 47 0.30 -0.92 3.25
CA VAL A 47 -1.01 -1.27 3.80
C VAL A 47 -0.94 -1.45 5.31
N ASP A 48 -1.82 -0.75 6.02
CA ASP A 48 -1.87 -0.84 7.48
C ASP A 48 -2.85 -1.91 7.92
N MET A 49 -2.33 -3.11 8.20
CA MET A 49 -3.16 -4.23 8.63
C MET A 49 -3.81 -3.93 9.97
N ASP A 50 -4.83 -4.72 10.30
CA ASP A 50 -5.54 -4.55 11.56
C ASP A 50 -4.78 -5.22 12.71
N ASN A 51 -4.07 -6.29 12.40
CA ASN A 51 -3.30 -7.03 13.39
C ASN A 51 -1.80 -6.76 13.22
N PRO A 52 -1.01 -6.98 14.28
CA PRO A 52 0.44 -6.75 14.25
C PRO A 52 1.16 -7.79 13.39
N ILE A 53 1.13 -7.60 12.07
CA ILE A 53 1.79 -8.51 11.15
C ILE A 53 2.52 -7.76 10.05
N GLY A 54 2.96 -6.55 10.36
CA GLY A 54 3.68 -5.76 9.39
C GLY A 54 5.18 -5.99 9.43
N ASN A 55 5.93 -5.11 8.79
CA ASN A 55 7.38 -5.22 8.75
C ASN A 55 8.01 -4.04 8.01
N TRP A 56 7.43 -2.86 8.20
CA TRP A 56 7.93 -1.66 7.54
C TRP A 56 7.73 -0.44 8.43
N ASP A 57 8.82 0.25 8.74
CA ASP A 57 8.77 1.44 9.58
C ASP A 57 8.76 2.71 8.74
N GLY A 58 8.25 2.60 7.51
CA GLY A 58 8.19 3.75 6.63
C GLY A 58 9.55 4.38 6.40
N ARG A 59 10.42 3.66 5.71
CA ARG A 59 11.76 4.16 5.42
C ARG A 59 12.36 3.48 4.19
N PHE A 60 13.40 4.07 3.64
CA PHE A 60 14.06 3.51 2.46
C PHE A 60 15.58 3.52 2.63
N ASP A 61 16.12 2.44 3.18
CA ASP A 61 17.55 2.31 3.40
C ASP A 61 18.05 3.39 4.35
N GLY A 62 17.17 3.87 5.23
CA GLY A 62 17.55 4.90 6.18
C GLY A 62 16.57 6.06 6.21
N VAL A 63 16.43 6.74 5.06
CA VAL A 63 15.53 7.87 4.97
C VAL A 63 14.08 7.46 5.25
N GLN A 64 13.27 8.43 5.68
CA GLN A 64 11.87 8.17 5.98
C GLN A 64 10.97 8.65 4.86
N LEU A 65 10.02 7.82 4.46
CA LEU A 65 9.09 8.16 3.39
C LEU A 65 7.66 8.28 3.92
N CYS A 66 7.31 7.39 4.84
CA CYS A 66 5.97 7.40 5.43
C CYS A 66 6.05 7.48 6.95
N SER A 67 5.81 8.68 7.48
CA SER A 67 5.85 8.89 8.93
C SER A 67 4.71 8.15 9.61
N PHE A 68 3.56 8.11 8.95
CA PHE A 68 2.39 7.44 9.50
C PHE A 68 2.62 5.94 9.61
N ALA A 69 3.49 5.42 8.76
CA ALA A 69 3.81 3.99 8.76
C ALA A 69 4.42 3.57 10.09
N CYS A 70 4.66 2.27 10.24
CA CYS A 70 5.23 1.74 11.46
C CYS A 70 5.50 0.24 11.33
N VAL A 71 6.70 -0.18 11.71
CA VAL A 71 7.09 -1.58 11.63
C VAL A 71 6.25 -2.43 12.59
N GLU A 72 5.03 -2.74 12.19
CA GLU A 72 4.12 -3.54 13.00
C GLU A 72 2.85 -3.89 12.24
N SER A 73 2.34 -2.92 11.48
CA SER A 73 1.12 -3.14 10.70
C SER A 73 1.33 -2.73 9.24
N THR A 74 1.88 -1.54 9.03
CA THR A 74 2.13 -1.03 7.68
C THR A 74 3.06 -1.97 6.92
N ILE A 75 2.66 -2.33 5.70
CA ILE A 75 3.45 -3.20 4.86
C ILE A 75 3.58 -2.64 3.44
N LEU A 76 4.80 -2.21 3.09
CA LEU A 76 5.05 -1.66 1.77
C LEU A 76 5.28 -2.76 0.75
N LEU A 77 4.32 -2.92 -0.16
CA LEU A 77 4.42 -3.96 -1.19
C LEU A 77 3.84 -3.46 -2.51
N HIS A 78 4.14 -4.17 -3.59
CA HIS A 78 3.66 -3.81 -4.92
C HIS A 78 2.14 -3.90 -4.99
N ILE A 79 1.52 -2.91 -5.62
CA ILE A 79 0.07 -2.87 -5.76
C ILE A 79 -0.46 -4.21 -6.26
N ASN A 80 0.32 -4.87 -7.11
CA ASN A 80 -0.06 -6.16 -7.66
C ASN A 80 -0.27 -7.17 -6.54
N ASP A 81 0.42 -6.96 -5.43
CA ASP A 81 0.30 -7.85 -4.28
C ASP A 81 -0.94 -7.52 -3.46
N ILE A 82 -1.42 -6.28 -3.58
CA ILE A 82 -2.61 -5.84 -2.86
C ILE A 82 -3.87 -6.43 -3.48
N ILE A 83 -4.91 -6.60 -2.66
CA ILE A 83 -6.18 -7.15 -3.13
C ILE A 83 -7.35 -6.38 -2.53
N PRO A 84 -7.80 -5.31 -3.21
CA PRO A 84 -8.92 -4.50 -2.73
C PRO A 84 -10.24 -5.26 -2.74
N GLU A 85 -11.26 -4.68 -2.14
CA GLU A 85 -12.58 -5.29 -2.07
C GLU A 85 -13.69 -4.25 -2.21
N SER A 86 -14.21 -4.12 -3.42
CA SER A 86 -15.27 -3.16 -3.68
C SER A 86 -16.22 -3.68 -4.75
N SER A 87 -17.47 -3.22 -4.69
CA SER A 87 -18.48 -3.64 -5.67
C SER A 87 -19.52 -2.54 -5.88
N GLY A 88 -19.67 -2.11 -7.13
CA GLY A 88 -20.62 -1.07 -7.45
C GLY A 88 -21.56 -1.47 -8.57
N PRO A 89 -21.19 -1.20 -9.83
CA PRO A 89 -22.01 -1.55 -10.99
C PRO A 89 -22.44 -3.01 -10.99
N SER A 90 -21.60 -3.86 -10.41
CA SER A 90 -21.89 -5.30 -10.34
C SER A 90 -22.67 -5.63 -9.07
N SER A 91 -23.68 -6.49 -9.21
CA SER A 91 -24.49 -6.89 -8.07
C SER A 91 -24.15 -8.31 -7.62
N GLY A 92 -24.90 -8.80 -6.65
CA GLY A 92 -24.66 -10.15 -6.14
C GLY A 92 -24.17 -10.16 -4.71
#